data_7UID
# 
_entry.id   7UID 
# 
_audit_conform.dict_name       mmcif_pdbx.dic 
_audit_conform.dict_version    5.404 
_audit_conform.dict_location   http://mmcif.pdb.org/dictionaries/ascii/mmcif_pdbx.dic 
# 
loop_
_database_2.database_id 
_database_2.database_code 
_database_2.pdbx_database_accession 
_database_2.pdbx_DOI 
PDB   7UID         pdb_00007uid 10.2210/pdb7uid/pdb 
WWPDB D_1000264223 ?            ?                   
# 
loop_
_pdbx_audit_revision_history.ordinal 
_pdbx_audit_revision_history.data_content_type 
_pdbx_audit_revision_history.major_revision 
_pdbx_audit_revision_history.minor_revision 
_pdbx_audit_revision_history.revision_date 
_pdbx_audit_revision_history.part_number 
1 'Structure model' 1 0 2023-04-05 ? 
2 'Structure model' 1 1 2023-08-09 ? 
3 'Structure model' 2 0 2023-11-15 ? 
4 'Structure model' 2 1 2024-10-23 ? 
5 'Structure model' 3 0 2025-07-02 ? 
# 
_pdbx_audit_revision_details.ordinal             1 
_pdbx_audit_revision_details.revision_ordinal    1 
_pdbx_audit_revision_details.data_content_type   'Structure model' 
_pdbx_audit_revision_details.provider            repository 
_pdbx_audit_revision_details.type                'Initial release' 
_pdbx_audit_revision_details.description         ? 
_pdbx_audit_revision_details.details             ? 
# 
loop_
_pdbx_audit_revision_group.ordinal 
_pdbx_audit_revision_group.revision_ordinal 
_pdbx_audit_revision_group.data_content_type 
_pdbx_audit_revision_group.group 
1 2 'Structure model' 'Database references'  
2 3 'Structure model' 'Atomic model'         
3 3 'Structure model' 'Data collection'      
4 3 'Structure model' 'Derived calculations' 
5 4 'Structure model' 'Structure summary'    
6 5 'Structure model' 'Polymer sequence'     
# 
loop_
_pdbx_audit_revision_category.ordinal 
_pdbx_audit_revision_category.revision_ordinal 
_pdbx_audit_revision_category.data_content_type 
_pdbx_audit_revision_category.category 
1  2 'Structure model' citation                       
2  2 'Structure model' citation_author                
3  3 'Structure model' atom_site                      
4  3 'Structure model' chem_comp_atom                 
5  3 'Structure model' chem_comp_bond                 
6  3 'Structure model' pdbx_validate_main_chain_plane 
7  3 'Structure model' pdbx_validate_peptide_omega    
8  3 'Structure model' pdbx_validate_rmsd_angle       
9  3 'Structure model' struct_conn                    
10 4 'Structure model' pdbx_entry_details             
11 4 'Structure model' pdbx_modification_feature      
12 5 'Structure model' entity_poly                    
# 
loop_
_pdbx_audit_revision_item.ordinal 
_pdbx_audit_revision_item.revision_ordinal 
_pdbx_audit_revision_item.data_content_type 
_pdbx_audit_revision_item.item 
1  2 'Structure model' '_citation.country'                            
2  2 'Structure model' '_citation.journal_abbrev'                     
3  2 'Structure model' '_citation.journal_id_CSD'                     
4  2 'Structure model' '_citation.journal_id_ISSN'                    
5  2 'Structure model' '_citation.journal_volume'                     
6  2 'Structure model' '_citation.page_first'                         
7  2 'Structure model' '_citation.page_last'                          
8  2 'Structure model' '_citation.pdbx_database_id_DOI'               
9  2 'Structure model' '_citation.pdbx_database_id_PubMed'            
10 2 'Structure model' '_citation.title'                              
11 2 'Structure model' '_citation.year'                               
12 2 'Structure model' '_citation_author.identifier_ORCID'            
13 2 'Structure model' '_citation_author.name'                        
14 3 'Structure model' '_atom_site.auth_atom_id'                      
15 3 'Structure model' '_atom_site.label_atom_id'                     
16 3 'Structure model' '_struct_conn.pdbx_leaving_atom_flag'          
17 3 'Structure model' '_struct_conn.ptnr1_label_atom_id'             
18 3 'Structure model' '_struct_conn.ptnr2_label_atom_id'             
19 4 'Structure model' '_pdbx_entry_details.has_protein_modification' 
20 5 'Structure model' '_entity_poly.type'                            
# 
_pdbx_database_status.status_code                     REL 
_pdbx_database_status.status_code_sf                  REL 
_pdbx_database_status.status_code_mr                  ? 
_pdbx_database_status.entry_id                        7UID 
_pdbx_database_status.recvd_initial_deposition_date   2022-03-29 
_pdbx_database_status.SG_entry                        N 
_pdbx_database_status.deposit_site                    RCSB 
_pdbx_database_status.process_site                    RCSB 
_pdbx_database_status.status_code_cs                  ? 
_pdbx_database_status.status_code_nmr_data            ? 
_pdbx_database_status.methods_development_category    ? 
_pdbx_database_status.pdb_format_compatible           Y 
# 
_pdbx_contact_author.id                 2 
_pdbx_contact_author.email              appellad@niddk.nih.gov 
_pdbx_contact_author.name_first         Daniel 
_pdbx_contact_author.name_last          Appella 
_pdbx_contact_author.name_mi            H 
_pdbx_contact_author.role               'principal investigator/group leader' 
_pdbx_contact_author.identifier_ORCID   0000-0001-7195-7764 
# 
loop_
_audit_author.name 
_audit_author.pdbx_ordinal 
_audit_author.identifier_ORCID 
'Botos, I.'     1 ? 
'Appella, D.H.' 2 ? 
# 
_citation.abstract                  ? 
_citation.abstract_id_CAS           ? 
_citation.book_id_ISBN              ? 
_citation.book_publisher            ? 
_citation.book_publisher_city       ? 
_citation.book_title                ? 
_citation.coordinate_linkage        ? 
_citation.country                   US 
_citation.database_id_Medline       ? 
_citation.details                   ? 
_citation.id                        primary 
_citation.journal_abbrev            'Jacs Au' 
_citation.journal_id_ASTM           ? 
_citation.journal_id_CSD            ? 
_citation.journal_id_ISSN           2691-3704 
_citation.journal_full              ? 
_citation.journal_issue             ? 
_citation.journal_volume            3 
_citation.language                  ? 
_citation.page_first                1952 
_citation.page_last                 1964 
_citation.title                     
'Variation of Tetrahydrofurans in Thyclotides Enhances Oligonucleotide Binding and Cellular Uptake of Peptide Nucleic Acids.' 
_citation.year                      2023 
_citation.database_id_CSD           ? 
_citation.pdbx_database_id_DOI      10.1021/jacsau.3c00198 
_citation.pdbx_database_id_PubMed   37502163 
_citation.pdbx_database_id_patent   ? 
_citation.unpublished_flag          ? 
# 
loop_
_citation_author.citation_id 
_citation_author.name 
_citation_author.ordinal 
_citation_author.identifier_ORCID 
primary 'Zheng, H.'       1 ?                   
primary 'Clausse, V.'     2 ?                   
primary 'Amarasekara, H.' 3 ?                   
primary 'Mazur, S.J.'     4 0000-0002-6378-0791 
primary 'Botos, I.'       5 ?                   
primary 'Appella, D.H.'   6 0000-0001-7195-7764 
# 
loop_
_entity.id 
_entity.type 
_entity.src_method 
_entity.pdbx_description 
_entity.formula_weight 
_entity.pdbx_number_of_molecules 
_entity.pdbx_ec 
_entity.pdbx_mutation 
_entity.pdbx_fragment 
_entity.details 
1 polymer     syn 
;DNA (5'-D(*GP*AP*TP*GP*TP*GP*AP*TP*A)-3')
;
2794.859 2   ? ? ? ? 
2 polymer     syn Thyclotide                                  3030.674 2   ? ? ? ? 
3 non-polymer syn 'ZINC ION'                                  65.409   6   ? ? ? ? 
4 non-polymer syn 'CHLORIDE ION'                              35.453   2   ? ? ? ? 
5 water       nat water                                       18.015   156 ? ? ? ? 
# 
loop_
_entity_poly.entity_id 
_entity_poly.type 
_entity_poly.nstd_linkage 
_entity_poly.nstd_monomer 
_entity_poly.pdbx_seq_one_letter_code 
_entity_poly.pdbx_seq_one_letter_code_can 
_entity_poly.pdbx_strand_id 
_entity_poly.pdbx_target_identifier 
1 polydeoxyribonucleotide no no  '(DG)(DA)(DT)(DG)(DT)(DG)(DA)(DT)(DA)'               GATGTGATA  A,C ? 
2 'peptide nucleic acid'  no yes '(NSF)(NR0)(NSU)(NRL)(NR0)(NRL)(NR0)(NSU)(NRL)(XDV)' XXXXXXXXXX B,D ? 
# 
loop_
_pdbx_entity_nonpoly.entity_id 
_pdbx_entity_nonpoly.name 
_pdbx_entity_nonpoly.comp_id 
3 'ZINC ION'     ZN  
4 'CHLORIDE ION' CL  
5 water          HOH 
# 
loop_
_entity_poly_seq.entity_id 
_entity_poly_seq.num 
_entity_poly_seq.mon_id 
_entity_poly_seq.hetero 
1 1  DG  n 
1 2  DA  n 
1 3  DT  n 
1 4  DG  n 
1 5  DT  n 
1 6  DG  n 
1 7  DA  n 
1 8  DT  n 
1 9  DA  n 
2 1  NSF n 
2 2  NR0 n 
2 3  NSU n 
2 4  NRL n 
2 5  NR0 n 
2 6  NRL n 
2 7  NR0 n 
2 8  NSU n 
2 9  NRL n 
2 10 XDV n 
# 
loop_
_pdbx_entity_src_syn.entity_id 
_pdbx_entity_src_syn.pdbx_src_id 
_pdbx_entity_src_syn.pdbx_alt_source_flag 
_pdbx_entity_src_syn.pdbx_beg_seq_num 
_pdbx_entity_src_syn.pdbx_end_seq_num 
_pdbx_entity_src_syn.organism_scientific 
_pdbx_entity_src_syn.organism_common_name 
_pdbx_entity_src_syn.ncbi_taxonomy_id 
_pdbx_entity_src_syn.details 
1 1 sample 1 9 'synthetic construct' ? 32630 ? 
2 1 sample ? ? 'synthetic construct' ? 32630 ? 
# 
loop_
_chem_comp.id 
_chem_comp.type 
_chem_comp.mon_nstd_flag 
_chem_comp.name 
_chem_comp.pdbx_synonyms 
_chem_comp.formula 
_chem_comp.formula_weight 
CL  non-polymer   . 'CHLORIDE ION'                                                                                       ? 'Cl -1' 
35.453  
DA  'DNA linking' y "2'-DEOXYADENOSINE-5'-MONOPHOSPHATE"                                                                 ? 
'C10 H14 N5 O6 P' 331.222 
DG  'DNA linking' y "2'-DEOXYGUANOSINE-5'-MONOPHOSPHATE"                                                                 ? 
'C10 H14 N5 O7 P' 347.221 
DT  'DNA linking' y "THYMIDINE-5'-MONOPHOSPHATE"                                                                         ? 
'C10 H15 N2 O8 P' 322.208 
HOH non-polymer   . WATER                                                                                                ? 'H2 O' 
18.015  
NR0 peptide-like  . 'N-[(3R,4R)-4-aminooxolan-3-yl]-2-(6-amino-9H-purin-9-yl)-N-(2-oxoethyl)acetamide'                   ? 
'C13 H17 N7 O4'   335.319 
NRL peptide-like  . 'N-[(3R,4R)-4-aminooxolan-3-yl]-N-[(4-amino-2-oxopyrimidin-1(2H)-yl)acetyl]glycine'                  ? 
'C12 H17 N5 O5'   311.294 
NSF peptide-like  . 'N-[(3R,4R)-4-aminooxolan-3-yl]-N-[(5-iodo-2,4-dioxo-3,4-dihydropyrimidin-1(2H)-yl)acetyl]glycine'   ? 
'C12 H15 I N4 O6' 438.175 
NSU peptide-like  . 'N-[(3R,4R)-4-aminooxolan-3-yl]-N-[(5-methyl-2,4-dioxo-3,4-dihydropyrimidin-1(2H)-yl)acetyl]glycine' ? 
'C13 H18 N4 O6'   326.305 
XDV non-polymer   . '2-[2-(2-aminoethoxy)ethoxy]acetamide'                                                               ? 
'C6 H14 N2 O3'    162.187 
ZN  non-polymer   . 'ZINC ION'                                                                                           ? 'Zn 2' 
65.409  
# 
loop_
_pdbx_poly_seq_scheme.asym_id 
_pdbx_poly_seq_scheme.entity_id 
_pdbx_poly_seq_scheme.seq_id 
_pdbx_poly_seq_scheme.mon_id 
_pdbx_poly_seq_scheme.ndb_seq_num 
_pdbx_poly_seq_scheme.pdb_seq_num 
_pdbx_poly_seq_scheme.auth_seq_num 
_pdbx_poly_seq_scheme.pdb_mon_id 
_pdbx_poly_seq_scheme.auth_mon_id 
_pdbx_poly_seq_scheme.pdb_strand_id 
_pdbx_poly_seq_scheme.pdb_ins_code 
_pdbx_poly_seq_scheme.hetero 
A 1 1  DG  1  1  1  DG  DG  A . n 
A 1 2  DA  2  2  2  DA  DA  A . n 
A 1 3  DT  3  3  3  DT  DT  A . n 
A 1 4  DG  4  4  4  DG  DG  A . n 
A 1 5  DT  5  5  5  DT  DT  A . n 
A 1 6  DG  6  6  6  DG  DG  A . n 
A 1 7  DA  7  7  7  DA  DA  A . n 
A 1 8  DT  8  8  8  DT  DT  A . n 
A 1 9  DA  9  9  9  DA  DA  A . n 
B 1 1  DG  1  1  1  DG  DG  C . n 
B 1 2  DA  2  2  2  DA  DA  C . n 
B 1 3  DT  3  3  3  DT  DT  C . n 
B 1 4  DG  4  4  4  DG  DG  C . n 
B 1 5  DT  5  5  5  DT  DT  C . n 
B 1 6  DG  6  6  6  DG  DG  C . n 
B 1 7  DA  7  7  7  DA  DA  C . n 
B 1 8  DT  8  8  8  DT  DT  C . n 
B 1 9  DA  9  9  9  DA  DA  C . n 
C 2 1  NSF 1  1  1  NSF TI8 B . n 
C 2 2  NR0 2  2  2  NR0 AP8 B . n 
C 2 3  NSU 3  3  3  NSU TP8 B . n 
C 2 4  NRL 4  4  4  NRL CP8 B . n 
C 2 5  NR0 5  5  5  NR0 AP8 B . n 
C 2 6  NRL 6  6  6  NRL CP8 B . n 
C 2 7  NR0 7  7  7  NR0 AP8 B . n 
C 2 8  NSU 8  8  8  NSU TP8 B . n 
C 2 9  NRL 9  9  9  NRL CP8 B . n 
C 2 10 XDV 10 10 10 XDV MP9 B . n 
D 2 1  NSF 1  1  1  NSF TI8 D . n 
D 2 2  NR0 2  2  2  NR0 AP8 D . n 
D 2 3  NSU 3  3  3  NSU TP8 D . n 
D 2 4  NRL 4  4  4  NRL CP8 D . n 
D 2 5  NR0 5  5  5  NR0 AP8 D . n 
D 2 6  NRL 6  6  6  NRL CP8 D . n 
D 2 7  NR0 7  7  7  NR0 AP8 D . n 
D 2 8  NSU 8  8  8  NSU TP8 D . n 
D 2 9  NRL 9  9  9  NRL CP8 D . n 
D 2 10 XDV 10 10 10 XDV MP9 D . n 
# 
loop_
_pdbx_nonpoly_scheme.asym_id 
_pdbx_nonpoly_scheme.entity_id 
_pdbx_nonpoly_scheme.mon_id 
_pdbx_nonpoly_scheme.ndb_seq_num 
_pdbx_nonpoly_scheme.pdb_seq_num 
_pdbx_nonpoly_scheme.auth_seq_num 
_pdbx_nonpoly_scheme.pdb_mon_id 
_pdbx_nonpoly_scheme.auth_mon_id 
_pdbx_nonpoly_scheme.pdb_strand_id 
_pdbx_nonpoly_scheme.pdb_ins_code 
E 3 ZN  1  101 1   ZN  ZN  A . 
F 3 ZN  1  102 5   ZN  ZN  A . 
G 3 ZN  1  103 4   ZN  ZN  A . 
H 3 ZN  1  101 2   ZN  ZN  C . 
I 3 ZN  1  102 3   ZN  ZN  C . 
J 3 ZN  1  103 6   ZN  ZN  C . 
K 4 CL  1  101 8   CL  CL  B . 
L 4 CL  1  101 7   CL  CL  D . 
M 5 HOH 1  201 119 HOH HOH A . 
M 5 HOH 2  202 148 HOH HOH A . 
M 5 HOH 3  203 71  HOH HOH A . 
M 5 HOH 4  204 25  HOH HOH A . 
M 5 HOH 5  205 51  HOH HOH A . 
M 5 HOH 6  206 24  HOH HOH A . 
M 5 HOH 7  207 48  HOH HOH A . 
M 5 HOH 8  208 11  HOH HOH A . 
M 5 HOH 9  209 5   HOH HOH A . 
M 5 HOH 10 210 136 HOH HOH A . 
M 5 HOH 11 211 127 HOH HOH A . 
M 5 HOH 12 212 29  HOH HOH A . 
M 5 HOH 13 213 146 HOH HOH A . 
M 5 HOH 14 214 40  HOH HOH A . 
M 5 HOH 15 215 105 HOH HOH A . 
M 5 HOH 16 216 26  HOH HOH A . 
M 5 HOH 17 217 45  HOH HOH A . 
M 5 HOH 18 218 6   HOH HOH A . 
M 5 HOH 19 219 61  HOH HOH A . 
M 5 HOH 20 220 114 HOH HOH A . 
M 5 HOH 21 221 155 HOH HOH A . 
M 5 HOH 22 222 55  HOH HOH A . 
M 5 HOH 23 223 109 HOH HOH A . 
M 5 HOH 24 224 120 HOH HOH A . 
M 5 HOH 25 225 3   HOH HOH A . 
M 5 HOH 26 226 89  HOH HOH A . 
M 5 HOH 27 227 137 HOH HOH A . 
M 5 HOH 28 228 134 HOH HOH A . 
M 5 HOH 29 229 97  HOH HOH A . 
M 5 HOH 30 230 156 HOH HOH A . 
M 5 HOH 31 231 140 HOH HOH A . 
M 5 HOH 32 232 84  HOH HOH A . 
M 5 HOH 33 233 80  HOH HOH A . 
M 5 HOH 34 234 131 HOH HOH A . 
M 5 HOH 35 235 122 HOH HOH A . 
M 5 HOH 36 236 153 HOH HOH A . 
M 5 HOH 37 237 76  HOH HOH A . 
M 5 HOH 38 238 14  HOH HOH A . 
M 5 HOH 39 239 132 HOH HOH A . 
M 5 HOH 40 240 88  HOH HOH A . 
M 5 HOH 41 241 22  HOH HOH A . 
M 5 HOH 42 242 16  HOH HOH A . 
M 5 HOH 43 243 78  HOH HOH A . 
M 5 HOH 44 244 93  HOH HOH A . 
N 5 HOH 1  201 138 HOH HOH C . 
N 5 HOH 2  202 83  HOH HOH C . 
N 5 HOH 3  203 106 HOH HOH C . 
N 5 HOH 4  204 121 HOH HOH C . 
N 5 HOH 5  205 91  HOH HOH C . 
N 5 HOH 6  206 2   HOH HOH C . 
N 5 HOH 7  207 12  HOH HOH C . 
N 5 HOH 8  208 57  HOH HOH C . 
N 5 HOH 9  209 86  HOH HOH C . 
N 5 HOH 10 210 65  HOH HOH C . 
N 5 HOH 11 211 77  HOH HOH C . 
N 5 HOH 12 212 53  HOH HOH C . 
N 5 HOH 13 213 99  HOH HOH C . 
N 5 HOH 14 214 18  HOH HOH C . 
N 5 HOH 15 215 31  HOH HOH C . 
N 5 HOH 16 216 101 HOH HOH C . 
N 5 HOH 17 217 145 HOH HOH C . 
N 5 HOH 18 218 58  HOH HOH C . 
N 5 HOH 19 219 10  HOH HOH C . 
N 5 HOH 20 220 21  HOH HOH C . 
N 5 HOH 21 221 149 HOH HOH C . 
N 5 HOH 22 222 38  HOH HOH C . 
N 5 HOH 23 223 54  HOH HOH C . 
N 5 HOH 24 224 72  HOH HOH C . 
N 5 HOH 25 225 27  HOH HOH C . 
N 5 HOH 26 226 123 HOH HOH C . 
N 5 HOH 27 227 144 HOH HOH C . 
N 5 HOH 28 228 66  HOH HOH C . 
N 5 HOH 29 229 130 HOH HOH C . 
N 5 HOH 30 230 102 HOH HOH C . 
N 5 HOH 31 231 37  HOH HOH C . 
N 5 HOH 32 232 81  HOH HOH C . 
N 5 HOH 33 233 133 HOH HOH C . 
N 5 HOH 34 234 100 HOH HOH C . 
N 5 HOH 35 235 34  HOH HOH C . 
O 5 HOH 1  201 125 HOH HOH B . 
O 5 HOH 2  202 90  HOH HOH B . 
O 5 HOH 3  203 79  HOH HOH B . 
O 5 HOH 4  204 56  HOH HOH B . 
O 5 HOH 5  205 64  HOH HOH B . 
O 5 HOH 6  206 141 HOH HOH B . 
O 5 HOH 7  207 50  HOH HOH B . 
O 5 HOH 8  208 15  HOH HOH B . 
O 5 HOH 9  209 85  HOH HOH B . 
O 5 HOH 10 210 7   HOH HOH B . 
O 5 HOH 11 211 62  HOH HOH B . 
O 5 HOH 12 212 36  HOH HOH B . 
O 5 HOH 13 213 115 HOH HOH B . 
O 5 HOH 14 214 9   HOH HOH B . 
O 5 HOH 15 215 60  HOH HOH B . 
O 5 HOH 16 216 49  HOH HOH B . 
O 5 HOH 17 217 43  HOH HOH B . 
O 5 HOH 18 218 46  HOH HOH B . 
O 5 HOH 19 219 75  HOH HOH B . 
O 5 HOH 20 220 17  HOH HOH B . 
O 5 HOH 21 221 35  HOH HOH B . 
O 5 HOH 22 222 112 HOH HOH B . 
O 5 HOH 23 223 87  HOH HOH B . 
O 5 HOH 24 224 47  HOH HOH B . 
O 5 HOH 25 225 129 HOH HOH B . 
O 5 HOH 26 226 4   HOH HOH B . 
O 5 HOH 27 227 104 HOH HOH B . 
O 5 HOH 28 228 98  HOH HOH B . 
O 5 HOH 29 229 23  HOH HOH B . 
O 5 HOH 30 230 128 HOH HOH B . 
O 5 HOH 31 231 152 HOH HOH B . 
O 5 HOH 32 232 20  HOH HOH B . 
O 5 HOH 33 233 135 HOH HOH B . 
O 5 HOH 34 234 92  HOH HOH B . 
O 5 HOH 35 235 19  HOH HOH B . 
O 5 HOH 36 236 70  HOH HOH B . 
O 5 HOH 37 237 94  HOH HOH B . 
O 5 HOH 38 238 96  HOH HOH B . 
O 5 HOH 39 239 28  HOH HOH B . 
O 5 HOH 40 240 33  HOH HOH B . 
O 5 HOH 41 241 142 HOH HOH B . 
O 5 HOH 42 242 82  HOH HOH B . 
O 5 HOH 43 243 117 HOH HOH B . 
P 5 HOH 1  201 74  HOH HOH D . 
P 5 HOH 2  202 1   HOH HOH D . 
P 5 HOH 3  203 69  HOH HOH D . 
P 5 HOH 4  204 116 HOH HOH D . 
P 5 HOH 5  205 39  HOH HOH D . 
P 5 HOH 6  206 13  HOH HOH D . 
P 5 HOH 7  207 73  HOH HOH D . 
P 5 HOH 8  208 42  HOH HOH D . 
P 5 HOH 9  209 108 HOH HOH D . 
P 5 HOH 10 210 150 HOH HOH D . 
P 5 HOH 11 211 107 HOH HOH D . 
P 5 HOH 12 212 41  HOH HOH D . 
P 5 HOH 13 213 30  HOH HOH D . 
P 5 HOH 14 214 8   HOH HOH D . 
P 5 HOH 15 215 63  HOH HOH D . 
P 5 HOH 16 216 44  HOH HOH D . 
P 5 HOH 17 217 32  HOH HOH D . 
P 5 HOH 18 218 154 HOH HOH D . 
P 5 HOH 19 219 110 HOH HOH D . 
P 5 HOH 20 220 59  HOH HOH D . 
P 5 HOH 21 221 52  HOH HOH D . 
P 5 HOH 22 222 68  HOH HOH D . 
P 5 HOH 23 223 113 HOH HOH D . 
P 5 HOH 24 224 111 HOH HOH D . 
P 5 HOH 25 225 103 HOH HOH D . 
P 5 HOH 26 226 67  HOH HOH D . 
P 5 HOH 27 227 126 HOH HOH D . 
P 5 HOH 28 228 124 HOH HOH D . 
P 5 HOH 29 229 147 HOH HOH D . 
P 5 HOH 30 230 139 HOH HOH D . 
P 5 HOH 31 231 151 HOH HOH D . 
P 5 HOH 32 232 118 HOH HOH D . 
P 5 HOH 33 233 143 HOH HOH D . 
P 5 HOH 34 234 95  HOH HOH D . 
# 
loop_
_software.citation_id 
_software.classification 
_software.compiler_name 
_software.compiler_version 
_software.contact_author 
_software.contact_author_email 
_software.date 
_software.description 
_software.dependencies 
_software.hardware 
_software.language 
_software.location 
_software.mods 
_software.name 
_software.os 
_software.os_version 
_software.type 
_software.version 
_software.pdbx_ordinal 
? refinement       ? ? ? ? ? ? ? ? ? ? ? BUSTER  ? ? ? 2.10.4 1 
? 'data reduction' ? ? ? ? ? ? ? ? ? ? ? XDS     ? ? ? 2021   2 
? 'data scaling'   ? ? ? ? ? ? ? ? ? ? ? XDS     ? ? ? 2021   3 
? phasing          ? ? ? ? ? ? ? ? ? ? ? AutoSol ? ? ? 1.19   4 
# 
_cell.angle_alpha                  90 
_cell.angle_alpha_esd              ? 
_cell.angle_beta                   90 
_cell.angle_beta_esd               ? 
_cell.angle_gamma                  90 
_cell.angle_gamma_esd              ? 
_cell.entry_id                     7UID 
_cell.details                      ? 
_cell.formula_units_Z              ? 
_cell.length_a                     54.286 
_cell.length_a_esd                 ? 
_cell.length_b                     64.098 
_cell.length_b_esd                 ? 
_cell.length_c                     71.244 
_cell.length_c_esd                 ? 
_cell.volume                       ? 
_cell.volume_esd                   ? 
_cell.Z_PDB                        16 
_cell.reciprocal_angle_alpha       ? 
_cell.reciprocal_angle_beta        ? 
_cell.reciprocal_angle_gamma       ? 
_cell.reciprocal_angle_alpha_esd   ? 
_cell.reciprocal_angle_beta_esd    ? 
_cell.reciprocal_angle_gamma_esd   ? 
_cell.reciprocal_length_a          ? 
_cell.reciprocal_length_b          ? 
_cell.reciprocal_length_c          ? 
_cell.reciprocal_length_a_esd      ? 
_cell.reciprocal_length_b_esd      ? 
_cell.reciprocal_length_c_esd      ? 
_cell.pdbx_unique_axis             ? 
_cell.pdbx_esd_method              ? 
# 
_symmetry.entry_id                         7UID 
_symmetry.cell_setting                     ? 
_symmetry.Int_Tables_number                23 
_symmetry.space_group_name_Hall            ? 
_symmetry.space_group_name_H-M             'I 2 2 2' 
_symmetry.pdbx_full_space_group_name_H-M   ? 
# 
_exptl.absorpt_coefficient_mu     ? 
_exptl.absorpt_correction_T_max   ? 
_exptl.absorpt_correction_T_min   ? 
_exptl.absorpt_correction_type    ? 
_exptl.absorpt_process_details    ? 
_exptl.entry_id                   7UID 
_exptl.crystals_number            1 
_exptl.details                    ? 
_exptl.method                     'X-RAY DIFFRACTION' 
_exptl.method_details             ? 
# 
_exptl_crystal.colour                       ? 
_exptl_crystal.density_diffrn               ? 
_exptl_crystal.density_Matthews             2.66 
_exptl_crystal.density_method               ? 
_exptl_crystal.density_percent_sol          53.75 
_exptl_crystal.description                  ? 
_exptl_crystal.F_000                        ? 
_exptl_crystal.id                           1 
_exptl_crystal.preparation                  ? 
_exptl_crystal.size_max                     ? 
_exptl_crystal.size_mid                     ? 
_exptl_crystal.size_min                     ? 
_exptl_crystal.size_rad                     ? 
_exptl_crystal.colour_lustre                ? 
_exptl_crystal.colour_modifier              ? 
_exptl_crystal.colour_primary               ? 
_exptl_crystal.density_meas                 ? 
_exptl_crystal.density_meas_esd             ? 
_exptl_crystal.density_meas_gt              ? 
_exptl_crystal.density_meas_lt              ? 
_exptl_crystal.density_meas_temp            ? 
_exptl_crystal.density_meas_temp_esd        ? 
_exptl_crystal.density_meas_temp_gt         ? 
_exptl_crystal.density_meas_temp_lt         ? 
_exptl_crystal.pdbx_crystal_image_url       ? 
_exptl_crystal.pdbx_crystal_image_format    ? 
_exptl_crystal.pdbx_mosaicity               ? 
_exptl_crystal.pdbx_mosaicity_esd           ? 
_exptl_crystal.pdbx_mosaic_method           ? 
_exptl_crystal.pdbx_mosaic_block_size       ? 
_exptl_crystal.pdbx_mosaic_block_size_esd   ? 
# 
_exptl_crystal_grow.apparatus       ? 
_exptl_crystal_grow.atmosphere      ? 
_exptl_crystal_grow.crystal_id      1 
_exptl_crystal_grow.details         ? 
_exptl_crystal_grow.method          'VAPOR DIFFUSION, HANGING DROP' 
_exptl_crystal_grow.method_ref      ? 
_exptl_crystal_grow.pH              4.5 
_exptl_crystal_grow.pressure        ? 
_exptl_crystal_grow.pressure_esd    ? 
_exptl_crystal_grow.seeding         ? 
_exptl_crystal_grow.seeding_ref     ? 
_exptl_crystal_grow.temp            295 
_exptl_crystal_grow.temp_details    ? 
_exptl_crystal_grow.temp_esd        ? 
_exptl_crystal_grow.time            ? 
_exptl_crystal_grow.pdbx_details    
;10% PEG 3350,
200mM Zinc Acetate,
100mM Sodium Acetate,
pH 4.5
;
_exptl_crystal_grow.pdbx_pH_range   ? 
# 
_diffrn.ambient_environment              ? 
_diffrn.ambient_temp                     90 
_diffrn.ambient_temp_details             ? 
_diffrn.ambient_temp_esd                 ? 
_diffrn.crystal_id                       1 
_diffrn.crystal_support                  ? 
_diffrn.crystal_treatment                ? 
_diffrn.details                          ? 
_diffrn.id                               1 
_diffrn.ambient_pressure                 ? 
_diffrn.ambient_pressure_esd             ? 
_diffrn.ambient_pressure_gt              ? 
_diffrn.ambient_pressure_lt              ? 
_diffrn.ambient_temp_gt                  ? 
_diffrn.ambient_temp_lt                  ? 
_diffrn.pdbx_serial_crystal_experiment   N 
# 
_diffrn_detector.details                      VariMAX 
_diffrn_detector.detector                     PIXEL 
_diffrn_detector.diffrn_id                    1 
_diffrn_detector.type                         'DECTRIS EIGER R 4M' 
_diffrn_detector.area_resol_mean              ? 
_diffrn_detector.dtime                        ? 
_diffrn_detector.pdbx_frames_total            ? 
_diffrn_detector.pdbx_collection_time_total   ? 
_diffrn_detector.pdbx_collection_date         2021-04-15 
_diffrn_detector.pdbx_frequency               ? 
# 
_diffrn_radiation.collimation                      ? 
_diffrn_radiation.diffrn_id                        1 
_diffrn_radiation.filter_edge                      ? 
_diffrn_radiation.inhomogeneity                    ? 
_diffrn_radiation.monochromator                    ? 
_diffrn_radiation.polarisn_norm                    ? 
_diffrn_radiation.polarisn_ratio                   ? 
_diffrn_radiation.probe                            ? 
_diffrn_radiation.type                             ? 
_diffrn_radiation.xray_symbol                      ? 
_diffrn_radiation.wavelength_id                    1 
_diffrn_radiation.pdbx_monochromatic_or_laue_m_l   M 
_diffrn_radiation.pdbx_wavelength_list             ? 
_diffrn_radiation.pdbx_wavelength                  ? 
_diffrn_radiation.pdbx_diffrn_protocol             'SINGLE WAVELENGTH' 
_diffrn_radiation.pdbx_analyzer                    ? 
_diffrn_radiation.pdbx_scattering_type             x-ray 
# 
_diffrn_radiation_wavelength.id           1 
_diffrn_radiation_wavelength.wavelength   1.54 
_diffrn_radiation_wavelength.wt           1.0 
# 
_diffrn_source.current                     ? 
_diffrn_source.details                     ? 
_diffrn_source.diffrn_id                   1 
_diffrn_source.power                       ? 
_diffrn_source.size                        ? 
_diffrn_source.source                      'ROTATING ANODE' 
_diffrn_source.target                      ? 
_diffrn_source.type                        'RIGAKU FR-X' 
_diffrn_source.voltage                     ? 
_diffrn_source.take-off_angle              ? 
_diffrn_source.pdbx_wavelength_list        1.54 
_diffrn_source.pdbx_wavelength             ? 
_diffrn_source.pdbx_synchrotron_beamline   ? 
_diffrn_source.pdbx_synchrotron_site       ? 
# 
_reflns.B_iso_Wilson_estimate                          ? 
_reflns.entry_id                                       7UID 
_reflns.data_reduction_details                         ? 
_reflns.data_reduction_method                          ? 
_reflns.d_resolution_high                              2.0 
_reflns.d_resolution_low                               35.62 
_reflns.details                                        ? 
_reflns.limit_h_max                                    ? 
_reflns.limit_h_min                                    ? 
_reflns.limit_k_max                                    ? 
_reflns.limit_k_min                                    ? 
_reflns.limit_l_max                                    ? 
_reflns.limit_l_min                                    ? 
_reflns.number_all                                     ? 
_reflns.number_obs                                     8493 
_reflns.observed_criterion                             ? 
_reflns.observed_criterion_F_max                       ? 
_reflns.observed_criterion_F_min                       ? 
_reflns.observed_criterion_I_max                       ? 
_reflns.observed_criterion_I_min                       ? 
_reflns.observed_criterion_sigma_F                     ? 
_reflns.observed_criterion_sigma_I                     ? 
_reflns.percent_possible_obs                           99.9 
_reflns.R_free_details                                 ? 
_reflns.Rmerge_F_all                                   ? 
_reflns.Rmerge_F_obs                                   ? 
_reflns.Friedel_coverage                               ? 
_reflns.number_gt                                      ? 
_reflns.threshold_expression                           ? 
_reflns.pdbx_redundancy                                12.2 
_reflns.pdbx_Rmerge_I_obs                              0.07 
_reflns.pdbx_Rmerge_I_all                              ? 
_reflns.pdbx_Rsym_value                                ? 
_reflns.pdbx_netI_over_av_sigmaI                       ? 
_reflns.pdbx_netI_over_sigmaI                          20.6 
_reflns.pdbx_res_netI_over_av_sigmaI_2                 ? 
_reflns.pdbx_res_netI_over_sigmaI_2                    ? 
_reflns.pdbx_chi_squared                               ? 
_reflns.pdbx_scaling_rejects                           ? 
_reflns.pdbx_d_res_high_opt                            ? 
_reflns.pdbx_d_res_low_opt                             ? 
_reflns.pdbx_d_res_opt_method                          ? 
_reflns.phase_calculation_details                      ? 
_reflns.pdbx_Rrim_I_all                                ? 
_reflns.pdbx_Rpim_I_all                                ? 
_reflns.pdbx_d_opt                                     ? 
_reflns.pdbx_number_measured_all                       ? 
_reflns.pdbx_diffrn_id                                 1 
_reflns.pdbx_ordinal                                   1 
_reflns.pdbx_CC_half                                   0.99 
_reflns.pdbx_CC_star                                   ? 
_reflns.pdbx_R_split                                   ? 
_reflns.pdbx_aniso_diffraction_limit_axis_1_ortho[1]   ? 
_reflns.pdbx_aniso_diffraction_limit_axis_1_ortho[2]   ? 
_reflns.pdbx_aniso_diffraction_limit_axis_1_ortho[3]   ? 
_reflns.pdbx_aniso_diffraction_limit_axis_2_ortho[1]   ? 
_reflns.pdbx_aniso_diffraction_limit_axis_2_ortho[2]   ? 
_reflns.pdbx_aniso_diffraction_limit_axis_2_ortho[3]   ? 
_reflns.pdbx_aniso_diffraction_limit_axis_3_ortho[1]   ? 
_reflns.pdbx_aniso_diffraction_limit_axis_3_ortho[2]   ? 
_reflns.pdbx_aniso_diffraction_limit_axis_3_ortho[3]   ? 
_reflns.pdbx_aniso_diffraction_limit_1                 ? 
_reflns.pdbx_aniso_diffraction_limit_2                 ? 
_reflns.pdbx_aniso_diffraction_limit_3                 ? 
_reflns.pdbx_aniso_B_tensor_eigenvector_1_ortho[1]     ? 
_reflns.pdbx_aniso_B_tensor_eigenvector_1_ortho[2]     ? 
_reflns.pdbx_aniso_B_tensor_eigenvector_1_ortho[3]     ? 
_reflns.pdbx_aniso_B_tensor_eigenvector_2_ortho[1]     ? 
_reflns.pdbx_aniso_B_tensor_eigenvector_2_ortho[2]     ? 
_reflns.pdbx_aniso_B_tensor_eigenvector_2_ortho[3]     ? 
_reflns.pdbx_aniso_B_tensor_eigenvector_3_ortho[1]     ? 
_reflns.pdbx_aniso_B_tensor_eigenvector_3_ortho[2]     ? 
_reflns.pdbx_aniso_B_tensor_eigenvector_3_ortho[3]     ? 
_reflns.pdbx_aniso_B_tensor_eigenvalue_1               ? 
_reflns.pdbx_aniso_B_tensor_eigenvalue_2               ? 
_reflns.pdbx_aniso_B_tensor_eigenvalue_3               ? 
_reflns.pdbx_orthogonalization_convention              ? 
_reflns.pdbx_percent_possible_ellipsoidal              ? 
_reflns.pdbx_percent_possible_spherical                ? 
_reflns.pdbx_percent_possible_ellipsoidal_anomalous    ? 
_reflns.pdbx_percent_possible_spherical_anomalous      ? 
_reflns.pdbx_redundancy_anomalous                      ? 
_reflns.pdbx_CC_half_anomalous                         ? 
_reflns.pdbx_absDiff_over_sigma_anomalous              ? 
_reflns.pdbx_percent_possible_anomalous                ? 
_reflns.pdbx_observed_signal_threshold                 ? 
_reflns.pdbx_signal_type                               ? 
_reflns.pdbx_signal_details                            ? 
_reflns.pdbx_signal_software_id                        ? 
_reflns.pdbx_CC_split_method                           ? 
# 
_reflns_shell.d_res_high                                    2.0 
_reflns_shell.d_res_low                                     2.05 
_reflns_shell.meanI_over_sigI_all                           ? 
_reflns_shell.meanI_over_sigI_obs                           ? 
_reflns_shell.number_measured_all                           ? 
_reflns_shell.number_measured_obs                           ? 
_reflns_shell.number_possible                               ? 
_reflns_shell.number_unique_all                             ? 
_reflns_shell.number_unique_obs                             622 
_reflns_shell.percent_possible_all                          ? 
_reflns_shell.percent_possible_obs                          ? 
_reflns_shell.Rmerge_F_all                                  ? 
_reflns_shell.Rmerge_F_obs                                  ? 
_reflns_shell.Rmerge_I_all                                  ? 
_reflns_shell.Rmerge_I_obs                                  0.16 
_reflns_shell.meanI_over_sigI_gt                            ? 
_reflns_shell.meanI_over_uI_all                             ? 
_reflns_shell.meanI_over_uI_gt                              ? 
_reflns_shell.number_measured_gt                            ? 
_reflns_shell.number_unique_gt                              ? 
_reflns_shell.percent_possible_gt                           ? 
_reflns_shell.Rmerge_F_gt                                   ? 
_reflns_shell.Rmerge_I_gt                                   ? 
_reflns_shell.pdbx_redundancy                               ? 
_reflns_shell.pdbx_Rsym_value                               ? 
_reflns_shell.pdbx_chi_squared                              ? 
_reflns_shell.pdbx_netI_over_sigmaI_all                     ? 
_reflns_shell.pdbx_netI_over_sigmaI_obs                     ? 
_reflns_shell.pdbx_Rrim_I_all                               ? 
_reflns_shell.pdbx_Rpim_I_all                               ? 
_reflns_shell.pdbx_rejects                                  ? 
_reflns_shell.pdbx_ordinal                                  1 
_reflns_shell.pdbx_diffrn_id                                1 
_reflns_shell.pdbx_CC_half                                  0.99 
_reflns_shell.pdbx_CC_star                                  ? 
_reflns_shell.pdbx_R_split                                  ? 
_reflns_shell.pdbx_percent_possible_ellipsoidal             ? 
_reflns_shell.pdbx_percent_possible_spherical               ? 
_reflns_shell.pdbx_percent_possible_ellipsoidal_anomalous   ? 
_reflns_shell.pdbx_percent_possible_spherical_anomalous     ? 
_reflns_shell.pdbx_redundancy_anomalous                     ? 
_reflns_shell.pdbx_CC_half_anomalous                        ? 
_reflns_shell.pdbx_absDiff_over_sigma_anomalous             ? 
_reflns_shell.pdbx_percent_possible_anomalous               ? 
# 
_refine.aniso_B[1][1]                            2.0091 
_refine.aniso_B[1][2]                            0 
_refine.aniso_B[1][3]                            0 
_refine.aniso_B[2][2]                            0.6524 
_refine.aniso_B[2][3]                            0 
_refine.aniso_B[3][3]                            -2.6615 
_refine.B_iso_max                                ? 
_refine.B_iso_mean                               22.84 
_refine.B_iso_min                                ? 
_refine.correlation_coeff_Fo_to_Fc               0.919 
_refine.correlation_coeff_Fo_to_Fc_free          0.903 
_refine.details                                  ? 
_refine.diff_density_max                         ? 
_refine.diff_density_max_esd                     ? 
_refine.diff_density_min                         ? 
_refine.diff_density_min_esd                     ? 
_refine.diff_density_rms                         ? 
_refine.diff_density_rms_esd                     ? 
_refine.entry_id                                 7UID 
_refine.pdbx_refine_id                           'X-RAY DIFFRACTION' 
_refine.ls_abs_structure_details                 ? 
_refine.ls_abs_structure_Flack                   ? 
_refine.ls_abs_structure_Flack_esd               ? 
_refine.ls_abs_structure_Rogers                  ? 
_refine.ls_abs_structure_Rogers_esd              ? 
_refine.ls_d_res_high                            2 
_refine.ls_d_res_low                             35.62 
_refine.ls_extinction_coef                       ? 
_refine.ls_extinction_coef_esd                   ? 
_refine.ls_extinction_expression                 ? 
_refine.ls_extinction_method                     ? 
_refine.ls_goodness_of_fit_all                   ? 
_refine.ls_goodness_of_fit_all_esd               ? 
_refine.ls_goodness_of_fit_obs                   ? 
_refine.ls_goodness_of_fit_obs_esd               ? 
_refine.ls_hydrogen_treatment                    ? 
_refine.ls_matrix_type                           ? 
_refine.ls_number_constraints                    ? 
_refine.ls_number_parameters                     ? 
_refine.ls_number_reflns_all                     ? 
_refine.ls_number_reflns_obs                     8482 
_refine.ls_number_reflns_R_free                  443 
_refine.ls_number_reflns_R_work                  ? 
_refine.ls_number_restraints                     ? 
_refine.ls_percent_reflns_obs                    97.5 
_refine.ls_percent_reflns_R_free                 ? 
_refine.ls_R_factor_all                          ? 
_refine.ls_R_factor_obs                          0.2339 
_refine.ls_R_factor_R_free                       0.2646 
_refine.ls_R_factor_R_free_error                 ? 
_refine.ls_R_factor_R_free_error_details         ? 
_refine.ls_R_factor_R_work                       0.2321 
_refine.ls_R_Fsqd_factor_obs                     ? 
_refine.ls_R_I_factor_obs                        ? 
_refine.ls_redundancy_reflns_all                 ? 
_refine.ls_redundancy_reflns_obs                 ? 
_refine.ls_restrained_S_all                      ? 
_refine.ls_restrained_S_obs                      ? 
_refine.ls_shift_over_esd_max                    ? 
_refine.ls_shift_over_esd_mean                   ? 
_refine.ls_structure_factor_coef                 ? 
_refine.ls_weighting_details                     ? 
_refine.ls_weighting_scheme                      ? 
_refine.ls_wR_factor_all                         ? 
_refine.ls_wR_factor_obs                         ? 
_refine.ls_wR_factor_R_free                      ? 
_refine.ls_wR_factor_R_work                      ? 
_refine.occupancy_max                            ? 
_refine.occupancy_min                            ? 
_refine.solvent_model_details                    ? 
_refine.solvent_model_param_bsol                 ? 
_refine.solvent_model_param_ksol                 ? 
_refine.pdbx_R_complete                          ? 
_refine.ls_R_factor_gt                           ? 
_refine.ls_goodness_of_fit_gt                    ? 
_refine.ls_goodness_of_fit_ref                   ? 
_refine.ls_shift_over_su_max                     ? 
_refine.ls_shift_over_su_max_lt                  ? 
_refine.ls_shift_over_su_mean                    ? 
_refine.ls_shift_over_su_mean_lt                 ? 
_refine.pdbx_ls_sigma_I                          ? 
_refine.pdbx_ls_sigma_F                          ? 
_refine.pdbx_ls_sigma_Fsqd                       ? 
_refine.pdbx_data_cutoff_high_absF               ? 
_refine.pdbx_data_cutoff_high_rms_absF           ? 
_refine.pdbx_data_cutoff_low_absF                ? 
_refine.pdbx_isotropic_thermal_model             ? 
_refine.pdbx_ls_cross_valid_method               THROUGHOUT 
_refine.pdbx_method_to_determine_struct          SAD 
_refine.pdbx_starting_model                      ? 
_refine.pdbx_stereochemistry_target_values       ? 
_refine.pdbx_R_Free_selection_details            RANDOM 
_refine.pdbx_stereochem_target_val_spec_case     ? 
_refine.pdbx_overall_ESU_R                       ? 
_refine.pdbx_overall_ESU_R_Free                  ? 
_refine.pdbx_solvent_vdw_probe_radii             ? 
_refine.pdbx_solvent_ion_probe_radii             ? 
_refine.pdbx_solvent_shrinkage_radii             ? 
_refine.pdbx_real_space_R                        ? 
_refine.pdbx_density_correlation                 ? 
_refine.pdbx_pd_number_of_powder_patterns        ? 
_refine.pdbx_pd_number_of_points                 ? 
_refine.pdbx_pd_meas_number_of_points            ? 
_refine.pdbx_pd_proc_ls_prof_R_factor            ? 
_refine.pdbx_pd_proc_ls_prof_wR_factor           ? 
_refine.pdbx_pd_Marquardt_correlation_coeff      ? 
_refine.pdbx_pd_Fsqrd_R_factor                   ? 
_refine.pdbx_pd_ls_matrix_band_width             ? 
_refine.pdbx_overall_phase_error                 ? 
_refine.pdbx_overall_SU_R_free_Cruickshank_DPI   0.177 
_refine.pdbx_overall_SU_R_free_Blow_DPI          0.197 
_refine.pdbx_overall_SU_R_Blow_DPI               0.264 
_refine.pdbx_TLS_residual_ADP_flag               ? 
_refine.pdbx_diffrn_id                           1 
_refine.overall_SU_B                             ? 
_refine.overall_SU_ML                            ? 
_refine.overall_SU_R_Cruickshank_DPI             0.242 
_refine.overall_SU_R_free                        ? 
_refine.overall_FOM_free_R_set                   ? 
_refine.overall_FOM_work_R_set                   ? 
_refine.pdbx_average_fsc_overall                 ? 
_refine.pdbx_average_fsc_work                    ? 
_refine.pdbx_average_fsc_free                    ? 
# 
_refine_analyze.entry_id                        7UID 
_refine_analyze.pdbx_refine_id                  'X-RAY DIFFRACTION' 
_refine_analyze.Luzzati_coordinate_error_free   ? 
_refine_analyze.Luzzati_coordinate_error_obs    0.32 
_refine_analyze.Luzzati_d_res_low_free          ? 
_refine_analyze.Luzzati_d_res_low_obs           ? 
_refine_analyze.Luzzati_sigma_a_free            ? 
_refine_analyze.Luzzati_sigma_a_free_details    ? 
_refine_analyze.Luzzati_sigma_a_obs             ? 
_refine_analyze.Luzzati_sigma_a_obs_details     ? 
_refine_analyze.number_disordered_residues      ? 
_refine_analyze.occupancy_sum_hydrogen          ? 
_refine_analyze.occupancy_sum_non_hydrogen      ? 
_refine_analyze.RG_d_res_high                   ? 
_refine_analyze.RG_d_res_low                    ? 
_refine_analyze.RG_free                         ? 
_refine_analyze.RG_work                         ? 
_refine_analyze.RG_free_work_ratio              ? 
_refine_analyze.pdbx_Luzzati_d_res_high_obs     ? 
# 
_refine_hist.pdbx_refine_id                   'X-RAY DIFFRACTION' 
_refine_hist.cycle_id                         LAST 
_refine_hist.details                          ? 
_refine_hist.d_res_high                       2 
_refine_hist.d_res_low                        35.62 
_refine_hist.number_atoms_solvent             156 
_refine_hist.number_atoms_total               954 
_refine_hist.number_reflns_all                ? 
_refine_hist.number_reflns_obs                ? 
_refine_hist.number_reflns_R_free             ? 
_refine_hist.number_reflns_R_work             ? 
_refine_hist.R_factor_all                     ? 
_refine_hist.R_factor_obs                     ? 
_refine_hist.R_factor_R_free                  ? 
_refine_hist.R_factor_R_work                  ? 
_refine_hist.pdbx_number_residues_total       ? 
_refine_hist.pdbx_B_iso_mean_ligand           ? 
_refine_hist.pdbx_B_iso_mean_solvent          ? 
_refine_hist.pdbx_number_atoms_protein        0 
_refine_hist.pdbx_number_atoms_nucleic_acid   372 
_refine_hist.pdbx_number_atoms_ligand         426 
_refine_hist.pdbx_number_atoms_lipid          ? 
_refine_hist.pdbx_number_atoms_carb           ? 
_refine_hist.pdbx_pseudo_atom_details         ? 
# 
loop_
_refine_ls_restr.pdbx_refine_id 
_refine_ls_restr.criterion 
_refine_ls_restr.dev_ideal 
_refine_ls_restr.dev_ideal_target 
_refine_ls_restr.number 
_refine_ls_restr.rejects 
_refine_ls_restr.type 
_refine_ls_restr.weight 
_refine_ls_restr.pdbx_restraint_function 
'X-RAY DIFFRACTION' ? 0.012 ? 1172 ? t_bond_d                  2  HARMONIC     
'X-RAY DIFFRACTION' ? 1.09  ? 1922 ? t_angle_deg               2  HARMONIC     
'X-RAY DIFFRACTION' ? ?     ? 206  ? t_dihedral_angle_d        2  SINUSOIDAL   
'X-RAY DIFFRACTION' ? ?     ? 70   ? t_gen_planes              5  HARMONIC     
'X-RAY DIFFRACTION' ? ?     ? 876  ? t_it                      10 HARMONIC     
'X-RAY DIFFRACTION' ? ?     ? 54   ? t_chiral_improper_torsion 5  SEMIHARMONIC 
'X-RAY DIFFRACTION' ? ?     ? 903  ? t_ideal_dist_contact      4  SEMIHARMONIC 
'X-RAY DIFFRACTION' ? 29.65 ? ?    ? t_other_torsion           ?  ?            
# 
_refine_ls_shell.pdbx_refine_id                   'X-RAY DIFFRACTION' 
_refine_ls_shell.d_res_high                       2 
_refine_ls_shell.d_res_low                        2.03 
_refine_ls_shell.number_reflns_all                ? 
_refine_ls_shell.number_reflns_obs                386 
_refine_ls_shell.number_reflns_R_free             22 
_refine_ls_shell.number_reflns_R_work             ? 
_refine_ls_shell.percent_reflns_obs               100 
_refine_ls_shell.percent_reflns_R_free            ? 
_refine_ls_shell.R_factor_all                     ? 
_refine_ls_shell.R_factor_obs                     0.2372 
_refine_ls_shell.R_factor_R_free                  0.2457 
_refine_ls_shell.R_factor_R_free_error            ? 
_refine_ls_shell.R_factor_R_work                  0.2368 
_refine_ls_shell.redundancy_reflns_all            ? 
_refine_ls_shell.redundancy_reflns_obs            ? 
_refine_ls_shell.wR_factor_all                    ? 
_refine_ls_shell.wR_factor_obs                    ? 
_refine_ls_shell.wR_factor_R_free                 ? 
_refine_ls_shell.wR_factor_R_work                 ? 
_refine_ls_shell.pdbx_R_complete                  ? 
_refine_ls_shell.pdbx_total_number_of_bins_used   ? 
_refine_ls_shell.pdbx_phase_error                 ? 
_refine_ls_shell.pdbx_fsc_work                    ? 
_refine_ls_shell.pdbx_fsc_free                    ? 
# 
_struct.entry_id                     7UID 
_struct.title                        'Thyclotides peptide nucleic acid in complex with DNA' 
_struct.pdbx_model_details           ? 
_struct.pdbx_formula_weight          ? 
_struct.pdbx_formula_weight_method   ? 
_struct.pdbx_model_type_details      ? 
_struct.pdbx_CASP_flag               N 
# 
_struct_keywords.entry_id        7UID 
_struct_keywords.text            
'thyclotides, peptide nucleic acid, PNA, PEPTIDE NUCLEIC ACID-DNA complex, DNA-PEPTIDE NUCLEIC ACID complex' 
_struct_keywords.pdbx_keywords   'DNA/PEPTIDE NUCLEIC ACID' 
# 
loop_
_struct_asym.id 
_struct_asym.pdbx_blank_PDB_chainid_flag 
_struct_asym.pdbx_modified 
_struct_asym.entity_id 
_struct_asym.details 
A N N 1 ? 
B N N 1 ? 
C N N 2 ? 
D N N 2 ? 
E N N 3 ? 
F N N 3 ? 
G N N 3 ? 
H N N 3 ? 
I N N 3 ? 
J N N 3 ? 
K N N 4 ? 
L N N 4 ? 
M N N 5 ? 
N N N 5 ? 
O N N 5 ? 
P N N 5 ? 
# 
loop_
_struct_ref.id 
_struct_ref.db_name 
_struct_ref.db_code 
_struct_ref.pdbx_db_accession 
_struct_ref.pdbx_db_isoform 
_struct_ref.entity_id 
_struct_ref.pdbx_seq_one_letter_code 
_struct_ref.pdbx_align_begin 
1 PDB 7UID 7UID ? 1 ? 1 
2 PDB 7UID 7UID ? 2 ? 1 
# 
loop_
_struct_ref_seq.align_id 
_struct_ref_seq.ref_id 
_struct_ref_seq.pdbx_PDB_id_code 
_struct_ref_seq.pdbx_strand_id 
_struct_ref_seq.seq_align_beg 
_struct_ref_seq.pdbx_seq_align_beg_ins_code 
_struct_ref_seq.seq_align_end 
_struct_ref_seq.pdbx_seq_align_end_ins_code 
_struct_ref_seq.pdbx_db_accession 
_struct_ref_seq.db_align_beg 
_struct_ref_seq.pdbx_db_align_beg_ins_code 
_struct_ref_seq.db_align_end 
_struct_ref_seq.pdbx_db_align_end_ins_code 
_struct_ref_seq.pdbx_auth_seq_align_beg 
_struct_ref_seq.pdbx_auth_seq_align_end 
1 1 7UID A 1 ? 9  ? 7UID 1 ? 9  ? 1 9  
2 1 7UID C 1 ? 9  ? 7UID 1 ? 9  ? 1 9  
3 2 7UID B 1 ? 10 ? 7UID 1 ? 10 ? 1 10 
4 2 7UID D 1 ? 10 ? 7UID 1 ? 10 ? 1 10 
# 
loop_
_pdbx_struct_assembly.id 
_pdbx_struct_assembly.details 
_pdbx_struct_assembly.method_details 
_pdbx_struct_assembly.oligomeric_details 
_pdbx_struct_assembly.oligomeric_count 
1 author_defined_assembly ? dimeric 2 
2 author_defined_assembly ? dimeric 2 
# 
loop_
_pdbx_struct_assembly_gen.assembly_id 
_pdbx_struct_assembly_gen.oper_expression 
_pdbx_struct_assembly_gen.asym_id_list 
1 1 A,C,E,F,G,K,M,O 
2 1 B,D,H,I,J,L,N,P 
# 
_pdbx_struct_assembly_auth_evidence.id                     1 
_pdbx_struct_assembly_auth_evidence.assembly_id            1 
_pdbx_struct_assembly_auth_evidence.experimental_support   'mass spectrometry' 
_pdbx_struct_assembly_auth_evidence.details                
'The assymmetric unit has 2, non-equivalent dimers. One nucleobase is flipped out in dimer AB, while in CD all the bases pair up.' 
# 
_pdbx_struct_oper_list.id                   1 
_pdbx_struct_oper_list.type                 'identity operation' 
_pdbx_struct_oper_list.name                 1_555 
_pdbx_struct_oper_list.symmetry_operation   x,y,z 
_pdbx_struct_oper_list.matrix[1][1]         1.0000000000 
_pdbx_struct_oper_list.matrix[1][2]         0.0000000000 
_pdbx_struct_oper_list.matrix[1][3]         0.0000000000 
_pdbx_struct_oper_list.vector[1]            0.0000000000 
_pdbx_struct_oper_list.matrix[2][1]         0.0000000000 
_pdbx_struct_oper_list.matrix[2][2]         1.0000000000 
_pdbx_struct_oper_list.matrix[2][3]         0.0000000000 
_pdbx_struct_oper_list.vector[2]            0.0000000000 
_pdbx_struct_oper_list.matrix[3][1]         0.0000000000 
_pdbx_struct_oper_list.matrix[3][2]         0.0000000000 
_pdbx_struct_oper_list.matrix[3][3]         1.0000000000 
_pdbx_struct_oper_list.vector[3]            0.0000000000 
# 
loop_
_struct_conn.id 
_struct_conn.conn_type_id 
_struct_conn.pdbx_leaving_atom_flag 
_struct_conn.pdbx_PDB_id 
_struct_conn.ptnr1_label_asym_id 
_struct_conn.ptnr1_label_comp_id 
_struct_conn.ptnr1_label_seq_id 
_struct_conn.ptnr1_label_atom_id 
_struct_conn.pdbx_ptnr1_label_alt_id 
_struct_conn.pdbx_ptnr1_PDB_ins_code 
_struct_conn.pdbx_ptnr1_standard_comp_id 
_struct_conn.ptnr1_symmetry 
_struct_conn.ptnr2_label_asym_id 
_struct_conn.ptnr2_label_comp_id 
_struct_conn.ptnr2_label_seq_id 
_struct_conn.ptnr2_label_atom_id 
_struct_conn.pdbx_ptnr2_label_alt_id 
_struct_conn.pdbx_ptnr2_PDB_ins_code 
_struct_conn.ptnr1_auth_asym_id 
_struct_conn.ptnr1_auth_comp_id 
_struct_conn.ptnr1_auth_seq_id 
_struct_conn.ptnr2_auth_asym_id 
_struct_conn.ptnr2_auth_comp_id 
_struct_conn.ptnr2_auth_seq_id 
_struct_conn.ptnr2_symmetry 
_struct_conn.pdbx_ptnr3_label_atom_id 
_struct_conn.pdbx_ptnr3_label_seq_id 
_struct_conn.pdbx_ptnr3_label_comp_id 
_struct_conn.pdbx_ptnr3_label_asym_id 
_struct_conn.pdbx_ptnr3_label_alt_id 
_struct_conn.pdbx_ptnr3_PDB_ins_code 
_struct_conn.details 
_struct_conn.pdbx_dist_value 
_struct_conn.pdbx_value_order 
_struct_conn.pdbx_role 
covale1  covale both ? C NSF 1 C  ? ? ? 1_555 C NR0 2  N   ? ? B NSF 1   B NR0 2   1_555 ? ? ? ? ? ? ?            1.327 ? ? 
covale2  covale both ? C NR0 2 C  ? ? ? 1_555 C NSU 3  N   ? ? B NR0 2   B NSU 3   1_555 ? ? ? ? ? ? ?            1.357 ? ? 
covale3  covale both ? C NSU 3 C  ? ? ? 1_555 C NRL 4  N   ? ? B NSU 3   B NRL 4   1_555 ? ? ? ? ? ? ?            1.380 ? ? 
covale4  covale both ? C NRL 4 C  ? ? ? 1_555 C NR0 5  N   ? ? B NRL 4   B NR0 5   1_555 ? ? ? ? ? ? ?            1.312 ? ? 
covale5  covale both ? C NR0 5 C  ? ? ? 1_555 C NRL 6  N   ? ? B NR0 5   B NRL 6   1_555 ? ? ? ? ? ? ?            1.322 ? ? 
covale6  covale both ? C NRL 6 C  ? ? ? 1_555 C NR0 7  N   ? ? B NRL 6   B NR0 7   1_555 ? ? ? ? ? ? ?            1.290 ? ? 
covale7  covale both ? C NR0 7 C  ? ? ? 1_555 C NSU 8  N   ? ? B NR0 7   B NSU 8   1_555 ? ? ? ? ? ? ?            1.332 ? ? 
covale8  covale both ? C NSU 8 C  ? ? ? 1_555 C NRL 9  N   ? ? B NSU 8   B NRL 9   1_555 ? ? ? ? ? ? ?            1.300 ? ? 
covale9  covale both ? C NRL 9 C  ? ? ? 1_555 C XDV 10 N01 ? ? B NRL 9   B XDV 10  1_555 ? ? ? ? ? ? ?            1.317 ? ? 
covale10 covale both ? D NSF 1 C  ? ? ? 1_555 D NR0 2  N   ? ? D NSF 1   D NR0 2   1_555 ? ? ? ? ? ? ?            1.337 ? ? 
covale11 covale both ? D NR0 2 C  ? ? ? 1_555 D NSU 3  N   ? ? D NR0 2   D NSU 3   1_555 ? ? ? ? ? ? ?            1.369 ? ? 
covale12 covale both ? D NSU 3 C  ? ? ? 1_555 D NRL 4  N   ? ? D NSU 3   D NRL 4   1_555 ? ? ? ? ? ? ?            1.334 ? ? 
covale13 covale both ? D NRL 4 C  ? ? ? 1_555 D NR0 5  N   ? ? D NRL 4   D NR0 5   1_555 ? ? ? ? ? ? ?            1.361 ? ? 
covale14 covale both ? D NR0 5 C  ? ? ? 1_555 D NRL 6  N   ? ? D NR0 5   D NRL 6   1_555 ? ? ? ? ? ? ?            1.358 ? ? 
covale15 covale both ? D NRL 6 C  ? ? ? 1_555 D NR0 7  N   ? ? D NRL 6   D NR0 7   1_555 ? ? ? ? ? ? ?            1.360 ? ? 
covale16 covale both ? D NR0 7 C  ? ? ? 1_555 D NSU 8  N   ? ? D NR0 7   D NSU 8   1_555 ? ? ? ? ? ? ?            1.351 ? ? 
covale17 covale both ? D NSU 8 C  ? ? ? 1_555 D NRL 9  N   ? ? D NSU 8   D NRL 9   1_555 ? ? ? ? ? ? ?            1.344 ? ? 
covale18 covale both ? D NRL 9 C  ? ? ? 1_555 D XDV 10 N01 ? ? D NRL 9   D XDV 10  1_555 ? ? ? ? ? ? ?            1.382 ? ? 
metalc1  metalc ?    ? A DG  1 N7 ? ? ? 1_555 F ZN  .  ZN  ? ? A DG  1   A ZN  102 1_555 ? ? ? ? ? ? ?            2.099 ? ? 
metalc2  metalc ?    ? A DG  4 N7 ? ? ? 1_555 G ZN  .  ZN  ? ? A DG  4   A ZN  103 1_555 ? ? ? ? ? ? ?            2.210 ? ? 
metalc3  metalc ?    ? A DG  6 N7 ? ? ? 1_555 E ZN  .  ZN  ? ? A DG  6   A ZN  101 1_555 ? ? ? ? ? ? ?            2.213 ? ? 
metalc4  metalc ?    ? E ZN  . ZN ? ? ? 1_555 M HOH .  O   ? ? A ZN  101 A HOH 205 1_555 ? ? ? ? ? ? ?            2.383 ? ? 
metalc5  metalc ?    ? E ZN  . ZN ? ? ? 1_555 M HOH .  O   ? ? A ZN  101 A HOH 207 1_555 ? ? ? ? ? ? ?            2.170 ? ? 
metalc6  metalc ?    ? E ZN  . ZN ? ? ? 1_555 M HOH .  O   ? ? A ZN  101 A HOH 212 1_555 ? ? ? ? ? ? ?            2.145 ? ? 
metalc7  metalc ?    ? E ZN  . ZN ? ? ? 1_555 M HOH .  O   ? ? A ZN  101 A HOH 214 1_555 ? ? ? ? ? ? ?            2.209 ? ? 
metalc8  metalc ?    ? E ZN  . ZN ? ? ? 1_555 M HOH .  O   ? ? A ZN  101 A HOH 242 1_555 ? ? ? ? ? ? ?            2.086 ? ? 
metalc9  metalc ?    ? F ZN  . ZN ? ? ? 1_555 M HOH .  O   ? ? A ZN  102 A HOH 217 1_555 ? ? ? ? ? ? ?            2.018 ? ? 
metalc10 metalc ?    ? F ZN  . ZN ? ? ? 1_555 M HOH .  O   ? ? A ZN  102 A HOH 229 1_555 ? ? ? ? ? ? ?            2.171 ? ? 
metalc11 metalc ?    ? F ZN  . ZN ? ? ? 1_555 M HOH .  O   ? ? A ZN  102 A HOH 232 1_555 ? ? ? ? ? ? ?            2.109 ? ? 
metalc12 metalc ?    ? F ZN  . ZN ? ? ? 1_555 M HOH .  O   ? ? A ZN  102 A HOH 241 1_555 ? ? ? ? ? ? ?            1.889 ? ? 
metalc13 metalc ?    ? F ZN  . ZN ? ? ? 1_555 N HOH .  O   ? ? A ZN  102 C HOH 210 5_454 ? ? ? ? ? ? ?            2.320 ? ? 
metalc14 metalc ?    ? G ZN  . ZN ? ? ? 1_555 M HOH .  O   ? ? A ZN  103 A HOH 203 1_555 ? ? ? ? ? ? ?            2.596 ? ? 
metalc15 metalc ?    ? G ZN  . ZN ? ? ? 1_555 M HOH .  O   ? ? A ZN  103 A HOH 230 1_555 ? ? ? ? ? ? ?            2.025 ? ? 
metalc16 metalc ?    ? B DG  1 N7 ? ? ? 1_555 J ZN  .  ZN  ? ? C DG  1   C ZN  103 1_555 ? ? ? ? ? ? ?            1.906 ? ? 
metalc17 metalc ?    ? B DG  1 O6 ? ? ? 1_555 J ZN  .  ZN  ? ? C DG  1   C ZN  103 1_555 ? ? ? ? ? ? ?            1.919 ? ? 
metalc18 metalc ?    ? B DG  4 N7 ? ? ? 1_555 H ZN  .  ZN  ? ? C DG  4   C ZN  101 1_555 ? ? ? ? ? ? ?            2.330 ? ? 
metalc19 metalc ?    ? B DG  6 N7 ? ? ? 1_555 I ZN  .  ZN  ? ? C DG  6   C ZN  102 1_555 ? ? ? ? ? ? ?            1.952 ? ? 
metalc20 metalc ?    ? H ZN  . ZN ? ? ? 1_555 N HOH .  O   ? ? C ZN  101 C HOH 214 1_555 ? ? ? ? ? ? ?            2.195 ? ? 
metalc21 metalc ?    ? H ZN  . ZN ? ? ? 1_555 N HOH .  O   ? ? C ZN  101 C HOH 215 1_555 ? ? ? ? ? ? ?            2.467 ? ? 
metalc22 metalc ?    ? H ZN  . ZN ? ? ? 1_555 N HOH .  O   ? ? C ZN  101 C HOH 218 1_555 ? ? ? ? ? ? ?            2.421 ? ? 
metalc23 metalc ?    ? I ZN  . ZN ? ? ? 1_555 N HOH .  O   ? ? C ZN  102 C HOH 209 1_555 ? ? ? ? ? ? ?            2.365 ? ? 
metalc24 metalc ?    ? I ZN  . ZN ? ? ? 1_555 N HOH .  O   ? ? C ZN  102 C HOH 213 1_555 ? ? ? ? ? ? ?            2.184 ? ? 
metalc25 metalc ?    ? I ZN  . ZN ? ? ? 1_555 N HOH .  O   ? ? C ZN  102 C HOH 219 1_555 ? ? ? ? ? ? ?            2.613 ? ? 
metalc26 metalc ?    ? I ZN  . ZN ? ? ? 1_555 N HOH .  O   ? ? C ZN  102 C HOH 228 1_555 ? ? ? ? ? ? ?            2.480 ? ? 
metalc27 metalc ?    ? I ZN  . ZN ? ? ? 1_555 N HOH .  O   ? ? C ZN  102 C HOH 234 1_555 ? ? ? ? ? ? ?            2.157 ? ? 
hydrog1  hydrog ?    ? A DA  9 N1 ? ? ? 1_555 B DG  1  N2  ? ? A DA  9   C DG  1   1_555 ? ? ? ? ? ? TYPE_10_PAIR ?     ? ? 
hydrog2  hydrog ?    ? A DA  9 N6 ? ? ? 1_555 B DG  1  N3  ? ? A DA  9   C DG  1   1_555 ? ? ? ? ? ? TYPE_10_PAIR ?     ? ? 
# 
loop_
_struct_conn_type.id 
_struct_conn_type.criteria 
_struct_conn_type.reference 
covale ? ? 
metalc ? ? 
hydrog ? ? 
# 
loop_
_pdbx_struct_conn_angle.id 
_pdbx_struct_conn_angle.ptnr1_label_atom_id 
_pdbx_struct_conn_angle.ptnr1_label_alt_id 
_pdbx_struct_conn_angle.ptnr1_label_asym_id 
_pdbx_struct_conn_angle.ptnr1_label_comp_id 
_pdbx_struct_conn_angle.ptnr1_label_seq_id 
_pdbx_struct_conn_angle.ptnr1_auth_atom_id 
_pdbx_struct_conn_angle.ptnr1_auth_asym_id 
_pdbx_struct_conn_angle.ptnr1_auth_comp_id 
_pdbx_struct_conn_angle.ptnr1_auth_seq_id 
_pdbx_struct_conn_angle.ptnr1_PDB_ins_code 
_pdbx_struct_conn_angle.ptnr1_symmetry 
_pdbx_struct_conn_angle.ptnr2_label_atom_id 
_pdbx_struct_conn_angle.ptnr2_label_alt_id 
_pdbx_struct_conn_angle.ptnr2_label_asym_id 
_pdbx_struct_conn_angle.ptnr2_label_comp_id 
_pdbx_struct_conn_angle.ptnr2_label_seq_id 
_pdbx_struct_conn_angle.ptnr2_auth_atom_id 
_pdbx_struct_conn_angle.ptnr2_auth_asym_id 
_pdbx_struct_conn_angle.ptnr2_auth_comp_id 
_pdbx_struct_conn_angle.ptnr2_auth_seq_id 
_pdbx_struct_conn_angle.ptnr2_PDB_ins_code 
_pdbx_struct_conn_angle.ptnr2_symmetry 
_pdbx_struct_conn_angle.ptnr3_label_atom_id 
_pdbx_struct_conn_angle.ptnr3_label_alt_id 
_pdbx_struct_conn_angle.ptnr3_label_asym_id 
_pdbx_struct_conn_angle.ptnr3_label_comp_id 
_pdbx_struct_conn_angle.ptnr3_label_seq_id 
_pdbx_struct_conn_angle.ptnr3_auth_atom_id 
_pdbx_struct_conn_angle.ptnr3_auth_asym_id 
_pdbx_struct_conn_angle.ptnr3_auth_comp_id 
_pdbx_struct_conn_angle.ptnr3_auth_seq_id 
_pdbx_struct_conn_angle.ptnr3_PDB_ins_code 
_pdbx_struct_conn_angle.ptnr3_symmetry 
_pdbx_struct_conn_angle.value 
_pdbx_struct_conn_angle.value_esd 
1  N7 ? A DG  1 ? A DG  1   ? 1_555 ZN ? F ZN . ? A ZN 102 ? 1_555 O  ? M HOH . ? A HOH 217 ? 1_555 98.3  ? 
2  N7 ? A DG  1 ? A DG  1   ? 1_555 ZN ? F ZN . ? A ZN 102 ? 1_555 O  ? M HOH . ? A HOH 229 ? 1_555 91.8  ? 
3  O  ? M HOH . ? A HOH 217 ? 1_555 ZN ? F ZN . ? A ZN 102 ? 1_555 O  ? M HOH . ? A HOH 229 ? 1_555 92.8  ? 
4  N7 ? A DG  1 ? A DG  1   ? 1_555 ZN ? F ZN . ? A ZN 102 ? 1_555 O  ? M HOH . ? A HOH 232 ? 1_555 94.7  ? 
5  O  ? M HOH . ? A HOH 217 ? 1_555 ZN ? F ZN . ? A ZN 102 ? 1_555 O  ? M HOH . ? A HOH 232 ? 1_555 166.3 ? 
6  O  ? M HOH . ? A HOH 229 ? 1_555 ZN ? F ZN . ? A ZN 102 ? 1_555 O  ? M HOH . ? A HOH 232 ? 1_555 82.3  ? 
7  N7 ? A DG  1 ? A DG  1   ? 1_555 ZN ? F ZN . ? A ZN 102 ? 1_555 O  ? M HOH . ? A HOH 241 ? 1_555 175.3 ? 
8  O  ? M HOH . ? A HOH 217 ? 1_555 ZN ? F ZN . ? A ZN 102 ? 1_555 O  ? M HOH . ? A HOH 241 ? 1_555 77.0  ? 
9  O  ? M HOH . ? A HOH 229 ? 1_555 ZN ? F ZN . ? A ZN 102 ? 1_555 O  ? M HOH . ? A HOH 241 ? 1_555 88.5  ? 
10 O  ? M HOH . ? A HOH 232 ? 1_555 ZN ? F ZN . ? A ZN 102 ? 1_555 O  ? M HOH . ? A HOH 241 ? 1_555 90.0  ? 
11 N7 ? A DG  1 ? A DG  1   ? 1_555 ZN ? F ZN . ? A ZN 102 ? 1_555 O  ? N HOH . ? C HOH 210 ? 5_454 100.0 ? 
12 O  ? M HOH . ? A HOH 217 ? 1_555 ZN ? F ZN . ? A ZN 102 ? 1_555 O  ? N HOH . ? C HOH 210 ? 5_454 87.9  ? 
13 O  ? M HOH . ? A HOH 229 ? 1_555 ZN ? F ZN . ? A ZN 102 ? 1_555 O  ? N HOH . ? C HOH 210 ? 5_454 167.9 ? 
14 O  ? M HOH . ? A HOH 232 ? 1_555 ZN ? F ZN . ? A ZN 102 ? 1_555 O  ? N HOH . ? C HOH 210 ? 5_454 94.3  ? 
15 O  ? M HOH . ? A HOH 241 ? 1_555 ZN ? F ZN . ? A ZN 102 ? 1_555 O  ? N HOH . ? C HOH 210 ? 5_454 79.9  ? 
16 N7 ? A DG  4 ? A DG  4   ? 1_555 ZN ? G ZN . ? A ZN 103 ? 1_555 O  ? M HOH . ? A HOH 203 ? 1_555 98.8  ? 
17 N7 ? A DG  4 ? A DG  4   ? 1_555 ZN ? G ZN . ? A ZN 103 ? 1_555 O  ? M HOH . ? A HOH 230 ? 1_555 95.2  ? 
18 O  ? M HOH . ? A HOH 203 ? 1_555 ZN ? G ZN . ? A ZN 103 ? 1_555 O  ? M HOH . ? A HOH 230 ? 1_555 133.7 ? 
19 N7 ? A DG  6 ? A DG  6   ? 1_555 ZN ? E ZN . ? A ZN 101 ? 1_555 O  ? M HOH . ? A HOH 205 ? 1_555 90.5  ? 
20 N7 ? A DG  6 ? A DG  6   ? 1_555 ZN ? E ZN . ? A ZN 101 ? 1_555 O  ? M HOH . ? A HOH 207 ? 1_555 93.0  ? 
21 O  ? M HOH . ? A HOH 205 ? 1_555 ZN ? E ZN . ? A ZN 101 ? 1_555 O  ? M HOH . ? A HOH 207 ? 1_555 169.4 ? 
22 N7 ? A DG  6 ? A DG  6   ? 1_555 ZN ? E ZN . ? A ZN 101 ? 1_555 O  ? M HOH . ? A HOH 212 ? 1_555 88.1  ? 
23 O  ? M HOH . ? A HOH 205 ? 1_555 ZN ? E ZN . ? A ZN 101 ? 1_555 O  ? M HOH . ? A HOH 212 ? 1_555 91.5  ? 
24 O  ? M HOH . ? A HOH 207 ? 1_555 ZN ? E ZN . ? A ZN 101 ? 1_555 O  ? M HOH . ? A HOH 212 ? 1_555 98.6  ? 
25 N7 ? A DG  6 ? A DG  6   ? 1_555 ZN ? E ZN . ? A ZN 101 ? 1_555 O  ? M HOH . ? A HOH 214 ? 1_555 97.1  ? 
26 O  ? M HOH . ? A HOH 205 ? 1_555 ZN ? E ZN . ? A ZN 101 ? 1_555 O  ? M HOH . ? A HOH 214 ? 1_555 84.6  ? 
27 O  ? M HOH . ? A HOH 207 ? 1_555 ZN ? E ZN . ? A ZN 101 ? 1_555 O  ? M HOH . ? A HOH 214 ? 1_555 85.0  ? 
28 O  ? M HOH . ? A HOH 212 ? 1_555 ZN ? E ZN . ? A ZN 101 ? 1_555 O  ? M HOH . ? A HOH 214 ? 1_555 173.5 ? 
29 N7 ? A DG  6 ? A DG  6   ? 1_555 ZN ? E ZN . ? A ZN 101 ? 1_555 O  ? M HOH . ? A HOH 242 ? 1_555 175.8 ? 
30 O  ? M HOH . ? A HOH 205 ? 1_555 ZN ? E ZN . ? A ZN 101 ? 1_555 O  ? M HOH . ? A HOH 242 ? 1_555 87.6  ? 
31 O  ? M HOH . ? A HOH 207 ? 1_555 ZN ? E ZN . ? A ZN 101 ? 1_555 O  ? M HOH . ? A HOH 242 ? 1_555 89.5  ? 
32 O  ? M HOH . ? A HOH 212 ? 1_555 ZN ? E ZN . ? A ZN 101 ? 1_555 O  ? M HOH . ? A HOH 242 ? 1_555 88.2  ? 
33 O  ? M HOH . ? A HOH 214 ? 1_555 ZN ? E ZN . ? A ZN 101 ? 1_555 O  ? M HOH . ? A HOH 242 ? 1_555 86.4  ? 
34 N7 ? B DG  1 ? C DG  1   ? 1_555 ZN ? J ZN . ? C ZN 103 ? 1_555 O6 ? B DG  1 ? C DG  1   ? 1_555 108.4 ? 
35 N7 ? B DG  4 ? C DG  4   ? 1_555 ZN ? H ZN . ? C ZN 101 ? 1_555 O  ? N HOH . ? C HOH 214 ? 1_555 88.0  ? 
36 N7 ? B DG  4 ? C DG  4   ? 1_555 ZN ? H ZN . ? C ZN 101 ? 1_555 O  ? N HOH . ? C HOH 215 ? 1_555 98.4  ? 
37 O  ? N HOH . ? C HOH 214 ? 1_555 ZN ? H ZN . ? C ZN 101 ? 1_555 O  ? N HOH . ? C HOH 215 ? 1_555 171.2 ? 
38 N7 ? B DG  4 ? C DG  4   ? 1_555 ZN ? H ZN . ? C ZN 101 ? 1_555 O  ? N HOH . ? C HOH 218 ? 1_555 102.2 ? 
39 O  ? N HOH . ? C HOH 214 ? 1_555 ZN ? H ZN . ? C ZN 101 ? 1_555 O  ? N HOH . ? C HOH 218 ? 1_555 98.3  ? 
40 O  ? N HOH . ? C HOH 215 ? 1_555 ZN ? H ZN . ? C ZN 101 ? 1_555 O  ? N HOH . ? C HOH 218 ? 1_555 86.3  ? 
41 N7 ? B DG  6 ? C DG  6   ? 1_555 ZN ? I ZN . ? C ZN 102 ? 1_555 O  ? N HOH . ? C HOH 209 ? 1_555 99.6  ? 
42 N7 ? B DG  6 ? C DG  6   ? 1_555 ZN ? I ZN . ? C ZN 102 ? 1_555 O  ? N HOH . ? C HOH 213 ? 1_555 91.7  ? 
43 O  ? N HOH . ? C HOH 209 ? 1_555 ZN ? I ZN . ? C ZN 102 ? 1_555 O  ? N HOH . ? C HOH 213 ? 1_555 96.5  ? 
44 N7 ? B DG  6 ? C DG  6   ? 1_555 ZN ? I ZN . ? C ZN 102 ? 1_555 O  ? N HOH . ? C HOH 219 ? 1_555 102.9 ? 
45 O  ? N HOH . ? C HOH 209 ? 1_555 ZN ? I ZN . ? C ZN 102 ? 1_555 O  ? N HOH . ? C HOH 219 ? 1_555 154.5 ? 
46 O  ? N HOH . ? C HOH 213 ? 1_555 ZN ? I ZN . ? C ZN 102 ? 1_555 O  ? N HOH . ? C HOH 219 ? 1_555 94.8  ? 
47 N7 ? B DG  6 ? C DG  6   ? 1_555 ZN ? I ZN . ? C ZN 102 ? 1_555 O  ? N HOH . ? C HOH 228 ? 1_555 98.4  ? 
48 O  ? N HOH . ? C HOH 209 ? 1_555 ZN ? I ZN . ? C ZN 102 ? 1_555 O  ? N HOH . ? C HOH 228 ? 1_555 72.6  ? 
49 O  ? N HOH . ? C HOH 213 ? 1_555 ZN ? I ZN . ? C ZN 102 ? 1_555 O  ? N HOH . ? C HOH 228 ? 1_555 166.2 ? 
50 O  ? N HOH . ? C HOH 219 ? 1_555 ZN ? I ZN . ? C ZN 102 ? 1_555 O  ? N HOH . ? C HOH 228 ? 1_555 92.2  ? 
51 N7 ? B DG  6 ? C DG  6   ? 1_555 ZN ? I ZN . ? C ZN 102 ? 1_555 O  ? N HOH . ? C HOH 234 ? 1_555 155.1 ? 
52 O  ? N HOH . ? C HOH 209 ? 1_555 ZN ? I ZN . ? C ZN 102 ? 1_555 O  ? N HOH . ? C HOH 234 ? 1_555 58.5  ? 
53 O  ? N HOH . ? C HOH 213 ? 1_555 ZN ? I ZN . ? C ZN 102 ? 1_555 O  ? N HOH . ? C HOH 234 ? 1_555 80.2  ? 
54 O  ? N HOH . ? C HOH 219 ? 1_555 ZN ? I ZN . ? C ZN 102 ? 1_555 O  ? N HOH . ? C HOH 234 ? 1_555 101.2 ? 
55 O  ? N HOH . ? C HOH 228 ? 1_555 ZN ? I ZN . ? C ZN 102 ? 1_555 O  ? N HOH . ? C HOH 234 ? 1_555 86.7  ? 
# 
loop_
_pdbx_modification_feature.ordinal 
_pdbx_modification_feature.label_comp_id 
_pdbx_modification_feature.label_asym_id 
_pdbx_modification_feature.label_seq_id 
_pdbx_modification_feature.label_alt_id 
_pdbx_modification_feature.modified_residue_label_comp_id 
_pdbx_modification_feature.modified_residue_label_asym_id 
_pdbx_modification_feature.modified_residue_label_seq_id 
_pdbx_modification_feature.modified_residue_label_alt_id 
_pdbx_modification_feature.auth_comp_id 
_pdbx_modification_feature.auth_asym_id 
_pdbx_modification_feature.auth_seq_id 
_pdbx_modification_feature.PDB_ins_code 
_pdbx_modification_feature.symmetry 
_pdbx_modification_feature.modified_residue_auth_comp_id 
_pdbx_modification_feature.modified_residue_auth_asym_id 
_pdbx_modification_feature.modified_residue_auth_seq_id 
_pdbx_modification_feature.modified_residue_PDB_ins_code 
_pdbx_modification_feature.modified_residue_symmetry 
_pdbx_modification_feature.comp_id_linking_atom 
_pdbx_modification_feature.modified_residue_id_linking_atom 
_pdbx_modification_feature.modified_residue_id 
_pdbx_modification_feature.ref_pcm_id 
_pdbx_modification_feature.ref_comp_id 
_pdbx_modification_feature.type 
_pdbx_modification_feature.category 
1  NSF C 1  ? . . . . NSF B 1  ? 1_555 . . . . . . . ? 1 NSF None 'Non-standard residue' 
2  NR0 C 2  ? . . . . NR0 B 2  ? 1_555 . . . . . . . ? 1 NR0 None 'Non-standard residue' 
3  NSU C 3  ? . . . . NSU B 3  ? 1_555 . . . . . . . ? 1 NSU None 'Non-standard residue' 
4  NRL C 4  ? . . . . NRL B 4  ? 1_555 . . . . . . . ? 1 NRL None 'Non-standard residue' 
5  NR0 C 5  ? . . . . NR0 B 5  ? 1_555 . . . . . . . ? 1 NR0 None 'Non-standard residue' 
6  NRL C 6  ? . . . . NRL B 6  ? 1_555 . . . . . . . ? 1 NRL None 'Non-standard residue' 
7  NR0 C 7  ? . . . . NR0 B 7  ? 1_555 . . . . . . . ? 1 NR0 None 'Non-standard residue' 
8  NSU C 8  ? . . . . NSU B 8  ? 1_555 . . . . . . . ? 1 NSU None 'Non-standard residue' 
9  NRL C 9  ? . . . . NRL B 9  ? 1_555 . . . . . . . ? 1 NRL None 'Non-standard residue' 
10 XDV C 10 ? . . . . XDV B 10 ? 1_555 . . . . . . . ? 1 XDV None 'Non-standard residue' 
11 NSF D 1  ? . . . . NSF D 1  ? 1_555 . . . . . . . ? 1 NSF None 'Non-standard residue' 
12 NR0 D 2  ? . . . . NR0 D 2  ? 1_555 . . . . . . . ? 1 NR0 None 'Non-standard residue' 
13 NSU D 3  ? . . . . NSU D 3  ? 1_555 . . . . . . . ? 1 NSU None 'Non-standard residue' 
14 NRL D 4  ? . . . . NRL D 4  ? 1_555 . . . . . . . ? 1 NRL None 'Non-standard residue' 
15 NR0 D 5  ? . . . . NR0 D 5  ? 1_555 . . . . . . . ? 1 NR0 None 'Non-standard residue' 
16 NRL D 6  ? . . . . NRL D 6  ? 1_555 . . . . . . . ? 1 NRL None 'Non-standard residue' 
17 NR0 D 7  ? . . . . NR0 D 7  ? 1_555 . . . . . . . ? 1 NR0 None 'Non-standard residue' 
18 NSU D 8  ? . . . . NSU D 8  ? 1_555 . . . . . . . ? 1 NSU None 'Non-standard residue' 
19 NRL D 9  ? . . . . NRL D 9  ? 1_555 . . . . . . . ? 1 NRL None 'Non-standard residue' 
20 XDV D 10 ? . . . . XDV D 10 ? 1_555 . . . . . . . ? 1 XDV None 'Non-standard residue' 
# 
_pdbx_entry_details.entry_id                   7UID 
_pdbx_entry_details.nonpolymer_details         ? 
_pdbx_entry_details.sequence_details           ? 
_pdbx_entry_details.compound_details           ? 
_pdbx_entry_details.source_details             ? 
_pdbx_entry_details.has_ligand_of_interest     N 
_pdbx_entry_details.has_protein_modification   Y 
# 
loop_
_pdbx_validate_rmsd_angle.id 
_pdbx_validate_rmsd_angle.PDB_model_num 
_pdbx_validate_rmsd_angle.auth_atom_id_1 
_pdbx_validate_rmsd_angle.auth_asym_id_1 
_pdbx_validate_rmsd_angle.auth_comp_id_1 
_pdbx_validate_rmsd_angle.auth_seq_id_1 
_pdbx_validate_rmsd_angle.PDB_ins_code_1 
_pdbx_validate_rmsd_angle.label_alt_id_1 
_pdbx_validate_rmsd_angle.auth_atom_id_2 
_pdbx_validate_rmsd_angle.auth_asym_id_2 
_pdbx_validate_rmsd_angle.auth_comp_id_2 
_pdbx_validate_rmsd_angle.auth_seq_id_2 
_pdbx_validate_rmsd_angle.PDB_ins_code_2 
_pdbx_validate_rmsd_angle.label_alt_id_2 
_pdbx_validate_rmsd_angle.auth_atom_id_3 
_pdbx_validate_rmsd_angle.auth_asym_id_3 
_pdbx_validate_rmsd_angle.auth_comp_id_3 
_pdbx_validate_rmsd_angle.auth_seq_id_3 
_pdbx_validate_rmsd_angle.PDB_ins_code_3 
_pdbx_validate_rmsd_angle.label_alt_id_3 
_pdbx_validate_rmsd_angle.angle_value 
_pdbx_validate_rmsd_angle.angle_target_value 
_pdbx_validate_rmsd_angle.angle_deviation 
_pdbx_validate_rmsd_angle.angle_standard_deviation 
_pdbx_validate_rmsd_angle.linker_flag 
1  1 CA B NR0 2 ? ? C B NR0 2 ? ? N  B NSU 3 ? ? 97.47  117.20 -19.73 2.20 Y 
2  1 CA B NSU 3 ? ? C B NSU 3 ? ? N  B NRL 4 ? ? 93.58  117.20 -23.62 2.20 Y 
3  1 CA B NRL 4 ? ? C B NRL 4 ? ? N  B NR0 5 ? ? 96.06  117.20 -21.14 2.20 Y 
4  1 O  B NRL 4 ? ? C B NRL 4 ? ? N  B NR0 5 ? ? 133.94 122.70 11.24  1.60 Y 
5  1 CA B NR0 5 ? ? C B NR0 5 ? ? N  B NRL 6 ? ? 102.80 117.20 -14.40 2.20 Y 
6  1 CA B NRL 6 ? ? C B NRL 6 ? ? N  B NR0 7 ? ? 93.09  117.20 -24.11 2.20 Y 
7  1 CA B NR0 7 ? ? C B NR0 7 ? ? N  B NSU 8 ? ? 102.75 117.20 -14.45 2.20 Y 
8  1 CA B NSU 8 ? ? C B NSU 8 ? ? N  B NRL 9 ? ? 100.78 117.20 -16.42 2.20 Y 
9  1 CA D NSF 1 ? ? C D NSF 1 ? ? N  D NR0 2 ? ? 133.43 117.20 16.23  2.20 Y 
10 1 CA D NR0 2 ? ? C D NR0 2 ? ? N  D NSU 3 ? ? 96.53  117.20 -20.67 2.20 Y 
11 1 CA D NSU 3 ? ? C D NSU 3 ? ? N  D NRL 4 ? ? 98.04  117.20 -19.16 2.20 Y 
12 1 CA D NRL 4 ? ? C D NRL 4 ? ? N  D NR0 5 ? ? 93.84  117.20 -23.36 2.20 Y 
13 1 O  D NRL 4 ? ? C D NRL 4 ? ? N  D NR0 5 ? ? 134.80 122.70 12.10  1.60 Y 
14 1 CA D NRL 6 ? ? C D NRL 6 ? ? N  D NR0 7 ? ? 98.55  117.20 -18.65 2.20 Y 
15 1 O  D NRL 6 ? ? C D NRL 6 ? ? N  D NR0 7 ? ? 102.08 122.70 -20.62 1.60 Y 
16 1 C  D NRL 6 ? ? N D NR0 7 ? ? CA D NR0 7 ? ? 147.08 121.70 25.38  2.50 Y 
17 1 O  D NR0 7 ? ? C D NR0 7 ? ? N  D NSU 8 ? ? 108.34 122.70 -14.36 1.60 Y 
18 1 C  D NR0 7 ? ? N D NSU 8 ? ? CA D NSU 8 ? ? 159.67 121.70 37.97  2.50 Y 
19 1 CA D NSU 8 ? ? C D NSU 8 ? ? N  D NRL 9 ? ? 90.97  117.20 -26.23 2.20 Y 
# 
loop_
_pdbx_validate_peptide_omega.id 
_pdbx_validate_peptide_omega.PDB_model_num 
_pdbx_validate_peptide_omega.auth_comp_id_1 
_pdbx_validate_peptide_omega.auth_asym_id_1 
_pdbx_validate_peptide_omega.auth_seq_id_1 
_pdbx_validate_peptide_omega.PDB_ins_code_1 
_pdbx_validate_peptide_omega.label_alt_id_1 
_pdbx_validate_peptide_omega.auth_comp_id_2 
_pdbx_validate_peptide_omega.auth_asym_id_2 
_pdbx_validate_peptide_omega.auth_seq_id_2 
_pdbx_validate_peptide_omega.PDB_ins_code_2 
_pdbx_validate_peptide_omega.label_alt_id_2 
_pdbx_validate_peptide_omega.omega 
1 1 NR0 B 2 ? ? NSU B 3 ? ? -142.33 
2 1 NSU B 3 ? ? NRL B 4 ? ? -147.84 
3 1 NR0 B 5 ? ? NRL B 6 ? ? -149.82 
4 1 NR0 B 7 ? ? NSU B 8 ? ? -138.64 
5 1 NR0 D 5 ? ? NRL D 6 ? ? -149.58 
# 
loop_
_pdbx_validate_main_chain_plane.id 
_pdbx_validate_main_chain_plane.PDB_model_num 
_pdbx_validate_main_chain_plane.auth_comp_id 
_pdbx_validate_main_chain_plane.auth_asym_id 
_pdbx_validate_main_chain_plane.auth_seq_id 
_pdbx_validate_main_chain_plane.PDB_ins_code 
_pdbx_validate_main_chain_plane.label_alt_id 
_pdbx_validate_main_chain_plane.improper_torsion_angle 
1 1 NSF B 1 ? ? -12.65 
2 1 NR0 B 2 ? ? 12.02  
3 1 NSU B 3 ? ? 22.11  
4 1 NSU B 8 ? ? 15.39  
5 1 NR0 D 2 ? ? 12.64  
6 1 NSU D 3 ? ? 20.04  
7 1 NRL D 6 ? ? 25.88  
8 1 NSU D 8 ? ? 15.07  
# 
loop_
_chem_comp_atom.comp_id 
_chem_comp_atom.atom_id 
_chem_comp_atom.type_symbol 
_chem_comp_atom.pdbx_aromatic_flag 
_chem_comp_atom.pdbx_stereo_config 
_chem_comp_atom.pdbx_ordinal 
CL  CL     CL N N 1   
DA  OP3    O  N N 2   
DA  P      P  N N 3   
DA  OP1    O  N N 4   
DA  OP2    O  N N 5   
DA  "O5'"  O  N N 6   
DA  "C5'"  C  N N 7   
DA  "C4'"  C  N R 8   
DA  "O4'"  O  N N 9   
DA  "C3'"  C  N S 10  
DA  "O3'"  O  N N 11  
DA  "C2'"  C  N N 12  
DA  "C1'"  C  N R 13  
DA  N9     N  Y N 14  
DA  C8     C  Y N 15  
DA  N7     N  Y N 16  
DA  C5     C  Y N 17  
DA  C6     C  Y N 18  
DA  N6     N  N N 19  
DA  N1     N  Y N 20  
DA  C2     C  Y N 21  
DA  N3     N  Y N 22  
DA  C4     C  Y N 23  
DA  HOP3   H  N N 24  
DA  HOP2   H  N N 25  
DA  "H5'"  H  N N 26  
DA  "H5''" H  N N 27  
DA  "H4'"  H  N N 28  
DA  "H3'"  H  N N 29  
DA  "HO3'" H  N N 30  
DA  "H2'"  H  N N 31  
DA  "H2''" H  N N 32  
DA  "H1'"  H  N N 33  
DA  H8     H  N N 34  
DA  H61    H  N N 35  
DA  H62    H  N N 36  
DA  H2     H  N N 37  
DG  OP3    O  N N 38  
DG  P      P  N N 39  
DG  OP1    O  N N 40  
DG  OP2    O  N N 41  
DG  "O5'"  O  N N 42  
DG  "C5'"  C  N N 43  
DG  "C4'"  C  N R 44  
DG  "O4'"  O  N N 45  
DG  "C3'"  C  N S 46  
DG  "O3'"  O  N N 47  
DG  "C2'"  C  N N 48  
DG  "C1'"  C  N R 49  
DG  N9     N  Y N 50  
DG  C8     C  Y N 51  
DG  N7     N  Y N 52  
DG  C5     C  Y N 53  
DG  C6     C  N N 54  
DG  O6     O  N N 55  
DG  N1     N  N N 56  
DG  C2     C  N N 57  
DG  N2     N  N N 58  
DG  N3     N  N N 59  
DG  C4     C  Y N 60  
DG  HOP3   H  N N 61  
DG  HOP2   H  N N 62  
DG  "H5'"  H  N N 63  
DG  "H5''" H  N N 64  
DG  "H4'"  H  N N 65  
DG  "H3'"  H  N N 66  
DG  "HO3'" H  N N 67  
DG  "H2'"  H  N N 68  
DG  "H2''" H  N N 69  
DG  "H1'"  H  N N 70  
DG  H8     H  N N 71  
DG  H1     H  N N 72  
DG  H21    H  N N 73  
DG  H22    H  N N 74  
DT  OP3    O  N N 75  
DT  P      P  N N 76  
DT  OP1    O  N N 77  
DT  OP2    O  N N 78  
DT  "O5'"  O  N N 79  
DT  "C5'"  C  N N 80  
DT  "C4'"  C  N R 81  
DT  "O4'"  O  N N 82  
DT  "C3'"  C  N S 83  
DT  "O3'"  O  N N 84  
DT  "C2'"  C  N N 85  
DT  "C1'"  C  N R 86  
DT  N1     N  N N 87  
DT  C2     C  N N 88  
DT  O2     O  N N 89  
DT  N3     N  N N 90  
DT  C4     C  N N 91  
DT  O4     O  N N 92  
DT  C5     C  N N 93  
DT  C7     C  N N 94  
DT  C6     C  N N 95  
DT  HOP3   H  N N 96  
DT  HOP2   H  N N 97  
DT  "H5'"  H  N N 98  
DT  "H5''" H  N N 99  
DT  "H4'"  H  N N 100 
DT  "H3'"  H  N N 101 
DT  "HO3'" H  N N 102 
DT  "H2'"  H  N N 103 
DT  "H2''" H  N N 104 
DT  "H1'"  H  N N 105 
DT  H3     H  N N 106 
DT  H71    H  N N 107 
DT  H72    H  N N 108 
DT  H73    H  N N 109 
DT  H6     H  N N 110 
HOH O      O  N N 111 
HOH H1     H  N N 112 
HOH H2     H  N N 113 
NR0 C10    C  N N 114 
NR0 C11    C  N N 115 
NR0 C12    C  N N 116 
NR0 C14    C  Y N 117 
NR0 C16    C  Y N 118 
NR0 C17    C  Y N 119 
NR0 C18    C  Y N 120 
NR0 C21    C  Y N 121 
NR0 C      C  N N 122 
NR0 C03    C  N N 123 
NR0 C05    C  N R 124 
NR0 CA     C  N R 125 
NR0 C08    C  N N 126 
NR0 N04    N  N N 127 
NR0 N      N  N N 128 
NR0 N13    N  Y N 129 
NR0 N15    N  Y N 130 
NR0 N19    N  N N 131 
NR0 N20    N  Y N 132 
NR0 N22    N  Y N 133 
NR0 O      O  N N 134 
NR0 O09    O  N N 135 
NR0 O23    O  N N 136 
NR0 H102   H  N N 137 
NR0 H101   H  N N 138 
NR0 H121   H  N N 139 
NR0 H122   H  N N 140 
NR0 H141   H  N N 141 
NR0 H211   H  N N 142 
NR0 OXT    O  N N 143 
NR0 H032   H  N N 144 
NR0 H031   H  N N 145 
NR0 H051   H  N N 146 
NR0 HA     H  N N 147 
NR0 H081   H  N N 148 
NR0 H082   H  N N 149 
NR0 H      H  N N 150 
NR0 H2     H  N N 151 
NR0 H191   H  N N 152 
NR0 H192   H  N N 153 
NR0 HXT    H  N N 154 
NRL C10    C  N N 155 
NRL C14    C  N N 156 
NRL C17    C  N N 157 
NRL C18    C  N N 158 
NRL O21    O  N N 159 
NRL C      C  N N 160 
NRL C03    C  N N 161 
NRL C05    C  N R 162 
NRL CA     C  N R 163 
NRL C08    C  N N 164 
NRL C11    C  N N 165 
NRL C12    C  N N 166 
NRL C16    C  N N 167 
NRL N04    N  N N 168 
NRL N      N  N N 169 
NRL N13    N  N N 170 
NRL N15    N  N N 171 
NRL N19    N  N N 172 
NRL O      O  N N 173 
NRL O09    O  N N 174 
NRL O22    O  N N 175 
NRL H101   H  N N 176 
NRL H102   H  N N 177 
NRL H171   H  N N 178 
NRL H181   H  N N 179 
NRL HXT    H  N N 180 
NRL H032   H  N N 181 
NRL H031   H  N N 182 
NRL H051   H  N N 183 
NRL HA     H  N N 184 
NRL H082   H  N N 185 
NRL H081   H  N N 186 
NRL H122   H  N N 187 
NRL H121   H  N N 188 
NRL H      H  N N 189 
NRL H2     H  N N 190 
NRL H192   H  N N 191 
NRL H191   H  N N 192 
NRL OXT    O  N N 193 
NSF C10    C  N N 194 
NSF C12    C  N N 195 
NSF C11    C  N N 196 
NSF C16    C  N N 197 
NSF C14    C  N N 198 
NSF C17    C  N N 199 
NSF C18    C  N N 200 
NSF C      C  N N 201 
NSF C03    C  N N 202 
NSF C05    C  N R 203 
NSF CA     C  N R 204 
NSF C08    C  N N 205 
NSF O09    O  N N 206 
NSF N04    N  N N 207 
NSF N      N  N N 208 
NSF N13    N  N N 209 
NSF N15    N  N N 210 
NSF O      O  N N 211 
NSF O20    O  N N 212 
NSF O21    O  N N 213 
NSF O22    O  N N 214 
NSF I1     I  N N 215 
NSF H102   H  N N 216 
NSF H101   H  N N 217 
NSF H122   H  N N 218 
NSF H121   H  N N 219 
NSF H181   H  N N 220 
NSF HXT    H  N N 221 
NSF H031   H  N N 222 
NSF H032   H  N N 223 
NSF H051   H  N N 224 
NSF HA     H  N N 225 
NSF H082   H  N N 226 
NSF H081   H  N N 227 
NSF H      H  N N 228 
NSF H2     H  N N 229 
NSF H151   H  N N 230 
NSF OXT    O  N N 231 
NSU C10    C  N N 232 
NSU C      C  N N 233 
NSU C03    C  N N 234 
NSU C05    C  N R 235 
NSU CA     C  N R 236 
NSU C08    C  N N 237 
NSU O09    O  N N 238 
NSU C11    C  N N 239 
NSU C12    C  N N 240 
NSU C14    C  N N 241 
NSU C16    C  N N 242 
NSU C17    C  N N 243 
NSU C18    C  N N 244 
NSU C19    C  N N 245 
NSU N04    N  N N 246 
NSU N      N  N N 247 
NSU N13    N  N N 248 
NSU N15    N  N N 249 
NSU O      O  N N 250 
NSU O20    O  N N 251 
NSU O21    O  N N 252 
NSU O22    O  N N 253 
NSU H102   H  N N 254 
NSU H101   H  N N 255 
NSU HXT    H  N N 256 
NSU H031   H  N N 257 
NSU H032   H  N N 258 
NSU H051   H  N N 259 
NSU HA     H  N N 260 
NSU H082   H  N N 261 
NSU H081   H  N N 262 
NSU H121   H  N N 263 
NSU H122   H  N N 264 
NSU H181   H  N N 265 
NSU H192   H  N N 266 
NSU H193   H  N N 267 
NSU H191   H  N N 268 
NSU H      H  N N 269 
NSU H2     H  N N 270 
NSU H151   H  N N 271 
NSU OXT    O  N N 272 
XDV N10    N  N N 273 
XDV C02    C  N N 274 
XDV C03    C  N N 275 
XDV C05    C  N N 276 
XDV C06    C  N N 277 
XDV C08    C  N N 278 
XDV C09    C  N N 279 
XDV N01    N  N N 280 
XDV O04    O  N N 281 
XDV O07    O  N N 282 
XDV O11    O  N N 283 
XDV H101   H  N N 284 
XDV H102   H  N N 285 
XDV H021   H  N N 286 
XDV H022   H  N N 287 
XDV H032   H  N N 288 
XDV H031   H  N N 289 
XDV H052   H  N N 290 
XDV H051   H  N N 291 
XDV H062   H  N N 292 
XDV H061   H  N N 293 
XDV H082   H  N N 294 
XDV H081   H  N N 295 
XDV H1     H  N N 296 
XDV H2     H  N N 297 
ZN  ZN     ZN N N 298 
# 
loop_
_chem_comp_bond.comp_id 
_chem_comp_bond.atom_id_1 
_chem_comp_bond.atom_id_2 
_chem_comp_bond.value_order 
_chem_comp_bond.pdbx_aromatic_flag 
_chem_comp_bond.pdbx_stereo_config 
_chem_comp_bond.pdbx_ordinal 
DA  OP3   P      sing N N 1   
DA  OP3   HOP3   sing N N 2   
DA  P     OP1    doub N N 3   
DA  P     OP2    sing N N 4   
DA  P     "O5'"  sing N N 5   
DA  OP2   HOP2   sing N N 6   
DA  "O5'" "C5'"  sing N N 7   
DA  "C5'" "C4'"  sing N N 8   
DA  "C5'" "H5'"  sing N N 9   
DA  "C5'" "H5''" sing N N 10  
DA  "C4'" "O4'"  sing N N 11  
DA  "C4'" "C3'"  sing N N 12  
DA  "C4'" "H4'"  sing N N 13  
DA  "O4'" "C1'"  sing N N 14  
DA  "C3'" "O3'"  sing N N 15  
DA  "C3'" "C2'"  sing N N 16  
DA  "C3'" "H3'"  sing N N 17  
DA  "O3'" "HO3'" sing N N 18  
DA  "C2'" "C1'"  sing N N 19  
DA  "C2'" "H2'"  sing N N 20  
DA  "C2'" "H2''" sing N N 21  
DA  "C1'" N9     sing N N 22  
DA  "C1'" "H1'"  sing N N 23  
DA  N9    C8     sing Y N 24  
DA  N9    C4     sing Y N 25  
DA  C8    N7     doub Y N 26  
DA  C8    H8     sing N N 27  
DA  N7    C5     sing Y N 28  
DA  C5    C6     sing Y N 29  
DA  C5    C4     doub Y N 30  
DA  C6    N6     sing N N 31  
DA  C6    N1     doub Y N 32  
DA  N6    H61    sing N N 33  
DA  N6    H62    sing N N 34  
DA  N1    C2     sing Y N 35  
DA  C2    N3     doub Y N 36  
DA  C2    H2     sing N N 37  
DA  N3    C4     sing Y N 38  
DG  OP3   P      sing N N 39  
DG  OP3   HOP3   sing N N 40  
DG  P     OP1    doub N N 41  
DG  P     OP2    sing N N 42  
DG  P     "O5'"  sing N N 43  
DG  OP2   HOP2   sing N N 44  
DG  "O5'" "C5'"  sing N N 45  
DG  "C5'" "C4'"  sing N N 46  
DG  "C5'" "H5'"  sing N N 47  
DG  "C5'" "H5''" sing N N 48  
DG  "C4'" "O4'"  sing N N 49  
DG  "C4'" "C3'"  sing N N 50  
DG  "C4'" "H4'"  sing N N 51  
DG  "O4'" "C1'"  sing N N 52  
DG  "C3'" "O3'"  sing N N 53  
DG  "C3'" "C2'"  sing N N 54  
DG  "C3'" "H3'"  sing N N 55  
DG  "O3'" "HO3'" sing N N 56  
DG  "C2'" "C1'"  sing N N 57  
DG  "C2'" "H2'"  sing N N 58  
DG  "C2'" "H2''" sing N N 59  
DG  "C1'" N9     sing N N 60  
DG  "C1'" "H1'"  sing N N 61  
DG  N9    C8     sing Y N 62  
DG  N9    C4     sing Y N 63  
DG  C8    N7     doub Y N 64  
DG  C8    H8     sing N N 65  
DG  N7    C5     sing Y N 66  
DG  C5    C6     sing N N 67  
DG  C5    C4     doub Y N 68  
DG  C6    O6     doub N N 69  
DG  C6    N1     sing N N 70  
DG  N1    C2     sing N N 71  
DG  N1    H1     sing N N 72  
DG  C2    N2     sing N N 73  
DG  C2    N3     doub N N 74  
DG  N2    H21    sing N N 75  
DG  N2    H22    sing N N 76  
DG  N3    C4     sing N N 77  
DT  OP3   P      sing N N 78  
DT  OP3   HOP3   sing N N 79  
DT  P     OP1    doub N N 80  
DT  P     OP2    sing N N 81  
DT  P     "O5'"  sing N N 82  
DT  OP2   HOP2   sing N N 83  
DT  "O5'" "C5'"  sing N N 84  
DT  "C5'" "C4'"  sing N N 85  
DT  "C5'" "H5'"  sing N N 86  
DT  "C5'" "H5''" sing N N 87  
DT  "C4'" "O4'"  sing N N 88  
DT  "C4'" "C3'"  sing N N 89  
DT  "C4'" "H4'"  sing N N 90  
DT  "O4'" "C1'"  sing N N 91  
DT  "C3'" "O3'"  sing N N 92  
DT  "C3'" "C2'"  sing N N 93  
DT  "C3'" "H3'"  sing N N 94  
DT  "O3'" "HO3'" sing N N 95  
DT  "C2'" "C1'"  sing N N 96  
DT  "C2'" "H2'"  sing N N 97  
DT  "C2'" "H2''" sing N N 98  
DT  "C1'" N1     sing N N 99  
DT  "C1'" "H1'"  sing N N 100 
DT  N1    C2     sing N N 101 
DT  N1    C6     sing N N 102 
DT  C2    O2     doub N N 103 
DT  C2    N3     sing N N 104 
DT  N3    C4     sing N N 105 
DT  N3    H3     sing N N 106 
DT  C4    O4     doub N N 107 
DT  C4    C5     sing N N 108 
DT  C5    C7     sing N N 109 
DT  C5    C6     doub N N 110 
DT  C7    H71    sing N N 111 
DT  C7    H72    sing N N 112 
DT  C7    H73    sing N N 113 
DT  C6    H6     sing N N 114 
HOH O     H1     sing N N 115 
HOH O     H2     sing N N 116 
NR0 O     C      doub N N 117 
NR0 C     C03    sing N N 118 
NR0 C03   N04    sing N N 119 
NR0 C10   O09    sing N N 120 
NR0 C10   C05    sing N N 121 
NR0 N04   C05    sing N N 122 
NR0 N04   C11    sing N N 123 
NR0 O09   C08    sing N N 124 
NR0 O23   C11    doub N N 125 
NR0 C05   CA     sing N N 126 
NR0 C11   C12    sing N N 127 
NR0 CA    C08    sing N N 128 
NR0 CA    N      sing N N 129 
NR0 C21   N22    doub Y N 130 
NR0 C21   N20    sing Y N 131 
NR0 N22   C16    sing Y N 132 
NR0 N20   C18    doub Y N 133 
NR0 C12   N13    sing N N 134 
NR0 C16   N13    sing Y N 135 
NR0 C16   C17    doub Y N 136 
NR0 N13   C14    sing Y N 137 
NR0 C18   C17    sing Y N 138 
NR0 C18   N19    sing N N 139 
NR0 C17   N15    sing Y N 140 
NR0 C14   N15    doub Y N 141 
NR0 C10   H102   sing N N 142 
NR0 C10   H101   sing N N 143 
NR0 C12   H121   sing N N 144 
NR0 C12   H122   sing N N 145 
NR0 C14   H141   sing N N 146 
NR0 C21   H211   sing N N 147 
NR0 C     OXT    sing N N 148 
NR0 C03   H032   sing N N 149 
NR0 C03   H031   sing N N 150 
NR0 C05   H051   sing N N 151 
NR0 CA    HA     sing N N 152 
NR0 C08   H081   sing N N 153 
NR0 C08   H082   sing N N 154 
NR0 N     H      sing N N 155 
NR0 N     H2     sing N N 156 
NR0 N19   H191   sing N N 157 
NR0 N19   H192   sing N N 158 
NR0 OXT   HXT    sing N N 159 
NRL O     C      doub N N 160 
NRL C     C03    sing N N 161 
NRL C03   N04    sing N N 162 
NRL O09   C10    sing N N 163 
NRL O09   C08    sing N N 164 
NRL C10   C05    sing N N 165 
NRL C08   CA     sing N N 166 
NRL CA    C05    sing N N 167 
NRL CA    N      sing N N 168 
NRL N04   C05    sing N N 169 
NRL N04   C11    sing N N 170 
NRL O22   C11    doub N N 171 
NRL C11   C12    sing N N 172 
NRL C12   N13    sing N N 173 
NRL O21   C14    doub N N 174 
NRL N13   C14    sing N N 175 
NRL N13   C18    sing N N 176 
NRL C14   N15    sing N N 177 
NRL C18   C17    doub N N 178 
NRL N15   C16    doub N N 179 
NRL C17   C16    sing N N 180 
NRL C16   N19    sing N N 181 
NRL C10   H101   sing N N 182 
NRL C10   H102   sing N N 183 
NRL C17   H171   sing N N 184 
NRL C18   H181   sing N N 185 
NRL C03   H032   sing N N 186 
NRL C03   H031   sing N N 187 
NRL C05   H051   sing N N 188 
NRL CA    HA     sing N N 189 
NRL C08   H082   sing N N 190 
NRL C08   H081   sing N N 191 
NRL C12   H122   sing N N 192 
NRL C12   H121   sing N N 193 
NRL N     H      sing N N 194 
NRL N     H2     sing N N 195 
NRL N19   H192   sing N N 196 
NRL N19   H191   sing N N 197 
NRL C     OXT    sing N N 198 
NRL OXT   HXT    sing N N 199 
NSF O20   C16    doub N N 200 
NSF N15   C16    sing N N 201 
NSF N15   C14    sing N N 202 
NSF O21   C14    doub N N 203 
NSF C16   C17    sing N N 204 
NSF C14   N13    sing N N 205 
NSF O     C      doub N N 206 
NSF C17   C18    doub N N 207 
NSF C17   I1     sing N N 208 
NSF N13   C18    sing N N 209 
NSF N13   C12    sing N N 210 
NSF C12   C11    sing N N 211 
NSF C     C03    sing N N 212 
NSF O22   C11    doub N N 213 
NSF C11   N04    sing N N 214 
NSF N04   C03    sing N N 215 
NSF N04   C05    sing N N 216 
NSF C10   C05    sing N N 217 
NSF C10   O09    sing N N 218 
NSF C05   CA     sing N N 219 
NSF O09   C08    sing N N 220 
NSF CA    C08    sing N N 221 
NSF CA    N      sing N N 222 
NSF C10   H102   sing N N 223 
NSF C10   H101   sing N N 224 
NSF C12   H122   sing N N 225 
NSF C12   H121   sing N N 226 
NSF C18   H181   sing N N 227 
NSF C03   H031   sing N N 228 
NSF C03   H032   sing N N 229 
NSF C05   H051   sing N N 230 
NSF CA    HA     sing N N 231 
NSF C08   H082   sing N N 232 
NSF C08   H081   sing N N 233 
NSF N     H      sing N N 234 
NSF N     H2     sing N N 235 
NSF N15   H151   sing N N 236 
NSF C     OXT    sing N N 237 
NSF OXT   HXT    sing N N 238 
NSU O     C      doub N N 239 
NSU C     C03    sing N N 240 
NSU C03   N04    sing N N 241 
NSU C10   O09    sing N N 242 
NSU C10   C05    sing N N 243 
NSU N04   C05    sing N N 244 
NSU N04   C11    sing N N 245 
NSU O09   C08    sing N N 246 
NSU C05   CA     sing N N 247 
NSU CA    C08    sing N N 248 
NSU CA    N      sing N N 249 
NSU O22   C11    doub N N 250 
NSU C11   C12    sing N N 251 
NSU O21   C14    doub N N 252 
NSU C12   N13    sing N N 253 
NSU C14   N13    sing N N 254 
NSU C14   N15    sing N N 255 
NSU N13   C18    sing N N 256 
NSU N15   C16    sing N N 257 
NSU C18   C17    doub N N 258 
NSU C16   C17    sing N N 259 
NSU C16   O20    doub N N 260 
NSU C17   C19    sing N N 261 
NSU C10   H102   sing N N 262 
NSU C10   H101   sing N N 263 
NSU C03   H031   sing N N 264 
NSU C03   H032   sing N N 265 
NSU C05   H051   sing N N 266 
NSU CA    HA     sing N N 267 
NSU C08   H082   sing N N 268 
NSU C08   H081   sing N N 269 
NSU C12   H121   sing N N 270 
NSU C12   H122   sing N N 271 
NSU C18   H181   sing N N 272 
NSU C19   H192   sing N N 273 
NSU C19   H193   sing N N 274 
NSU C19   H191   sing N N 275 
NSU N     H      sing N N 276 
NSU N     H2     sing N N 277 
NSU N15   H151   sing N N 278 
NSU C     OXT    sing N N 279 
NSU OXT   HXT    sing N N 280 
XDV N01   C02    sing N N 281 
XDV C02   C03    sing N N 282 
XDV O04   C03    sing N N 283 
XDV O04   C05    sing N N 284 
XDV C05   C06    sing N N 285 
XDV C06   O07    sing N N 286 
XDV O07   C08    sing N N 287 
XDV C08   C09    sing N N 288 
XDV O11   C09    doub N N 289 
XDV C09   N10    sing N N 290 
XDV N10   H101   sing N N 291 
XDV N10   H102   sing N N 292 
XDV C02   H021   sing N N 293 
XDV C02   H022   sing N N 294 
XDV C03   H032   sing N N 295 
XDV C03   H031   sing N N 296 
XDV C05   H052   sing N N 297 
XDV C05   H051   sing N N 298 
XDV C06   H062   sing N N 299 
XDV C06   H061   sing N N 300 
XDV C08   H082   sing N N 301 
XDV C08   H081   sing N N 302 
XDV N01   H1     sing N N 303 
XDV N01   H2     sing N N 304 
# 
_ndb_struct_conf_na.entry_id   7UID 
_ndb_struct_conf_na.feature    'double helix' 
# 
_ndb_struct_na_base_pair.model_number      1 
_ndb_struct_na_base_pair.i_label_asym_id   A 
_ndb_struct_na_base_pair.i_label_comp_id   DA 
_ndb_struct_na_base_pair.i_label_seq_id    9 
_ndb_struct_na_base_pair.i_symmetry        1_555 
_ndb_struct_na_base_pair.j_label_asym_id   B 
_ndb_struct_na_base_pair.j_label_comp_id   DG 
_ndb_struct_na_base_pair.j_label_seq_id    1 
_ndb_struct_na_base_pair.j_symmetry        1_555 
_ndb_struct_na_base_pair.shear             -3.687 
_ndb_struct_na_base_pair.stretch           3.295 
_ndb_struct_na_base_pair.stagger           -1.316 
_ndb_struct_na_base_pair.buckle            1.755 
_ndb_struct_na_base_pair.propeller         27.478 
_ndb_struct_na_base_pair.opening           39.727 
_ndb_struct_na_base_pair.pair_number       1 
_ndb_struct_na_base_pair.pair_name         A_DA9:DG1_C 
_ndb_struct_na_base_pair.i_auth_asym_id    A 
_ndb_struct_na_base_pair.i_auth_seq_id     9 
_ndb_struct_na_base_pair.i_PDB_ins_code    ? 
_ndb_struct_na_base_pair.j_auth_asym_id    C 
_ndb_struct_na_base_pair.j_auth_seq_id     1 
_ndb_struct_na_base_pair.j_PDB_ins_code    ? 
_ndb_struct_na_base_pair.hbond_type_28     10 
_ndb_struct_na_base_pair.hbond_type_12     5 
# 
_pdbx_audit_support.funding_organization   
'National Institutes of Health/National Institute of Diabetes and Digestive and Kidney Disease (NIH/NIDDK)' 
_pdbx_audit_support.country                'United States' 
_pdbx_audit_support.grant_number           ZIA-DK031143 
_pdbx_audit_support.ordinal                1 
# 
_atom_sites.entry_id                    7UID 
_atom_sites.Cartn_transf_matrix[1][1]   ? 
_atom_sites.Cartn_transf_matrix[1][2]   ? 
_atom_sites.Cartn_transf_matrix[1][3]   ? 
_atom_sites.Cartn_transf_matrix[2][1]   ? 
_atom_sites.Cartn_transf_matrix[2][2]   ? 
_atom_sites.Cartn_transf_matrix[2][3]   ? 
_atom_sites.Cartn_transf_matrix[3][1]   ? 
_atom_sites.Cartn_transf_matrix[3][2]   ? 
_atom_sites.Cartn_transf_matrix[3][3]   ? 
_atom_sites.Cartn_transf_vector[1]      ? 
_atom_sites.Cartn_transf_vector[2]      ? 
_atom_sites.Cartn_transf_vector[3]      ? 
_atom_sites.fract_transf_matrix[1][1]   -0.00909653 
_atom_sites.fract_transf_matrix[1][2]   0.01100620 
_atom_sites.fract_transf_matrix[1][3]   0.01163829 
_atom_sites.fract_transf_matrix[2][1]   -0.00667144 
_atom_sites.fract_transf_matrix[2][2]   0.00726659 
_atom_sites.fract_transf_matrix[2][3]   -0.01208635 
_atom_sites.fract_transf_matrix[3][1]   -0.01062741 
_atom_sites.fract_transf_matrix[3][2]   -0.00916184 
_atom_sites.fract_transf_matrix[3][3]   0.00035782 
_atom_sites.fract_transf_vector[1]      0.629548 
_atom_sites.fract_transf_vector[2]      0.256053 
_atom_sites.fract_transf_vector[3]      0.440624 
_atom_sites.solution_primary            ? 
_atom_sites.solution_secondary          ? 
_atom_sites.solution_hydrogens          ? 
_atom_sites.special_details             ? 
# 
loop_
_atom_type.symbol 
C  
CL 
H  
I  
N  
O  
P  
ZN 
# 
loop_
_atom_site.group_PDB 
_atom_site.id 
_atom_site.type_symbol 
_atom_site.label_atom_id 
_atom_site.label_alt_id 
_atom_site.label_comp_id 
_atom_site.label_asym_id 
_atom_site.label_entity_id 
_atom_site.label_seq_id 
_atom_site.pdbx_PDB_ins_code 
_atom_site.Cartn_x 
_atom_site.Cartn_y 
_atom_site.Cartn_z 
_atom_site.occupancy 
_atom_site.B_iso_or_equiv 
_atom_site.pdbx_formal_charge 
_atom_site.auth_seq_id 
_atom_site.auth_comp_id 
_atom_site.auth_asym_id 
_atom_site.auth_atom_id 
_atom_site.pdbx_PDB_model_num 
ATOM   1   O  "O5'" . DG  A 1 1  ? 2.808   8.500   -24.955 1    22.48 ? 1   DG  A "O5'" 1 
ATOM   2   C  "C5'" . DG  A 1 1  ? 2.069   7.699   -25.829 1    21.21 ? 1   DG  A "C5'" 1 
ATOM   3   C  "C4'" . DG  A 1 1  ? 2.968   6.725   -26.589 1    20.65 ? 1   DG  A "C4'" 1 
ATOM   4   O  "O4'" . DG  A 1 1  ? 4.125   7.410   -27.131 1    19.25 ? 1   DG  A "O4'" 1 
ATOM   5   C  "C3'" . DG  A 1 1  ? 3.562   5.600   -25.762 1    21.08 ? 1   DG  A "C3'" 1 
ATOM   6   O  "O3'" . DG  A 1 1  ? 2.615   4.548   -25.655 1    23.17 ? 1   DG  A "O3'" 1 
ATOM   7   C  "C2'" . DG  A 1 1  ? 4.735   5.181   -26.638 1    19.31 ? 1   DG  A "C2'" 1 
ATOM   8   C  "C1'" . DG  A 1 1  ? 5.227   6.511   -27.188 1    17.96 ? 1   DG  A "C1'" 1 
ATOM   9   N  N9    . DG  A 1 1  ? 6.327   7.085   -26.415 1    16.76 ? 1   DG  A N9    1 
ATOM   10  C  C8    . DG  A 1 1  ? 6.270   8.207   -25.641 1    16.25 ? 1   DG  A C8    1 
ATOM   11  N  N7    . DG  A 1 1  ? 7.360   8.447   -24.990 1    16.18 ? 1   DG  A N7    1 
ATOM   12  C  C5    . DG  A 1 1  ? 8.198   7.398   -25.338 1    15.54 ? 1   DG  A C5    1 
ATOM   13  C  C6    . DG  A 1 1  ? 9.522   7.114   -24.926 1    14.59 ? 1   DG  A C6    1 
ATOM   14  O  O6    . DG  A 1 1  ? 10.268  7.813   -24.244 1    15.31 ? 1   DG  A O6    1 
ATOM   15  N  N1    . DG  A 1 1  ? 10.013  5.972   -25.533 1    14.05 ? 1   DG  A N1    1 
ATOM   16  C  C2    . DG  A 1 1  ? 9.285   5.165   -26.370 1    14.42 ? 1   DG  A C2    1 
ATOM   17  N  N2    . DG  A 1 1  ? 9.899   4.082   -26.822 1    14.23 ? 1   DG  A N2    1 
ATOM   18  N  N3    . DG  A 1 1  ? 8.016   5.370   -26.687 1    15.1  ? 1   DG  A N3    1 
ATOM   19  C  C4    . DG  A 1 1  ? 7.550   6.517   -26.160 1    15.75 ? 1   DG  A C4    1 
ATOM   20  P  P     . DA  A 1 2  ? 2.604   3.566   -24.382 1    25.21 ? 2   DA  A P     1 
ATOM   21  O  OP1   . DA  A 1 2  ? 1.338   2.806   -24.439 1    26.04 ? 2   DA  A OP1   1 
ATOM   22  O  OP2   . DA  A 1 2  ? 2.935   4.364   -23.170 1    24.06 ? 2   DA  A OP2   1 
ATOM   23  O  "O5'" . DA  A 1 2  ? 3.821   2.569   -24.688 1    25.5  ? 2   DA  A "O5'" 1 
ATOM   24  C  "C5'" . DA  A 1 2  ? 3.668   1.509   -25.625 1    25.86 ? 2   DA  A "C5'" 1 
ATOM   25  C  "C4'" . DA  A 1 2  ? 4.927   0.688   -25.682 1    26.31 ? 2   DA  A "C4'" 1 
ATOM   26  O  "O4'" . DA  A 1 2  ? 6.026   1.549   -26.079 1    26.09 ? 2   DA  A "O4'" 1 
ATOM   27  C  "C3'" . DA  A 1 2  ? 5.368   0.133   -24.339 1    27    ? 2   DA  A "C3'" 1 
ATOM   28  O  "O3'" . DA  A 1 2  ? 4.694   -1.109  -24.062 1    28.19 ? 2   DA  A "O3'" 1 
ATOM   29  C  "C2'" . DA  A 1 2  ? 6.857   -0.081  -24.580 1    26.31 ? 2   DA  A "C2'" 1 
ATOM   30  C  "C1'" . DA  A 1 2  ? 7.211   1.168   -25.382 1    25.29 ? 2   DA  A "C1'" 1 
ATOM   31  N  N9    . DA  A 1 2  ? 7.674   2.293   -24.554 1    22.73 ? 2   DA  A N9    1 
ATOM   32  C  C8    . DA  A 1 2  ? 7.001   3.450   -24.284 1    21.59 ? 2   DA  A C8    1 
ATOM   33  N  N7    . DA  A 1 2  ? 7.673   4.286   -23.524 1    20.85 ? 2   DA  A N7    1 
ATOM   34  C  C5    . DA  A 1 2  ? 8.875   3.631   -23.286 1    20.29 ? 2   DA  A C5    1 
ATOM   35  C  C6    . DA  A 1 2  ? 10.006  3.969   -22.516 1    18.92 ? 2   DA  A C6    1 
ATOM   36  N  N6    . DA  A 1 2  ? 10.153  5.151   -21.896 1    18.2  ? 2   DA  A N6    1 
ATOM   37  N  N1    . DA  A 1 2  ? 11.037  3.099   -22.516 1    18.98 ? 2   DA  A N1    1 
ATOM   38  C  C2    . DA  A 1 2  ? 10.885  1.911   -23.125 1    19.48 ? 2   DA  A C2    1 
ATOM   39  N  N3    . DA  A 1 2  ? 9.888   1.488   -23.887 1    20.35 ? 2   DA  A N3    1 
ATOM   40  C  C4    . DA  A 1 2  ? 8.892   2.401   -23.916 1    21.21 ? 2   DA  A C4    1 
ATOM   41  P  P     . DT  A 1 3  ? 4.521   -1.599  -22.543 1    29.41 ? 3   DT  A P     1 
ATOM   42  O  OP1   . DT  A 1 3  ? 3.612   -2.772  -22.551 1    29.73 ? 3   DT  A OP1   1 
ATOM   43  O  OP2   . DT  A 1 3  ? 4.215   -0.422  -21.704 1    30.03 ? 3   DT  A OP2   1 
ATOM   44  O  "O5'" . DT  A 1 3  ? 5.993   -2.082  -22.154 1    29.78 ? 3   DT  A "O5'" 1 
ATOM   45  C  "C5'" . DT  A 1 3  ? 6.533   -3.254  -22.744 1    29.6  ? 3   DT  A "C5'" 1 
ATOM   46  C  "C4'" . DT  A 1 3  ? 7.982   -3.413  -22.352 1    29.76 ? 3   DT  A "C4'" 1 
ATOM   47  O  "O4'" . DT  A 1 3  ? 8.658   -2.160  -22.568 1    29.67 ? 3   DT  A "O4'" 1 
ATOM   48  C  "C3'" . DT  A 1 3  ? 8.231   -3.685  -20.882 1    30.13 ? 3   DT  A "C3'" 1 
ATOM   49  O  "O3'" . DT  A 1 3  ? 8.059   -5.069  -20.581 1    30.96 ? 3   DT  A "O3'" 1 
ATOM   50  C  "C2'" . DT  A 1 3  ? 9.692   -3.285  -20.761 1    29.59 ? 3   DT  A "C2'" 1 
ATOM   51  C  "C1'" . DT  A 1 3  ? 9.765   -2.075  -21.696 1    28.58 ? 3   DT  A "C1'" 1 
ATOM   52  N  N1    . DT  A 1 3  ? 9.710   -0.781  -20.991 1    26.69 ? 3   DT  A N1    1 
ATOM   53  C  C2    . DT  A 1 3  ? 10.791  -0.386  -20.238 1    25.39 ? 3   DT  A C2    1 
ATOM   54  O  O2    . DT  A 1 3  ? 11.816  -1.048  -20.134 1    25.49 ? 3   DT  A O2    1 
ATOM   55  N  N3    . DT  A 1 3  ? 10.652  0.835   -19.646 1    24.18 ? 3   DT  A N3    1 
ATOM   56  C  C4    . DT  A 1 3  ? 9.554   1.674   -19.713 1    23.4  ? 3   DT  A C4    1 
ATOM   57  O  O4    . DT  A 1 3  ? 9.580   2.727   -19.124 1    22.41 ? 3   DT  A O4    1 
ATOM   58  C  C5    . DT  A 1 3  ? 8.446   1.189   -20.502 1    24.49 ? 3   DT  A C5    1 
ATOM   59  C  C7    . DT  A 1 3  ? 7.195   2.007   -20.643 1    24.78 ? 3   DT  A C7    1 
ATOM   60  C  C6    . DT  A 1 3  ? 8.574   -0.001  -21.092 1    25.59 ? 3   DT  A C6    1 
ATOM   61  P  P     . DG  A 1 4  ? 7.563   -5.488  -19.124 1    31.12 ? 4   DG  A P     1 
ATOM   62  O  OP1   . DG  A 1 4  ? 6.936   -6.828  -19.253 1    31.52 ? 4   DG  A OP1   1 
ATOM   63  O  OP2   . DG  A 1 4  ? 6.788   -4.361  -18.552 1    31.16 ? 4   DG  A OP2   1 
ATOM   64  O  "O5'" . DG  A 1 4  ? 8.939   -5.596  -18.262 1    28.01 ? 4   DG  A "O5'" 1 
ATOM   65  C  "C5'" . DG  A 1 4  ? 9.915   -6.596  -18.576 1    24.46 ? 4   DG  A "C5'" 1 
ATOM   66  C  "C4'" . DG  A 1 4  ? 11.305  -6.225  -18.062 1    20.67 ? 4   DG  A "C4'" 1 
ATOM   67  O  "O4'" . DG  A 1 4  ? 11.669  -4.899  -18.519 1    18.93 ? 4   DG  A "O4'" 1 
ATOM   68  C  "C3'" . DG  A 1 4  ? 11.475  -6.132  -16.541 1    18.69 ? 4   DG  A "C3'" 1 
ATOM   69  O  "O3'" . DG  A 1 4  ? 11.630  -7.415  -15.963 1    17.05 ? 4   DG  A "O3'" 1 
ATOM   70  C  "C2'" . DG  A 1 4  ? 12.774  -5.354  -16.465 1    18.08 ? 4   DG  A "C2'" 1 
ATOM   71  C  "C1'" . DG  A 1 4  ? 12.567  -4.316  -17.574 1    17.85 ? 4   DG  A "C1'" 1 
ATOM   72  N  N9    . DG  A 1 4  ? 11.979  -3.085  -17.062 1    16.75 ? 4   DG  A N9    1 
ATOM   73  C  C8    . DG  A 1 4  ? 10.700  -2.615  -17.283 1    16.61 ? 4   DG  A C8    1 
ATOM   74  N  N7    . DG  A 1 4  ? 10.443  -1.500  -16.654 1    16.17 ? 4   DG  A N7    1 
ATOM   75  C  C5    . DG  A 1 4  ? 11.607  -1.243  -15.940 1    15.81 ? 4   DG  A C5    1 
ATOM   76  C  C6    . DG  A 1 4  ? 11.925  -0.182  -15.067 1    14.57 ? 4   DG  A C6    1 
ATOM   77  O  O6    . DG  A 1 4  ? 11.230  0.797   -14.772 1    14    ? 4   DG  A O6    1 
ATOM   78  N  N1    . DG  A 1 4  ? 13.238  -0.288  -14.584 1    14.45 ? 4   DG  A N1    1 
ATOM   79  C  C2    . DG  A 1 4  ? 14.109  -1.314  -14.885 1    14.65 ? 4   DG  A C2    1 
ATOM   80  N  N2    . DG  A 1 4  ? 15.296  -1.303  -14.267 1    14.39 ? 4   DG  A N2    1 
ATOM   81  N  N3    . DG  A 1 4  ? 13.833  -2.293  -15.721 1    15.25 ? 4   DG  A N3    1 
ATOM   82  C  C4    . DG  A 1 4  ? 12.555  -2.224  -16.174 1    15.94 ? 4   DG  A C4    1 
ATOM   83  P  P     . DT  A 1 5  ? 11.210  -7.671  -14.439 1    15.8  ? 5   DT  A P     1 
ATOM   84  O  OP1   . DT  A 1 5  ? 11.177  -9.126  -14.238 1    16.49 ? 5   DT  A OP1   1 
ATOM   85  O  OP2   . DT  A 1 5  ? 10.035  -6.843  -14.134 1    15.28 ? 5   DT  A OP2   1 
ATOM   86  O  "O5'" . DT  A 1 5  ? 12.412  -7.066  -13.599 1    14.78 ? 5   DT  A "O5'" 1 
ATOM   87  C  "C5'" . DT  A 1 5  ? 13.697  -7.597  -13.723 1    13.96 ? 5   DT  A "C5'" 1 
ATOM   88  C  "C4'" . DT  A 1 5  ? 14.684  -6.748  -12.940 1    13.73 ? 5   DT  A "C4'" 1 
ATOM   89  O  "O4'" . DT  A 1 5  ? 14.686  -5.406  -13.456 1    13.76 ? 5   DT  A "O4'" 1 
ATOM   90  C  "C3'" . DT  A 1 5  ? 14.371  -6.545  -11.470 1    13.38 ? 5   DT  A "C3'" 1 
ATOM   91  O  "O3'" . DT  A 1 5  ? 14.768  -7.656  -10.721 1    13.76 ? 5   DT  A "O3'" 1 
ATOM   92  C  "C2'" . DT  A 1 5  ? 15.261  -5.354  -11.171 1    12.72 ? 5   DT  A "C2'" 1 
ATOM   93  C  "C1'" . DT  A 1 5  ? 14.983  -4.501  -12.390 1    12.96 ? 5   DT  A "C1'" 1 
ATOM   94  N  N1    . DT  A 1 5  ? 13.832  -3.549  -12.188 1    11.63 ? 5   DT  A N1    1 
ATOM   95  C  C2    . DT  A 1 5  ? 14.030  -2.464  -11.375 1    10.48 ? 5   DT  A C2    1 
ATOM   96  O  O2    . DT  A 1 5  ? 15.080  -2.254  -10.806 1    9.97  ? 5   DT  A O2    1 
ATOM   97  N  N3    . DT  A 1 5  ? 12.974  -1.589  -11.310 1    10.86 ? 5   DT  A N3    1 
ATOM   98  C  C4    . DT  A 1 5  ? 11.738  -1.717  -11.937 1    12.17 ? 5   DT  A C4    1 
ATOM   99  O  O4    . DT  A 1 5  ? 10.868  -0.857  -11.761 1    12.87 ? 5   DT  A O4    1 
ATOM   100 C  C5    . DT  A 1 5  ? 11.574  -2.903  -12.740 1    11.98 ? 5   DT  A C5    1 
ATOM   101 C  C7    . DT  A 1 5  ? 10.285  -3.135  -13.456 1    12.57 ? 5   DT  A C7    1 
ATOM   102 C  C6    . DT  A 1 5  ? 12.614  -3.766  -12.823 1    11.72 ? 5   DT  A C6    1 
ATOM   103 P  P     . DG  A 1 6  ? 14.202  -7.881  -9.254  1    14.39 ? 6   DG  A P     1 
ATOM   104 O  OP1   . DG  A 1 6  ? 14.478  -9.298  -8.906  1    13.47 ? 6   DG  A OP1   1 
ATOM   105 O  OP2   . DG  A 1 6  ? 12.832  -7.349  -9.188  1    14.2  ? 6   DG  A OP2   1 
ATOM   106 O  "O5'" . DG  A 1 6  ? 15.119  -6.934  -8.346  1    15.2  ? 6   DG  A "O5'" 1 
ATOM   107 C  "C5'" . DG  A 1 6  ? 16.526  -6.975  -8.410  1    15.73 ? 6   DG  A "C5'" 1 
ATOM   108 C  "C4'" . DG  A 1 6  ? 17.097  -5.894  -7.522  1    15.76 ? 6   DG  A "C4'" 1 
ATOM   109 O  "O4'" . DG  A 1 6  ? 16.759  -4.581  -8.086  1    15.14 ? 6   DG  A "O4'" 1 
ATOM   110 C  "C3'" . DG  A 1 6  ? 16.492  -5.842  -6.134  1    16.5  ? 6   DG  A "C3'" 1 
ATOM   111 O  "O3'" . DG  A 1 6  ? 17.134  -6.757  -5.285  1    18.51 ? 6   DG  A "O3'" 1 
ATOM   112 C  "C2'" . DG  A 1 6  ? 16.791  -4.404  -5.739  1    15.21 ? 6   DG  A "C2'" 1 
ATOM   113 C  "C1'" . DG  A 1 6  ? 16.481  -3.670  -7.037  1    13.58 ? 6   DG  A "C1'" 1 
ATOM   114 N  N9    . DG  A 1 6  ? 15.086  -3.210  -7.147  1    11.61 ? 6   DG  A N9    1 
ATOM   115 C  C8    . DG  A 1 6  ? 14.063  -3.806  -7.851  1    10.4  ? 6   DG  A C8    1 
ATOM   116 N  N7    . DG  A 1 6  ? 12.940  -3.154  -7.780  1    10.14 ? 6   DG  A N7    1 
ATOM   117 C  C5    . DG  A 1 6  ? 13.254  -2.022  -7.025  1    10.04 ? 6   DG  A C5    1 
ATOM   118 C  C6    . DG  A 1 6  ? 12.446  -0.918  -6.656  1    9.6   ? 6   DG  A C6    1 
ATOM   119 O  O6    . DG  A 1 6  ? 11.291  -0.668  -7.024  1    9.84  ? 6   DG  A O6    1 
ATOM   120 N  N1    . DG  A 1 6  ? 13.152  0.012   -5.873  1    9.22  ? 6   DG  A N1    1 
ATOM   121 C  C2    . DG  A 1 6  ? 14.445  -0.152  -5.465  1    9.84  ? 6   DG  A C2    1 
ATOM   122 N  N2    . DG  A 1 6  ? 14.933  0.785   -4.637  1    9.85  ? 6   DG  A N2    1 
ATOM   123 N  N3    . DG  A 1 6  ? 15.225  -1.168  -5.849  1    9.94  ? 6   DG  A N3    1 
ATOM   124 C  C4    . DG  A 1 6  ? 14.567  -2.047  -6.632  1    10.43 ? 6   DG  A C4    1 
ATOM   125 P  P     . DA  A 1 7  ? 16.432  -7.224  -3.932  1    19.66 ? 7   DA  A P     1 
ATOM   126 O  OP1   . DA  A 1 7  ? 17.360  -8.146  -3.236  1    20.94 ? 7   DA  A OP1   1 
ATOM   127 O  OP2   . DA  A 1 7  ? 15.055  -7.646  -4.224  1    18.46 ? 7   DA  A OP2   1 
ATOM   128 O  "O5'" . DA  A 1 7  ? 16.412  -5.848  -3.123  1    21.07 ? 7   DA  A "O5'" 1 
ATOM   129 C  "C5'" . DA  A 1 7  ? 15.550  -5.655  -2.056  1    22.06 ? 7   DA  A "C5'" 1 
ATOM   130 C  "C4'" . DA  A 1 7  ? 15.770  -4.271  -1.496  1    23.2  ? 7   DA  A "C4'" 1 
ATOM   131 O  "O4'" . DA  A 1 7  ? 15.580  -3.283  -2.553  1    22.53 ? 7   DA  A "O4'" 1 
ATOM   132 C  "C3'" . DA  A 1 7  ? 14.799  -3.872  -0.407  1    24.62 ? 7   DA  A "C3'" 1 
ATOM   133 O  "O3'" . DA  A 1 7  ? 15.311  -4.294  0.857   1    28.19 ? 7   DA  A "O3'" 1 
ATOM   134 C  "C2'" . DA  A 1 7  ? 14.804  -2.356  -0.531  1    22.82 ? 7   DA  A "C2'" 1 
ATOM   135 C  "C1'" . DA  A 1 7  ? 14.886  -2.164  -2.042  1    21.44 ? 7   DA  A "C1'" 1 
ATOM   136 N  N9    . DA  A 1 7  ? 13.581  -2.062  -2.703  1    19.52 ? 7   DA  A N9    1 
ATOM   137 C  C8    . DA  A 1 7  ? 13.054  -2.921  -3.620  1    18.57 ? 7   DA  A C8    1 
ATOM   138 N  N7    . DA  A 1 7  ? 11.878  -2.554  -4.076  1    18.42 ? 7   DA  A N7    1 
ATOM   139 C  C5    . DA  A 1 7  ? 11.606  -1.383  -3.395  1    18.17 ? 7   DA  A C5    1 
ATOM   140 C  C6    . DA  A 1 7  ? 10.524  -0.485  -3.447  1    17.56 ? 7   DA  A C6    1 
ATOM   141 N  N6    . DA  A 1 7  ? 9.458   -0.654  -4.241  1    16.64 ? 7   DA  A N6    1 
ATOM   142 N  N1    . DA  A 1 7  ? 10.547  0.558   -2.589  1    17.7  ? 7   DA  A N1    1 
ATOM   143 C  C2    . DA  A 1 7  ? 11.612  0.724   -1.799  1    17.58 ? 7   DA  A C2    1 
ATOM   144 N  N3    . DA  A 1 7  ? 12.709  -0.003  -1.710  1    17.5  ? 7   DA  A N3    1 
ATOM   145 C  C4    . DA  A 1 7  ? 12.642  -1.063  -2.538  1    18.56 ? 7   DA  A C4    1 
ATOM   146 P  P     . DT  A 1 8  ? 14.311  -4.684  2.058   1    31.42 ? 8   DT  A P     1 
ATOM   147 O  OP1   . DT  A 1 8  ? 15.147  -5.127  3.199   1    32.04 ? 8   DT  A OP1   1 
ATOM   148 O  OP2   . DT  A 1 8  ? 13.250  -5.575  1.524   1    31.6  ? 8   DT  A OP2   1 
ATOM   149 O  "O5'" . DT  A 1 8  ? 13.648  -3.279  2.428   1    32.32 ? 8   DT  A "O5'" 1 
ATOM   150 C  "C5'" . DT  A 1 8  ? 14.474  -2.215  2.921   1    33.58 ? 8   DT  A "C5'" 1 
ATOM   151 C  "C4'" . DT  A 1 8  ? 13.616  -1.112  3.493   1    34.93 ? 8   DT  A "C4'" 1 
ATOM   152 O  "O4'" . DT  A 1 8  ? 13.010  -0.387  2.397   1    34.04 ? 8   DT  A "O4'" 1 
ATOM   153 C  "C3'" . DT  A 1 8  ? 12.445  -1.609  4.327   1    37.23 ? 8   DT  A "C3'" 1 
ATOM   154 O  "O3'" . DT  A 1 8  ? 12.847  -1.813  5.703   1    42.18 ? 8   DT  A "O3'" 1 
ATOM   155 C  "C2'" . DT  A 1 8  ? 11.419  -0.478  4.180   1    34.67 ? 8   DT  A "C2'" 1 
ATOM   156 C  "C1'" . DT  A 1 8  ? 11.723  0.084   2.783   1    32.28 ? 8   DT  A "C1'" 1 
ATOM   157 N  N1    . DT  A 1 8  ? 10.696  -0.293  1.717   1    27.9  ? 8   DT  A N1    1 
ATOM   158 C  C2    . DT  A 1 8  ? 9.583   0.495   1.584   1    25.63 ? 8   DT  A C2    1 
ATOM   159 O  O2    . DT  A 1 8  ? 9.387   1.477   2.279   1    25.78 ? 8   DT  A O2    1 
ATOM   160 N  N3    . DT  A 1 8  ? 8.695   0.088   0.615   1    23.73 ? 8   DT  A N3    1 
ATOM   161 C  C4    . DT  A 1 8  ? 8.781   -1.046  -0.172  1    22.78 ? 8   DT  A C4    1 
ATOM   162 O  O4    . DT  A 1 8  ? 7.877   -1.296  -0.973  1    21.07 ? 8   DT  A O4    1 
ATOM   163 C  C5    . DT  A 1 8  ? 9.966   -1.860  0.047   1    23.79 ? 8   DT  A C5    1 
ATOM   164 C  C7    . DT  A 1 8  ? 10.194  -3.093  -0.773  1    23.99 ? 8   DT  A C7    1 
ATOM   165 C  C6    . DT  A 1 8  ? 10.845  -1.461  0.982   1    25.39 ? 8   DT  A C6    1 
ATOM   166 P  P     . DA  A 1 9  ? 12.641  -3.264  6.399   1    46.77 ? 9   DA  A P     1 
ATOM   167 O  OP1   . DA  A 1 9  ? 13.859  -4.073  6.146   1    47.38 ? 9   DA  A OP1   1 
ATOM   168 O  OP2   . DA  A 1 9  ? 11.315  -3.794  5.981   1    47.1  ? 9   DA  A OP2   1 
ATOM   169 O  "O5'" . DA  A 1 9  ? 12.560  -2.922  7.969   1    48.71 ? 9   DA  A "O5'" 1 
ATOM   170 C  "C5'" . DA  A 1 9  ? 12.108  -1.639  8.405   1    50.31 ? 9   DA  A "C5'" 1 
ATOM   171 C  "C4'" . DA  A 1 9  ? 10.599  -1.623  8.597   1    51.65 ? 9   DA  A "C4'" 1 
ATOM   172 O  "O4'" . DA  A 1 9  ? 9.968   -1.188  7.375   1    52.16 ? 9   DA  A "O4'" 1 
ATOM   173 C  "C3'" . DA  A 1 9  ? 9.952   -2.981  8.943   1    52.42 ? 9   DA  A "C3'" 1 
ATOM   174 O  "O3'" . DA  A 1 9  ? 9.299   -2.915  10.203  1    52.71 ? 9   DA  A "O3'" 1 
ATOM   175 C  "C2'" . DA  A 1 9  ? 8.948   -3.219  7.809   1    52.66 ? 9   DA  A "C2'" 1 
ATOM   176 C  "C1'" . DA  A 1 9  ? 8.722   -1.808  7.295   1    52.84 ? 9   DA  A "C1'" 1 
ATOM   177 N  N9    . DA  A 1 9  ? 8.310   -1.791  5.899   1    53.7  ? 9   DA  A N9    1 
ATOM   178 C  C8    . DA  A 1 9  ? 8.962   -2.490  4.917   1    53.92 ? 9   DA  A C8    1 
ATOM   179 N  N7    . DA  A 1 9  ? 8.426   -2.350  3.734   1    53.93 ? 9   DA  A N7    1 
ATOM   180 C  C5    . DA  A 1 9  ? 7.345   -1.513  3.951   1    53.95 ? 9   DA  A C5    1 
ATOM   181 C  C6    . DA  A 1 9  ? 6.374   -1.006  3.075   1    53.9  ? 9   DA  A C6    1 
ATOM   182 N  N6    . DA  A 1 9  ? 6.382   -1.274  1.778   1    53.84 ? 9   DA  A N6    1 
ATOM   183 N  N1    . DA  A 1 9  ? 5.420   -0.194  3.586   1    53.83 ? 9   DA  A N1    1 
ATOM   184 C  C2    . DA  A 1 9  ? 5.462   0.070   4.898   1    53.97 ? 9   DA  A C2    1 
ATOM   185 N  N3    . DA  A 1 9  ? 6.322   -0.356  5.822   1    53.92 ? 9   DA  A N3    1 
ATOM   186 C  C4    . DA  A 1 9  ? 7.258   -1.152  5.278   1    53.92 ? 9   DA  A C4    1 
ATOM   187 O  "O5'" . DG  B 1 1  ? 6.714   -8.367  0.345   1    42.56 ? 1   DG  C "O5'" 1 
ATOM   188 C  "C5'" . DG  B 1 1  ? 7.128   -7.154  -0.287  1    42.33 ? 1   DG  C "C5'" 1 
ATOM   189 C  "C4'" . DG  B 1 1  ? 7.175   -6.009  0.715   1    42.05 ? 1   DG  C "C4'" 1 
ATOM   190 O  "O4'" . DG  B 1 1  ? 7.150   -4.741  -0.019  1    41.84 ? 1   DG  C "O4'" 1 
ATOM   191 C  "C3'" . DG  B 1 1  ? 5.970   -5.917  1.652   1    41.85 ? 1   DG  C "C3'" 1 
ATOM   192 O  "O3'" . DG  B 1 1  ? 6.149   -6.746  2.823   1    41.66 ? 1   DG  C "O3'" 1 
ATOM   193 C  "C2'" . DG  B 1 1  ? 5.969   -4.429  2.000   1    41.62 ? 1   DG  C "C2'" 1 
ATOM   194 C  "C1'" . DG  B 1 1  ? 6.293   -3.810  0.640   1    41.25 ? 1   DG  C "C1'" 1 
ATOM   195 N  N9    . DG  B 1 1  ? 5.092   -3.555  -0.193  1    40.17 ? 1   DG  C N9    1 
ATOM   196 C  C8    . DG  B 1 1  ? 4.644   -4.314  -1.250  1    39.87 ? 1   DG  C C8    1 
ATOM   197 N  N7    . DG  B 1 1  ? 3.522   -3.886  -1.758  1    39.52 ? 1   DG  C N7    1 
ATOM   198 C  C5    . DG  B 1 1  ? 3.162   -2.817  -0.945  1    39.39 ? 1   DG  C C5    1 
ATOM   199 C  C6    . DG  B 1 1  ? 2.017   -1.971  -0.987  1    39.44 ? 1   DG  C C6    1 
ATOM   200 O  O6    . DG  B 1 1  ? 1.056   -2.006  -1.787  1    39.6  ? 1   DG  C O6    1 
ATOM   201 N  N1    . DG  B 1 1  ? 2.051   -0.999  0.023   1    38.61 ? 1   DG  C N1    1 
ATOM   202 C  C2    . DG  B 1 1  ? 3.051   -0.872  0.951   1    38.16 ? 1   DG  C C2    1 
ATOM   203 N  N2    . DG  B 1 1  ? 2.907   0.106   1.851   1    37.29 ? 1   DG  C N2    1 
ATOM   204 N  N3    . DG  B 1 1  ? 4.114   -1.666  1.009   1    38.98 ? 1   DG  C N3    1 
ATOM   205 C  C4    . DG  B 1 1  ? 4.099   -2.620  0.040   1    39.5  ? 1   DG  C C4    1 
ATOM   206 P  P     . DA  B 1 2  ? 4.865   -7.247  3.663   1    40.89 ? 2   DA  C P     1 
ATOM   207 O  OP1   . DA  B 1 2  ? 5.212   -8.550  4.296   1    40.79 ? 2   DA  C OP1   1 
ATOM   208 O  OP2   . DA  B 1 2  ? 3.662   -7.139  2.786   1    40.96 ? 2   DA  C OP2   1 
ATOM   209 O  "O5'" . DA  B 1 2  ? 4.722   -6.142  4.805   1    39.49 ? 2   DA  C "O5'" 1 
ATOM   210 C  "C5'" . DA  B 1 2  ? 5.865   -5.639  5.472   1    37.95 ? 2   DA  C "C5'" 1 
ATOM   211 C  "C4'" . DA  B 1 2  ? 5.490   -4.401  6.249   1    36.36 ? 2   DA  C "C4'" 1 
ATOM   212 O  "O4'" . DA  B 1 2  ? 5.118   -3.357  5.312   1    35.64 ? 2   DA  C "O4'" 1 
ATOM   213 C  "C3'" . DA  B 1 2  ? 4.253   -4.562  7.109   1    35.66 ? 2   DA  C "C3'" 1 
ATOM   214 O  "O3'" . DA  B 1 2  ? 4.584   -5.126  8.377   1    35.77 ? 2   DA  C "O3'" 1 
ATOM   215 C  "C2'" . DA  B 1 2  ? 3.771   -3.120  7.250   1    34.81 ? 2   DA  C "C2'" 1 
ATOM   216 C  "C1'" . DA  B 1 2  ? 4.131   -2.522  5.901   1    34.24 ? 2   DA  C "C1'" 1 
ATOM   217 N  N9    . DA  B 1 2  ? 3.004   -2.389  4.994   1    32.29 ? 2   DA  C N9    1 
ATOM   218 C  C8    . DA  B 1 2  ? 2.796   -3.060  3.824   1    31.67 ? 2   DA  C C8    1 
ATOM   219 N  N7    . DA  B 1 2  ? 1.710   -2.679  3.182   1    31.35 ? 2   DA  C N7    1 
ATOM   220 C  C5    . DA  B 1 2  ? 1.163   -1.709  4.001   1    31.01 ? 2   DA  C C5    1 
ATOM   221 C  C6    . DA  B 1 2  ? 0.031   -0.889  3.877   1    30.66 ? 2   DA  C C6    1 
ATOM   222 N  N6    . DA  B 1 2  ? -0.851  -0.984  2.871   1    30.25 ? 2   DA  C N6    1 
ATOM   223 N  N1    . DA  B 1 2  ? -0.193  0.014   4.857   1    30.56 ? 2   DA  C N1    1 
ATOM   224 C  C2    . DA  B 1 2  ? 0.675   0.103   5.861   1    30.33 ? 2   DA  C C2    1 
ATOM   225 N  N3    . DA  B 1 2  ? 1.787   -0.585  6.069   1    30.81 ? 2   DA  C N3    1 
ATOM   226 C  C4    . DA  B 1 2  ? 1.975   -1.487  5.098   1    31.46 ? 2   DA  C C4    1 
ATOM   227 P  P     . DT  B 1 3  ? 3.425   -5.811  9.245   1    35.61 ? 3   DT  C P     1 
ATOM   228 O  OP1   . DT  B 1 3  ? 4.061   -6.536  10.375  1    35.88 ? 3   DT  C OP1   1 
ATOM   229 O  OP2   . DT  B 1 3  ? 2.527   -6.527  8.305   1    35.66 ? 3   DT  C OP2   1 
ATOM   230 O  "O5'" . DT  B 1 3  ? 2.607   -4.557  9.819   1    33.84 ? 3   DT  C "O5'" 1 
ATOM   231 C  "C5'" . DT  B 1 3  ? 3.190   -3.689  10.783  1    32.58 ? 3   DT  C "C5'" 1 
ATOM   232 C  "C4'" . DT  B 1 3  ? 2.236   -2.553  11.095  1    31.6  ? 3   DT  C "C4'" 1 
ATOM   233 O  "O4'" . DT  B 1 3  ? 1.850   -1.910  9.859   1    30.5  ? 3   DT  C "O4'" 1 
ATOM   234 C  "C3'" . DT  B 1 3  ? 0.905   -2.985  11.690  1    31.58 ? 3   DT  C "C3'" 1 
ATOM   235 O  "O3'" . DT  B 1 3  ? 0.992   -3.144  13.093  1    32.54 ? 3   DT  C "O3'" 1 
ATOM   236 C  "C2'" . DT  B 1 3  ? -0.004  -1.820  11.344  1    30.73 ? 3   DT  C "C2'" 1 
ATOM   237 C  "C1'" . DT  B 1 3  ? 0.554   -1.340  10.019  1    29.71 ? 3   DT  C "C1'" 1 
ATOM   238 N  N1    . DT  B 1 3  ? -0.299  -1.692  8.855   1    27.62 ? 3   DT  C N1    1 
ATOM   239 C  C2    . DT  B 1 3  ? -1.417  -0.930  8.605   1    26.52 ? 3   DT  C C2    1 
ATOM   240 O  O2    . DT  B 1 3  ? -1.784  -0.027  9.331   1    26.34 ? 3   DT  C O2    1 
ATOM   241 N  N3    . DT  B 1 3  ? -2.087  -1.255  7.467   1    25.62 ? 3   DT  C N3    1 
ATOM   242 C  C4    . DT  B 1 3  ? -1.794  -2.271  6.597   1    25.31 ? 3   DT  C C4    1 
ATOM   243 O  O4    . DT  B 1 3  ? -2.515  -2.443  5.624   1    25.16 ? 3   DT  C O4    1 
ATOM   244 C  C5    . DT  B 1 3  ? -0.644  -3.079  6.946   1    25.83 ? 3   DT  C C5    1 
ATOM   245 C  C7    . DT  B 1 3  ? -0.210  -4.205  6.050   1    25.62 ? 3   DT  C C7    1 
ATOM   246 C  C6    . DT  B 1 3  ? 0.055   -2.738  8.035   1    26.64 ? 3   DT  C C6    1 
ATOM   247 P  P     . DG  B 1 4  ? -0.143  -4.001  13.842  1    33.54 ? 4   DG  C P     1 
ATOM   248 O  OP1   . DG  B 1 4  ? 0.463   -4.572  15.073  1    34.58 ? 4   DG  C OP1   1 
ATOM   249 O  OP2   . DG  B 1 4  ? -0.775  -4.900  12.843  1    33.09 ? 4   DG  C OP2   1 
ATOM   250 O  "O5'" . DG  B 1 4  ? -1.231  -2.881  14.244  1    32.49 ? 4   DG  C "O5'" 1 
ATOM   251 C  "C5'" . DG  B 1 4  ? -0.829  -1.658  14.856  1    31.29 ? 4   DG  C "C5'" 1 
ATOM   252 C  "C4'" . DG  B 1 4  ? -1.941  -0.616  14.778  1    30.11 ? 4   DG  C "C4'" 1 
ATOM   253 O  "O4'" . DG  B 1 4  ? -2.155  -0.237  13.390  1    29    ? 4   DG  C "O4'" 1 
ATOM   254 C  "C3'" . DG  B 1 4  ? -3.308  -1.081  15.252  1    29.85 ? 4   DG  C "C3'" 1 
ATOM   255 O  "O3'" . DG  B 1 4  ? -3.434  -0.933  16.671  1    31.24 ? 4   DG  C "O3'" 1 
ATOM   256 C  "C2'" . DG  B 1 4  ? -4.241  -0.131  14.520  1    28.35 ? 4   DG  C "C2'" 1 
ATOM   257 C  "C1'" . DG  B 1 4  ? -3.536  0.049   13.186  1    27.66 ? 4   DG  C "C1'" 1 
ATOM   258 N  N9    . DG  B 1 4  ? -4.067  -0.793  12.109  1    25.54 ? 4   DG  C N9    1 
ATOM   259 C  C8    . DG  B 1 4  ? -3.519  -1.948  11.601  1    24.64 ? 4   DG  C C8    1 
ATOM   260 N  N7    . DG  B 1 4  ? -4.175  -2.422  10.573  1    23.84 ? 4   DG  C N7    1 
ATOM   261 C  C5    . DG  B 1 4  ? -5.271  -1.577  10.453  1    23.59 ? 4   DG  C C5    1 
ATOM   262 C  C6    . DG  B 1 4  ? -6.310  -1.567  9.502   1    23.31 ? 4   DG  C C6    1 
ATOM   263 O  O6    . DG  B 1 4  ? -6.510  -2.361  8.570   1    22.96 ? 4   DG  C O6    1 
ATOM   264 N  N1    . DG  B 1 4  ? -7.202  -0.517  9.730   1    22.87 ? 4   DG  C N1    1 
ATOM   265 C  C2    . DG  B 1 4  ? -7.077  0.417   10.727  1    22.67 ? 4   DG  C C2    1 
ATOM   266 N  N2    . DG  B 1 4  ? -8.053  1.327   10.820  1    22.21 ? 4   DG  C N2    1 
ATOM   267 N  N3    . DG  B 1 4  ? -6.105  0.426   11.605  1    23.44 ? 4   DG  C N3    1 
ATOM   268 C  C4    . DG  B 1 4  ? -5.220  -0.574  11.391  1    24.24 ? 4   DG  C C4    1 
ATOM   269 P  P     . DT  B 1 5  ? -4.540  -1.794  17.467  1    31.99 ? 5   DT  C P     1 
ATOM   270 O  OP1   . DT  B 1 5  ? -4.270  -1.652  18.928  1    32.71 ? 5   DT  C OP1   1 
ATOM   271 O  OP2   . DT  B 1 5  ? -4.593  -3.148  16.862  1    32.26 ? 5   DT  C OP2   1 
ATOM   272 O  "O5'" . DT  B 1 5  ? -5.913  -1.045  17.116  1    31.43 ? 5   DT  C "O5'" 1 
ATOM   273 C  "C5'" . DT  B 1 5  ? -6.188  0.264   17.646  1    30.39 ? 5   DT  C "C5'" 1 
ATOM   274 C  "C4'" . DT  B 1 5  ? -7.504  0.796   17.107  1    29.14 ? 5   DT  C "C4'" 1 
ATOM   275 O  "O4'" . DT  B 1 5  ? -7.418  0.866   15.657  1    27.32 ? 5   DT  C "O4'" 1 
ATOM   276 C  "C3'" . DT  B 1 5  ? -8.706  -0.095  17.369  1    29.4  ? 5   DT  C "C3'" 1 
ATOM   277 O  "O3'" . DT  B 1 5  ? -9.290  0.173   18.668  1    31.45 ? 5   DT  C "O3'" 1 
ATOM   278 C  "C2'" . DT  B 1 5  ? -9.651  0.308   16.248  1    27.5  ? 5   DT  C "C2'" 1 
ATOM   279 C  "C1'" . DT  B 1 5  ? -8.690  0.583   15.093  1    25.8  ? 5   DT  C "C1'" 1 
ATOM   280 N  N1    . DT  B 1 5  ? -8.565  -0.557  14.122  1    22.16 ? 5   DT  C N1    1 
ATOM   281 C  C2    . DT  B 1 5  ? -9.468  -0.656  13.101  1    20.87 ? 5   DT  C C2    1 
ATOM   282 O  O2    . DT  B 1 5  ? -10.405 0.109   12.968  1    20.36 ? 5   DT  C O2    1 
ATOM   283 N  N3    . DT  B 1 5  ? -9.224  -1.675  12.215  1    19.73 ? 5   DT  C N3    1 
ATOM   284 C  C4    . DT  B 1 5  ? -8.226  -2.613  12.290  1    19.35 ? 5   DT  C C4    1 
ATOM   285 O  O4    . DT  B 1 5  ? -8.176  -3.510  11.460  1    19    ? 5   DT  C O4    1 
ATOM   286 C  C5    . DT  B 1 5  ? -7.346  -2.487  13.424  1    19.98 ? 5   DT  C C5    1 
ATOM   287 C  C7    . DT  B 1 5  ? -6.215  -3.440  13.604  1    19.7  ? 5   DT  C C7    1 
ATOM   288 C  C6    . DT  B 1 5  ? -7.560  -1.478  14.274  1    20.98 ? 5   DT  C C6    1 
ATOM   289 P  P     . DG  B 1 6  ? -10.105 -0.998  19.395  1    32.55 ? 6   DG  C P     1 
ATOM   290 O  OP1   . DG  B 1 6  ? -10.279 -0.623  20.818  1    33.86 ? 6   DG  C OP1   1 
ATOM   291 O  OP2   . DG  B 1 6  ? -9.463  -2.286  19.043  1    33.2  ? 6   DG  C OP2   1 
ATOM   292 O  "O5'" . DG  B 1 6  ? -11.538 -0.957  18.684  1    31.72 ? 6   DG  C "O5'" 1 
ATOM   293 C  "C5'" . DG  B 1 6  ? -12.438 0.112   18.918  1    30.79 ? 6   DG  C "C5'" 1 
ATOM   294 C  "C4'" . DG  B 1 6  ? -13.506 0.132   17.838  1    29.7  ? 6   DG  C "C4'" 1 
ATOM   295 O  "O4'" . DG  B 1 6  ? -12.860 0.072   16.538  1    28.48 ? 6   DG  C "O4'" 1 
ATOM   296 C  "C3'" . DG  B 1 6  ? -14.423 -1.074  17.820  1    29.45 ? 6   DG  C "C3'" 1 
ATOM   297 O  "O3'" . DG  B 1 6  ? -15.470 -0.952  18.784  1    30.52 ? 6   DG  C "O3'" 1 
ATOM   298 C  "C2'" . DG  B 1 6  ? -14.965 -0.998  16.402  1    28.53 ? 6   DG  C "C2'" 1 
ATOM   299 C  "C1'" . DG  B 1 6  ? -13.719 -0.579  15.621  1    26.93 ? 6   DG  C "C1'" 1 
ATOM   300 N  N9    . DG  B 1 6  ? -13.022 -1.698  14.992  1    23.12 ? 6   DG  C N9    1 
ATOM   301 C  C8    . DG  B 1 6  ? -11.888 -2.336  15.432  1    22.02 ? 6   DG  C C8    1 
ATOM   302 N  N7    . DG  B 1 6  ? -11.490 -3.291  14.639  1    20.39 ? 6   DG  C N7    1 
ATOM   303 C  C5    . DG  B 1 6  ? -12.420 -3.281  13.605  1    19.2  ? 6   DG  C C5    1 
ATOM   304 C  C6    . DG  B 1 6  ? -12.513 -4.107  12.456  1    17.65 ? 6   DG  C C6    1 
ATOM   305 O  O6    . DG  B 1 6  ? -11.709 -4.987  12.069  1    16.97 ? 6   DG  C O6    1 
ATOM   306 N  N1    . DG  B 1 6  ? -13.631 -3.782  11.679  1    16.57 ? 6   DG  C N1    1 
ATOM   307 C  C2    . DG  B 1 6  ? -14.559 -2.819  12.005  1    16.92 ? 6   DG  C C2    1 
ATOM   308 N  N2    . DG  B 1 6  ? -15.556 -2.629  11.139  1    15.21 ? 6   DG  C N2    1 
ATOM   309 N  N3    . DG  B 1 6  ? -14.461 -2.023  13.067  1    18.97 ? 6   DG  C N3    1 
ATOM   310 C  C4    . DG  B 1 6  ? -13.361 -2.303  13.807  1    20.24 ? 6   DG  C C4    1 
ATOM   311 P  P     . DA  B 1 7  ? -16.243 -2.275  19.261  1    31.07 ? 7   DA  C P     1 
ATOM   312 O  OP1   . DA  B 1 7  ? -16.964 -1.952  20.514  1    32.36 ? 7   DA  C OP1   1 
ATOM   313 O  OP2   . DA  B 1 7  ? -15.285 -3.416  19.219  1    31.15 ? 7   DA  C OP2   1 
ATOM   314 O  "O5'" . DA  B 1 7  ? -17.321 -2.535  18.093  1    28.72 ? 7   DA  C "O5'" 1 
ATOM   315 C  "C5'" . DA  B 1 7  ? -18.317 -1.585  17.779  1    25.65 ? 7   DA  C "C5'" 1 
ATOM   316 C  "C4'" . DA  B 1 7  ? -19.003 -1.962  16.475  1    22.77 ? 7   DA  C "C4'" 1 
ATOM   317 O  "O4'" . DA  B 1 7  ? -18.026 -1.960  15.394  1    21.5  ? 7   DA  C "O4'" 1 
ATOM   318 C  "C3'" . DA  B 1 7  ? -19.589 -3.359  16.436  1    20.96 ? 7   DA  C "C3'" 1 
ATOM   319 O  "O3'" . DA  B 1 7  ? -20.905 -3.348  16.961  1    19.41 ? 7   DA  C "O3'" 1 
ATOM   320 C  "C2'" . DA  B 1 7  ? -19.603 -3.651  14.942  1    20.19 ? 7   DA  C "C2'" 1 
ATOM   321 C  "C1'" . DA  B 1 7  ? -18.314 -2.999  14.480  1    19.88 ? 7   DA  C "C1'" 1 
ATOM   322 N  N9    . DA  B 1 7  ? -17.180 -3.915  14.450  1    17.36 ? 7   DA  C N9    1 
ATOM   323 C  C8    . DA  B 1 7  ? -16.164 -3.981  15.356  1    16.14 ? 7   DA  C C8    1 
ATOM   324 N  N7    . DA  B 1 7  ? -15.222 -4.824  15.029  1    15.55 ? 7   DA  C N7    1 
ATOM   325 C  C5    . DA  B 1 7  ? -15.719 -5.444  13.892  1    15.2  ? 7   DA  C C5    1 
ATOM   326 C  C6    . DA  B 1 7  ? -15.196 -6.444  13.059  1    13.73 ? 7   DA  C C6    1 
ATOM   327 N  N6    . DA  B 1 7  ? -14.031 -7.070  13.307  1    13.01 ? 7   DA  C N6    1 
ATOM   328 N  N1    . DA  B 1 7  ? -15.936 -6.818  11.991  1    13.54 ? 7   DA  C N1    1 
ATOM   329 C  C2    . DA  B 1 7  ? -17.101 -6.204  11.773  1    14.07 ? 7   DA  C C2    1 
ATOM   330 N  N3    . DA  B 1 7  ? -17.678 -5.220  12.470  1    15.15 ? 7   DA  C N3    1 
ATOM   331 C  C4    . DA  B 1 7  ? -16.935 -4.895  13.529  1    15.76 ? 7   DA  C C4    1 
ATOM   332 P  P     . DT  B 1 8  ? -21.522 -4.672  17.593  1    18.64 ? 8   DT  C P     1 
ATOM   333 O  OP1   . DT  B 1 8  ? -22.802 -4.309  18.265  1    19.21 ? 8   DT  C OP1   1 
ATOM   334 O  OP2   . DT  B 1 8  ? -20.465 -5.372  18.338  1    19.25 ? 8   DT  C OP2   1 
ATOM   335 O  "O5'" . DT  B 1 8  ? -21.869 -5.543  16.306  1    16.84 ? 8   DT  C "O5'" 1 
ATOM   336 C  "C5'" . DT  B 1 8  ? -22.704 -5.010  15.322  1    15.82 ? 8   DT  C "C5'" 1 
ATOM   337 C  "C4'" . DT  B 1 8  ? -22.775 -5.952  14.139  1    14.9  ? 8   DT  C "C4'" 1 
ATOM   338 O  "O4'" . DT  B 1 8  ? -21.506 -5.926  13.441  1    13.57 ? 8   DT  C "O4'" 1 
ATOM   339 C  "C3'" . DT  B 1 8  ? -22.945 -7.424  14.494  1    14.31 ? 8   DT  C "C3'" 1 
ATOM   340 O  "O3'" . DT  B 1 8  ? -24.296 -7.736  14.808  1    14.91 ? 8   DT  C "O3'" 1 
ATOM   341 C  "C2'" . DT  B 1 8  ? -22.490 -8.065  13.196  1    13.02 ? 8   DT  C "C2'" 1 
ATOM   342 C  "C1'" . DT  B 1 8  ? -21.258 -7.216  12.898  1    13.03 ? 8   DT  C "C1'" 1 
ATOM   343 N  N1    . DT  B 1 8  ? -19.987 -7.769  13.471  1    11.81 ? 8   DT  C N1    1 
ATOM   344 C  C2    . DT  B 1 8  ? -19.310 -8.721  12.745  1    11.32 ? 8   DT  C C2    1 
ATOM   345 O  O2    . DT  B 1 8  ? -19.716 -9.155  11.701  1    11.9  ? 8   DT  C O2    1 
ATOM   346 N  N3    . DT  B 1 8  ? -18.101 -9.083  13.257  1    10.34 ? 8   DT  C N3    1 
ATOM   347 C  C4    . DT  B 1 8  ? -17.557 -8.674  14.456  1    9.93  ? 8   DT  C C4    1 
ATOM   348 O  O4    . DT  B 1 8  ? -16.489 -9.136  14.804  1    9.6   ? 8   DT  C O4    1 
ATOM   349 C  C5    . DT  B 1 8  ? -18.335 -7.693  15.199  1    10.43 ? 8   DT  C C5    1 
ATOM   350 C  C7    . DT  B 1 8  ? -17.848 -7.176  16.532  1    9.88  ? 8   DT  C C7    1 
ATOM   351 C  C6    . DT  B 1 8  ? -19.474 -7.261  14.651  1    10.53 ? 8   DT  C C6    1 
ATOM   352 P  P     . DA  B 1 9  ? -24.604 -8.955  15.792  1    15.87 ? 9   DA  C P     1 
ATOM   353 O  OP1   . DA  B 1 9  ? -26.006 -8.854  16.218  1    15.48 ? 9   DA  C OP1   1 
ATOM   354 O  OP2   . DA  B 1 9  ? -23.512 -8.989  16.792  1    15.32 ? 9   DA  C OP2   1 
ATOM   355 O  "O5'" . DA  B 1 9  ? -24.444 -10.224 14.845  1    14.99 ? 9   DA  C "O5'" 1 
ATOM   356 C  "C5'" . DA  B 1 9  ? -25.283 -10.393 13.732  1    14.92 ? 9   DA  C "C5'" 1 
ATOM   357 C  "C4'" . DA  B 1 9  ? -24.804 -11.573 12.900  1    14.48 ? 9   DA  C "C4'" 1 
ATOM   358 O  "O4'" . DA  B 1 9  ? -23.458 -11.280 12.410  1    14.07 ? 9   DA  C "O4'" 1 
ATOM   359 C  "C3'" . DA  B 1 9  ? -24.637 -12.868 13.679  1    14.41 ? 9   DA  C "C3'" 1 
ATOM   360 O  "O3'" . DA  B 1 9  ? -25.859 -13.594 13.722  1    15.08 ? 9   DA  C "O3'" 1 
ATOM   361 C  "C2'" . DA  B 1 9  ? -23.589 -13.596 12.850  1    13.87 ? 9   DA  C "C2'" 1 
ATOM   362 C  "C1'" . DA  B 1 9  ? -22.677 -12.457 12.415  1    13.2  ? 9   DA  C "C1'" 1 
ATOM   363 N  N9    . DA  B 1 9  ? -21.519 -12.251 13.297  1    11.99 ? 9   DA  C N9    1 
ATOM   364 C  C8    . DA  B 1 9  ? -21.394 -11.320 14.298  1    10.85 ? 9   DA  C C8    1 
ATOM   365 N  N7    . DA  B 1 9  ? -20.230 -11.342 14.886  1    10.2  ? 9   DA  C N7    1 
ATOM   366 C  C5    . DA  B 1 9  ? -19.544 -12.339 14.224  1    10.2  ? 9   DA  C C5    1 
ATOM   367 C  C6    . DA  B 1 9  ? -18.274 -12.897 14.426  1    10.1  ? 9   DA  C C6    1 
ATOM   368 N  N6    . DA  B 1 9  ? -17.392 -12.400 15.296  1    9.64  ? 9   DA  C N6    1 
ATOM   369 N  N1    . DA  B 1 9  ? -17.907 -13.912 13.623  1    9.87  ? 9   DA  C N1    1 
ATOM   370 C  C2    . DA  B 1 9  ? -18.787 -14.377 12.734  1    10.02 ? 9   DA  C C2    1 
ATOM   371 N  N3    . DA  B 1 9  ? -20.014 -13.941 12.462  1    10.67 ? 9   DA  C N3    1 
ATOM   372 C  C4    . DA  B 1 9  ? -20.327 -12.908 13.245  1    10.65 ? 9   DA  C C4    1 
HETATM 373 C  C10   . NSF C 2 1  ? 0.809   6.111   -2.499  1    26.48 ? 1   NSF B C10   1 
HETATM 374 C  C12   . NSF C 2 1  ? -1.470  10.511  -2.276  1    26.04 ? 1   NSF B C12   1 
HETATM 375 C  C11   . NSF C 2 1  ? -1.075  9.253   -3.085  1    26.09 ? 1   NSF B C11   1 
HETATM 376 C  C16   . NSF C 2 1  ? -1.914  14.164  -4.708  1    26.27 ? 1   NSF B C16   1 
HETATM 377 C  C14   . NSF C 2 1  ? -0.419  12.386  -3.637  1    25.32 ? 1   NSF B C14   1 
HETATM 378 C  C17   . NSF C 2 1  ? -3.092  13.391  -4.110  1    26.22 ? 1   NSF B C17   1 
HETATM 379 C  C18   . NSF C 2 1  ? -2.903  12.282  -3.366  1    26.16 ? 1   NSF B C18   1 
HETATM 380 C  C     . NSF C 2 1  ? 0.279   8.531   -0.142  1    22.37 ? 1   NSF B C     1 
HETATM 381 C  C03   . NSF C 2 1  ? -0.962  7.941   -0.866  1    24.28 ? 1   NSF B C03   1 
HETATM 382 C  C05   . NSF C 2 1  ? -0.431  6.789   -3.124  1    26.13 ? 1   NSF B C05   1 
HETATM 383 C  CA    . NSF C 2 1  ? -1.522  5.702   -3.058  1    26.58 ? 1   NSF B CA    1 
HETATM 384 C  C08   . NSF C 2 1  ? -1.018  4.739   -1.929  1    26.79 ? 1   NSF B C08   1 
HETATM 385 O  O09   . NSF C 2 1  ? 0.266   5.255   -1.456  1    26.7  ? 1   NSF B O09   1 
HETATM 386 N  N04   . NSF C 2 1  ? -0.811  8.035   -2.349  1    25.73 ? 1   NSF B N04   1 
HETATM 387 N  N     . NSF C 2 1  ? -1.670  5.014   -4.364  1    26.77 ? 1   NSF B N     1 
HETATM 388 N  N13   . NSF C 2 1  ? -1.631  11.709  -3.096  1    25.99 ? 1   NSF B N13   1 
HETATM 389 N  N15   . NSF C 2 1  ? -0.629  13.557  -4.415  1    25.94 ? 1   NSF B N15   1 
HETATM 390 O  O     . NSF C 2 1  ? 1.090   9.157   -0.734  1    22.34 ? 1   NSF B O     1 
HETATM 391 O  O20   . NSF C 2 1  ? -2.008  15.176  -5.341  1    26.24 ? 1   NSF B O20   1 
HETATM 392 O  O21   . NSF C 2 1  ? 0.676   11.935  -3.417  1    24.46 ? 1   NSF B O21   1 
HETATM 393 O  O22   . NSF C 2 1  ? -0.953  9.303   -4.276  1    26.62 ? 1   NSF B O22   1 
HETATM 394 I  I1    . NSF C 2 1  ? -4.962  14.126  -4.465  0.17 26.01 ? 1   NSF B I1    1 
HETATM 395 C  C10   . NR0 C 2 2  ? 3.152   8.414   3.453   1    18.65 ? 2   NR0 B C10   1 
HETATM 396 C  C11   . NR0 C 2 2  ? 3.626   6.302   0.497   1    16.95 ? 2   NR0 B C11   1 
HETATM 397 C  C12   . NR0 C 2 2  ? 2.815   5.065   1.106   1    16.71 ? 2   NR0 B C12   1 
HETATM 398 C  C14   . NR0 C 2 2  ? 2.442   3.266   -0.595  1    17.07 ? 2   NR0 B C14   1 
HETATM 399 C  C16   . NR0 C 2 2  ? 4.338   3.069   0.549   1    15.48 ? 2   NR0 B C16   1 
HETATM 400 C  C17   . NR0 C 2 2  ? 4.231   2.072   -0.440  1    15.75 ? 2   NR0 B C17   1 
HETATM 401 C  C18   . NR0 C 2 2  ? 5.310   1.177   -0.455  1    15.47 ? 2   NR0 B C18   1 
HETATM 402 C  C21   . NR0 C 2 2  ? 6.279   2.370   1.295   1    14.5  ? 2   NR0 B C21   1 
HETATM 403 C  C     . NR0 C 2 2  ? 5.668   8.850   0.723   1    15.83 ? 2   NR0 B C     1 
HETATM 404 C  C03   . NR0 C 2 2  ? 4.137   8.794   0.475   1    16.46 ? 2   NR0 B C03   1 
HETATM 405 C  C05   . NR0 C 2 2  ? 2.474   7.811   2.211   1    18.68 ? 2   NR0 B C05   1 
HETATM 406 C  CA    . NR0 C 2 2  ? 1.300   8.788   2.006   1    19.97 ? 2   NR0 B CA    1 
HETATM 407 C  C08   . NR0 C 2 2  ? 0.822   9.048   3.452   1    19.87 ? 2   NR0 B C08   1 
HETATM 408 N  N04   . NR0 C 2 2  ? 3.450   7.605   1.051   1    17.39 ? 2   NR0 B N04   1 
HETATM 409 N  N     . NR0 C 2 2  ? 0.247   8.248   1.153   1    21.07 ? 2   NR0 B N     1 
HETATM 410 N  N13   . NR0 C 2 2  ? 3.157   3.858   0.406   1    16.69 ? 2   NR0 B N13   1 
HETATM 411 N  N15   . NR0 C 2 2  ? 2.986   2.171   -1.132  1    16.85 ? 2   NR0 B N15   1 
HETATM 412 N  N19   . NR0 C 2 2  ? 5.345   0.116   -1.398  1    16.13 ? 2   NR0 B N19   1 
HETATM 413 N  N20   . NR0 C 2 2  ? 6.336   1.335   0.419   1    14.35 ? 2   NR0 B N20   1 
HETATM 414 N  N22   . NR0 C 2 2  ? 5.328   3.321   1.434   1    15.06 ? 2   NR0 B N22   1 
HETATM 415 O  O     . NR0 C 2 2  ? 6.275   9.719   0.173   1    15.55 ? 2   NR0 B O     1 
HETATM 416 O  O09   . NR0 C 2 2  ? 2.120   9.198   4.215   1    19.17 ? 2   NR0 B O09   1 
HETATM 417 O  O23   . NR0 C 2 2  ? 4.431   6.130   -0.402  1    16.72 ? 2   NR0 B O23   1 
HETATM 418 C  C10   . NSU C 2 3  ? 9.569   7.355   2.845   1    14.52 ? 3   NSU B C10   1 
HETATM 419 C  C     . NSU C 2 3  ? 10.862  8.631   -0.723  1    12.67 ? 3   NSU B C     1 
HETATM 420 C  C03   . NSU C 2 3  ? 9.515   8.697   -0.007  1    13.06 ? 3   NSU B C03   1 
HETATM 421 C  C05   . NSU C 2 3  ? 8.509   7.290   1.782   1    14.11 ? 3   NSU B C05   1 
HETATM 422 C  CA    . NSU C 2 3  ? 7.468   8.353   2.278   1    14.73 ? 3   NSU B CA    1 
HETATM 423 C  C08   . NSU C 2 3  ? 7.583   8.140   3.818   1    14.97 ? 3   NSU B C08   1 
HETATM 424 O  O09   . NSU C 2 3  ? 8.863   7.590   4.058   1    15.46 ? 3   NSU B O09   1 
HETATM 425 C  C11   . NSU C 2 3  ? 8.549   6.392   -0.590  1    12.93 ? 3   NSU B C11   1 
HETATM 426 C  C12   . NSU C 2 3  ? 7.814   5.121   -0.143  1    13.23 ? 3   NSU B C12   1 
HETATM 427 C  C14   . NSU C 2 3  ? 8.640   3.209   -1.436  1    12.53 ? 3   NSU B C14   1 
HETATM 428 C  C16   . NSU C 2 3  ? 7.287   2.218   -3.259  1    12.92 ? 3   NSU B C16   1 
HETATM 429 C  C17   . NSU C 2 3  ? 6.299   3.254   -3.021  1    12.47 ? 3   NSU B C17   1 
HETATM 430 C  C18   . NSU C 2 3  ? 6.478   4.142   -2.039  1    12.27 ? 3   NSU B C18   1 
HETATM 431 C  C19   . NSU C 2 3  ? 5.084   3.171   -3.869  1    12.24 ? 3   NSU B C19   1 
HETATM 432 N  N04   . NSU C 2 3  ? 8.900   7.412   0.319   1    13.34 ? 3   NSU B N04   1 
HETATM 433 N  N     . NSU C 2 3  ? 6.151   8.044   1.703   1    14.85 ? 3   NSU B N     1 
HETATM 434 N  N13   . NSU C 2 3  ? 7.622   4.142   -1.244  1    12.95 ? 3   NSU B N13   1 
HETATM 435 N  N15   . NSU C 2 3  ? 8.435   2.233   -2.432  1    12.27 ? 3   NSU B N15   1 
HETATM 436 O  O     . NSU C 2 3  ? 11.372  9.690   -1.015  1    11.83 ? 3   NSU B O     1 
HETATM 437 O  O20   . NSU C 2 3  ? 7.204   1.347   -4.085  1    13.72 ? 3   NSU B O20   1 
HETATM 438 O  O21   . NSU C 2 3  ? 9.644   3.251   -0.729  1    12.48 ? 3   NSU B O21   1 
HETATM 439 O  O22   . NSU C 2 3  ? 8.865   6.460   -1.758  1    12.89 ? 3   NSU B O22   1 
HETATM 440 C  C10   . NRL C 2 4  ? 15.100  6.504   -0.133  1    14.63 ? 4   NRL B C10   1 
HETATM 441 C  C14   . NRL C 2 4  ? 12.182  2.983   -4.257  1    10.99 ? 4   NRL B C14   1 
HETATM 442 C  C17   . NRL C 2 4  ? 9.692   3.689   -5.294  1    12.37 ? 4   NRL B C17   1 
HETATM 443 C  C18   . NRL C 2 4  ? 10.249  4.478   -4.332  1    12.11 ? 4   NRL B C18   1 
HETATM 444 O  O21   . NRL C 2 4  ? 13.248  2.712   -3.714  1    9.99  ? 4   NRL B O21   1 
HETATM 445 C  C     . NRL C 2 4  ? 15.672  7.664   -3.888  1    15.88 ? 4   NRL B C     1 
HETATM 446 C  C03   . NRL C 2 4  ? 14.592  7.887   -2.860  1    14.66 ? 4   NRL B C03   1 
HETATM 447 C  C05   . NRL C 2 4  ? 13.741  6.630   -0.868  1    14.46 ? 4   NRL B C05   1 
HETATM 448 C  CA    . NRL C 2 4  ? 13.105  7.815   -0.075  1    13.58 ? 4   NRL B CA    1 
HETATM 449 C  C08   . NRL C 2 4  ? 13.716  7.650   1.320   1    13.8  ? 4   NRL B C08   1 
HETATM 450 C  C11   . NRL C 2 4  ? 12.983  5.992   -3.209  1    12.86 ? 4   NRL B C11   1 
HETATM 451 C  C12   . NRL C 2 4  ? 12.061  4.907   -2.688  1    12.16 ? 4   NRL B C12   1 
HETATM 452 C  C16   . NRL C 2 4  ? 10.370  2.473   -5.678  1    11.96 ? 4   NRL B C16   1 
HETATM 453 N  N04   . NRL C 2 4  ? 13.806  6.786   -2.353  1    13.8  ? 4   NRL B N04   1 
HETATM 454 N  N     . NRL C 2 4  ? 11.642  7.709   -0.056  1    12.91 ? 4   NRL B N     1 
HETATM 455 N  N13   . NRL C 2 4  ? 11.460  4.126   -3.738  1    12.19 ? 4   NRL B N13   1 
HETATM 456 N  N15   . NRL C 2 4  ? 11.550  2.129   -5.184  1    11.32 ? 4   NRL B N15   1 
HETATM 457 N  N19   . NRL C 2 4  ? 9.779   1.694   -6.665  1    12.49 ? 4   NRL B N19   1 
HETATM 458 O  O     . NRL C 2 4  ? 15.953  8.624   -4.565  1    16.73 ? 4   NRL B O     1 
HETATM 459 O  O09   . NRL C 2 4  ? 14.944  7.060   1.163   1    14.45 ? 4   NRL B O09   1 
HETATM 460 O  O22   . NRL C 2 4  ? 13.024  6.124   -4.422  1    11.99 ? 4   NRL B O22   1 
HETATM 461 C  C10   . NR0 C 2 5  ? 18.995  4.255   -4.594  1    18.38 ? 5   NR0 B C10   1 
HETATM 462 C  C11   . NR0 C 2 5  ? 16.247  4.751   -6.989  1    14.31 ? 5   NR0 B C11   1 
HETATM 463 C  C12   . NR0 C 2 5  ? 15.187  4.020   -6.183  1    13.96 ? 5   NR0 B C12   1 
HETATM 464 C  C14   . NR0 C 2 5  ? 12.979  4.460   -7.237  1    12.41 ? 5   NR0 B C14   1 
HETATM 465 C  C16   . NR0 C 2 5  ? 13.976  2.553   -7.886  1    12.12 ? 5   NR0 B C16   1 
HETATM 466 C  C17   . NR0 C 2 5  ? 12.717  2.683   -8.514  1    11.92 ? 5   NR0 B C17   1 
HETATM 467 C  C18   . NR0 C 2 5  ? 12.416  1.595   -9.388  1    11.45 ? 5   NR0 B C18   1 
HETATM 468 C  C21   . NR0 C 2 5  ? 14.465  0.628   -8.882  1    10.86 ? 5   NR0 B C21   1 
HETATM 469 C  C     . NR0 C 2 5  ? 19.418  5.039   -8.027  1    15.79 ? 5   NR0 B C     1 
HETATM 470 C  C03   . NR0 C 2 5  ? 18.541  5.906   -7.098  1    15.71 ? 5   NR0 B C03   1 
HETATM 471 C  C05   . NR0 C 2 5  ? 17.659  4.909   -4.938  1    16.83 ? 5   NR0 B C05   1 
HETATM 472 C  CA    . NR0 C 2 5  ? 17.631  6.221   -4.109  1    17.28 ? 5   NR0 B CA    1 
HETATM 473 C  C08   . NR0 C 2 5  ? 18.615  5.990   -2.976  1    18.57 ? 5   NR0 B C08   1 
HETATM 474 N  N04   . NR0 C 2 5  ? 17.464  5.145   -6.367  1    15.54 ? 5   NR0 B N04   1 
HETATM 475 N  N     . NR0 C 2 5  ? 16.289  6.544   -3.595  1    16.07 ? 5   NR0 B N     1 
HETATM 476 N  N13   . NR0 C 2 5  ? 14.086  3.696   -7.021  1    13.03 ? 5   NR0 B N13   1 
HETATM 477 N  N15   . NR0 C 2 5  ? 12.083  3.916   -8.080  1    12.35 ? 5   NR0 B N15   1 
HETATM 478 N  N19   . NR0 C 2 5  ? 11.194  1.530   -10.074 1    11.68 ? 5   NR0 B N19   1 
HETATM 479 N  N20   . NR0 C 2 5  ? 13.289  0.567   -9.529  1    10.93 ? 5   NR0 B N20   1 
HETATM 480 N  N22   . NR0 C 2 5  ? 14.919  1.595   -8.039  1    11.95 ? 5   NR0 B N22   1 
HETATM 481 O  O     . NR0 C 2 5  ? 20.079  5.625   -8.826  1    16.24 ? 5   NR0 B O     1 
HETATM 482 O  O09   . NR0 C 2 5  ? 19.311  4.669   -3.242  1    19.53 ? 5   NR0 B O09   1 
HETATM 483 O  O23   . NR0 C 2 5  ? 16.054  4.894   -8.168  1    14.35 ? 5   NR0 B O23   1 
HETATM 484 C  C10   . NRL C 2 6  ? 20.757  0.847   -9.818  1    15.64 ? 6   NRL B C10   1 
HETATM 485 C  C14   . NRL C 2 6  ? 15.077  1.677   -12.206 1    13.75 ? 6   NRL B C14   1 
HETATM 486 C  C17   . NRL C 2 6  ? 13.594  3.984   -11.733 1    12.84 ? 6   NRL B C17   1 
HETATM 487 C  C18   . NRL C 2 6  ? 14.775  3.817   -11.097 1    12.72 ? 6   NRL B C18   1 
HETATM 488 O  O21   . NRL C 2 6  ? 15.807  0.699   -12.387 1    13.9  ? 6   NRL B O21   1 
HETATM 489 C  C     . NRL C 2 6  ? 20.635  2.909   -13.180 1    14.77 ? 6   NRL B C     1 
HETATM 490 C  C03   . NRL C 2 6  ? 20.465  3.347   -11.753 1    14.98 ? 6   NRL B C03   1 
HETATM 491 C  C05   . NRL C 2 6  ? 19.696  2.003   -9.709  1    15.12 ? 6   NRL B C05   1 
HETATM 492 C  CA    . NRL C 2 6  ? 20.387  2.855   -8.599  1    15.03 ? 6   NRL B CA    1 
HETATM 493 C  C08   . NRL C 2 6  ? 20.973  1.792   -7.678  1    15.64 ? 6   NRL B C08   1 
HETATM 494 C  C11   . NRL C 2 6  ? 17.999  3.019   -11.415 1    14.09 ? 6   NRL B C11   1 
HETATM 495 C  C12   . NRL C 2 6  ? 16.815  2.496   -10.619 1    13.31 ? 6   NRL B C12   1 
HETATM 496 C  C16   . NRL C 2 6  ? 13.119  2.930   -12.586 1    12.79 ? 6   NRL B C16   1 
HETATM 497 N  N04   . NRL C 2 6  ? 19.352  2.776   -10.996 1    14.52 ? 6   NRL B N04   1 
HETATM 498 N  N     . NRL C 2 6  ? 19.427  3.718   -7.958  1    15.3  ? 6   NRL B N     1 
HETATM 499 N  N13   . NRL C 2 6  ? 15.531  2.673   -11.261 1    13.53 ? 6   NRL B N13   1 
HETATM 500 N  N15   . NRL C 2 6  ? 13.829  1.845   -12.846 1    13.33 ? 6   NRL B N15   1 
HETATM 501 N  N19   . NRL C 2 6  ? 11.902  3.085   -13.166 1    12.73 ? 6   NRL B N19   1 
HETATM 502 O  O     . NRL C 2 6  ? 21.162  3.638   -13.981 1    14.3  ? 6   NRL B O     1 
HETATM 503 O  O09   . NRL C 2 6  ? 21.388  0.723   -8.529  1    16.52 ? 6   NRL B O09   1 
HETATM 504 O  O22   . NRL C 2 6  ? 17.762  3.646   -12.445 1    13.84 ? 6   NRL B O22   1 
HETATM 505 C  C10   . NR0 C 2 7  ? 20.083  -0.978  -15.788 1    14.49 ? 7   NR0 B C10   1 
HETATM 506 C  C11   . NR0 C 2 7  ? 18.099  1.956   -16.529 1    15.3  ? 7   NR0 B C11   1 
HETATM 507 C  C12   . NR0 C 2 7  ? 17.058  1.699   -15.382 1    14.95 ? 7   NR0 B C12   1 
HETATM 508 C  C14   . NR0 C 2 7  ? 15.457  3.632   -15.166 1    15.33 ? 7   NR0 B C14   1 
HETATM 509 C  C16   . NR0 C 2 7  ? 14.812  1.991   -16.539 1    14.8  ? 7   NR0 B C16   1 
HETATM 510 C  C17   . NR0 C 2 7  ? 13.843  3.034   -16.487 1    14.71 ? 7   NR0 B C17   1 
HETATM 511 C  C18   . NR0 C 2 7  ? 12.758  2.816   -17.363 1    14.29 ? 7   NR0 B C18   1 
HETATM 512 C  C21   . NR0 C 2 7  ? 13.675  0.745   -17.950 1    13.7  ? 7   NR0 B C21   1 
HETATM 513 C  C     . NR0 C 2 7  ? 20.214  0.873   -18.845 1    16.42 ? 7   NR0 B C     1 
HETATM 514 C  C03   . NR0 C 2 7  ? 20.384  1.676   -17.547 1    15.66 ? 7   NR0 B C03   1 
HETATM 515 C  C05   . NR0 C 2 7  ? 19.714  0.449   -15.391 1    14.79 ? 7   NR0 B C05   1 
HETATM 516 C  CA    . NR0 C 2 7  ? 20.888  0.932   -14.506 1    14.7  ? 7   NR0 B CA    1 
HETATM 517 C  C08   . NR0 C 2 7  ? 21.630  -0.323  -14.129 1    14.01 ? 7   NR0 B C08   1 
HETATM 518 N  N04   . NR0 C 2 7  ? 19.382  1.352   -16.506 1    14.98 ? 7   NR0 B N04   1 
HETATM 519 N  N     . NR0 C 2 7  ? 20.409  1.643   -13.277 1    14.61 ? 7   NR0 B N     1 
HETATM 520 N  N13   . NR0 C 2 7  ? 15.858  2.420   -15.672 1    15.02 ? 7   NR0 B N13   1 
HETATM 521 N  N15   . NR0 C 2 7  ? 14.293  4.108   -15.634 1    14.9  ? 7   NR0 B N15   1 
HETATM 522 N  N19   . NR0 C 2 7  ? 11.693  3.736   -17.431 1    14.78 ? 7   NR0 B N19   1 
HETATM 523 N  N20   . NR0 C 2 7  ? 12.675  1.683   -18.080 1    14.3  ? 7   NR0 B N20   1 
HETATM 524 N  N22   . NR0 C 2 7  ? 14.825  0.836   -17.252 1    14.06 ? 7   NR0 B N22   1 
HETATM 525 O  O     . NR0 C 2 7  ? 20.862  1.248   -19.765 1    16.73 ? 7   NR0 B O     1 
HETATM 526 O  O09   . NR0 C 2 7  ? 20.841  -1.488  -14.642 1    13.86 ? 7   NR0 B O09   1 
HETATM 527 O  O23   . NR0 C 2 7  ? 17.803  2.689   -17.445 1    15.6  ? 7   NR0 B O23   1 
HETATM 528 C  C10   . NSU C 2 8  ? 18.069  -2.574  -21.452 1    19.66 ? 8   NSU B C10   1 
HETATM 529 C  C     . NSU C 2 8  ? 18.329  -0.090  -24.271 1    19.74 ? 8   NSU B C     1 
HETATM 530 C  C03   . NSU C 2 8  ? 18.906  0.058   -22.887 1    19.1  ? 8   NSU B C03   1 
HETATM 531 C  C05   . NSU C 2 8  ? 18.075  -1.152  -20.866 1    18.95 ? 8   NSU B C05   1 
HETATM 532 C  CA    . NSU C 2 8  ? 19.408  -1.144  -20.054 1    18.7  ? 8   NSU B CA    1 
HETATM 533 C  C08   . NSU C 2 8  ? 19.458  -2.594  -19.586 1    19.59 ? 8   NSU B C08   1 
HETATM 534 O  O09   . NSU C 2 8  ? 18.969  -3.346  -20.635 1    20.17 ? 8   NSU B O09   1 
HETATM 535 C  C11   . NSU C 2 8  ? 17.047  1.110   -21.521 1    17.19 ? 8   NSU B C11   1 
HETATM 536 C  C12   . NSU C 2 8  ? 16.147  1.103   -20.313 1    16.53 ? 8   NSU B C12   1 
HETATM 537 C  C14   . NSU C 2 8  ? 14.062  2.125   -21.108 1    15.7  ? 8   NSU B C14   1 
HETATM 538 C  C16   . NSU C 2 8  ? 13.423  4.391   -20.352 1    15.7  ? 8   NSU B C16   1 
HETATM 539 C  C17   . NSU C 2 8  ? 14.671  4.455   -19.594 1    15.58 ? 8   NSU B C17   1 
HETATM 540 C  C18   . NSU C 2 8  ? 15.517  3.408   -19.595 1    15.69 ? 8   NSU B C18   1 
HETATM 541 C  C19   . NSU C 2 8  ? 14.861  5.687   -18.787 1    15.13 ? 8   NSU B C19   1 
HETATM 542 N  N04   . NSU C 2 8  ? 17.943  0.050   -21.784 1    18.34 ? 8   NSU B N04   1 
HETATM 543 N  N     . NSU C 2 8  ? 19.365  -0.143  -18.996 1    17.42 ? 8   NSU B N     1 
HETATM 544 N  N13   . NSU C 2 8  ? 15.227  2.235   -20.304 1    15.98 ? 8   NSU B N13   1 
HETATM 545 N  N15   . NSU C 2 8  ? 13.201  3.211   -21.101 1    16.08 ? 8   NSU B N15   1 
HETATM 546 O  O     . NSU C 2 8  ? 19.087  0.168   -25.179 1    20.18 ? 8   NSU B O     1 
HETATM 547 O  O20   . NSU C 2 8  ? 12.590  5.277   -20.477 1    15.73 ? 8   NSU B O20   1 
HETATM 548 O  O21   . NSU C 2 8  ? 13.806  1.118   -21.779 1    15.47 ? 8   NSU B O21   1 
HETATM 549 O  O22   . NSU C 2 8  ? 16.974  2.062   -22.284 1    16.16 ? 8   NSU B O22   1 
HETATM 550 C  C10   . NRL C 2 9  ? 14.828  -1.654  -27.036 1    22.53 ? 9   NRL B C10   1 
HETATM 551 C  C14   . NRL C 2 9  ? 12.943  3.927   -24.971 1    15.78 ? 9   NRL B C14   1 
HETATM 552 C  C17   . NRL C 2 9  ? 14.610  5.457   -23.368 1    15.99 ? 9   NRL B C17   1 
HETATM 553 C  C18   . NRL C 2 9  ? 15.014  4.201   -23.731 1    16.25 ? 9   NRL B C18   1 
HETATM 554 O  O21   . NRL C 2 9  ? 12.289  3.196   -25.675 1    15.97 ? 9   NRL B O21   1 
HETATM 555 C  C     . NRL C 2 9  ? 15.790  1.484   -29.207 1    22.33 ? 9   NRL B C     1 
HETATM 556 C  C03   . NRL C 2 9  ? 16.494  0.792   -28.042 1    21.25 ? 9   NRL B C03   1 
HETATM 557 C  C05   . NRL C 2 9  ? 15.498  -0.597  -26.159 1    21.28 ? 9   NRL B C05   1 
HETATM 558 C  CA    . NRL C 2 9  ? 16.776  -1.390  -25.722 1    21.48 ? 9   NRL B CA    1 
HETATM 559 C  C08   . NRL C 2 9  ? 16.253  -2.843  -25.636 1    22.45 ? 9   NRL B C08   1 
HETATM 560 C  C11   . NRL C 2 9  ? 15.310  1.955   -26.186 1    18.35 ? 9   NRL B C11   1 
HETATM 561 C  C12   . NRL C 2 9  ? 14.578  2.004   -24.871 1    17.42 ? 9   NRL B C12   1 
HETATM 562 C  C16   . NRL C 2 9  ? 13.307  5.942   -23.803 1    15.14 ? 9   NRL B C16   1 
HETATM 563 N  N04   . NRL C 2 9  ? 15.743  0.734   -26.802 1    20.42 ? 9   NRL B N04   1 
HETATM 564 N  N     . NRL C 2 9  ? 17.303  -0.866  -24.461 1    20.3  ? 9   NRL B N     1 
HETATM 565 N  N13   . NRL C 2 9  ? 14.189  3.371   -24.477 1    16.53 ? 9   NRL B N13   1 
HETATM 566 N  N15   . NRL C 2 9  ? 12.494  5.212   -24.568 1    15.28 ? 9   NRL B N15   1 
HETATM 567 N  N19   . NRL C 2 9  ? 12.941  7.215   -23.384 1    14.51 ? 9   NRL B N19   1 
HETATM 568 O  O     . NRL C 2 9  ? 14.602  1.343   -29.334 1    21.82 ? 9   NRL B O     1 
HETATM 569 O  O09   . NRL C 2 9  ? 15.080  -2.921  -26.452 1    23.12 ? 9   NRL B O09   1 
HETATM 570 O  O22   . NRL C 2 9  ? 15.522  3.024   -26.728 1    17.16 ? 9   NRL B O22   1 
HETATM 571 N  N10   . XDV C 2 10 ? 20.971  9.563   -30.188 1    38.21 ? 10  XDV B N10   1 
HETATM 572 C  C02   . XDV C 2 10 ? 16.105  2.813   -31.204 1    26.83 ? 10  XDV B C02   1 
HETATM 573 C  C03   . XDV C 2 10 ? 15.721  4.272   -31.000 1    29.06 ? 10  XDV B C03   1 
HETATM 574 C  C05   . XDV C 2 10 ? 17.201  6.112   -30.577 1    33.26 ? 10  XDV B C05   1 
HETATM 575 C  C06   . XDV C 2 10 ? 18.620  6.498   -31.020 1    34.94 ? 10  XDV B C06   1 
HETATM 576 C  C08   . XDV C 2 10 ? 20.478  7.066   -29.603 1    37.11 ? 10  XDV B C08   1 
HETATM 577 C  C09   . XDV C 2 10 ? 21.454  8.232   -29.837 1    37.74 ? 10  XDV B C09   1 
HETATM 578 N  N01   . XDV C 2 10 ? 16.554  2.274   -29.933 1    24.32 ? 10  XDV B N01   1 
HETATM 579 O  O04   . XDV C 2 10 ? 16.838  5.018   -31.383 1    31.33 ? 10  XDV B O04   1 
HETATM 580 O  O07   . XDV C 2 10 ? 19.197  7.400   -30.102 1    36.25 ? 10  XDV B O07   1 
HETATM 581 O  O11   . XDV C 2 10 ? 22.623  8.056   -29.721 1    37.79 ? 10  XDV B O11   1 
HETATM 582 C  C10   . NSF D 2 1  ? -16.210 -22.170 11.220  1    24.85 ? 1   NSF D C10   1 
HETATM 583 C  C12   . NSF D 2 1  ? -14.849 -18.963 13.173  1    18.12 ? 1   NSF D C12   1 
HETATM 584 C  C11   . NSF D 2 1  ? -14.495 -19.000 11.708  1    20.04 ? 1   NSF D C11   1 
HETATM 585 C  C16   . NSF D 2 1  ? -14.728 -14.958 14.848  1    14.93 ? 1   NSF D C16   1 
HETATM 586 C  C14   . NSF D 2 1  ? -15.893 -16.754 13.590  1    16.09 ? 1   NSF D C14   1 
HETATM 587 C  C17   . NSF D 2 1  ? -13.532 -15.924 14.925  1    15.21 ? 1   NSF D C17   1 
HETATM 588 C  C18   . NSF D 2 1  ? -13.600 -17.160 14.392  1    15.62 ? 1   NSF D C18   1 
HETATM 589 C  C     . NSF D 2 1  ? -15.298 -19.686 8.739   1    21.52 ? 1   NSF D C     1 
HETATM 590 C  C03   . NSF D 2 1  ? -14.159 -20.370 9.586   1    21.72 ? 1   NSF D C03   1 
HETATM 591 C  C05   . NSF D 2 1  ? -14.913 -21.543 11.752  1    24.01 ? 1   NSF D C05   1 
HETATM 592 C  CA    . NSF D 2 1  ? -13.827 -22.639 11.657  1    25.15 ? 1   NSF D CA    1 
HETATM 593 C  C08   . NSF D 2 1  ? -14.408 -23.704 10.676  1    25.52 ? 1   NSF D C08   1 
HETATM 594 O  O09   . NSF D 2 1  ? -15.824 -23.363 10.456  1    25.6  ? 1   NSF D O09   1 
HETATM 595 N  N04   . NSF D 2 1  ? -14.514 -20.274 10.998  1    22.14 ? 1   NSF D N04   1 
HETATM 596 N  N     . NSF D 2 1  ? -13.593 -23.188 12.977  1    25.73 ? 1   NSF D N     1 
HETATM 597 N  N13   . NSF D 2 1  ? -14.726 -17.637 13.738  1    16.68 ? 1   NSF D N13   1 
HETATM 598 N  N15   . NSF D 2 1  ? -15.819 -15.501 14.160  1    15.3  ? 1   NSF D N15   1 
HETATM 599 O  O     . NSF D 2 1  ? -16.435 -19.618 9.096   1    21.41 ? 1   NSF D O     1 
HETATM 600 O  O20   . NSF D 2 1  ? -14.786 -13.844 15.285  1    14.93 ? 1   NSF D O20   1 
HETATM 601 O  O21   . NSF D 2 1  ? -16.870 -17.143 12.991  1    16.51 ? 1   NSF D O21   1 
HETATM 602 O  O22   . NSF D 2 1  ? -14.192 -17.983 11.157  1    19.96 ? 1   NSF D O22   1 
HETATM 603 I  I1    . NSF D 2 1  ? -11.885 -15.251 15.837  0.28 14.32 ? 1   NSF D I1    1 
HETATM 604 C  C10   . NR0 D 2 2  ? -17.786 -17.510 6.606   1    19.39 ? 2   NR0 D C10   1 
HETATM 605 C  C11   . NR0 D 2 2  ? -15.535 -15.048 8.138   1    14.23 ? 2   NR0 D C11   1 
HETATM 606 C  C12   . NR0 D 2 2  ? -15.659 -15.638 9.601   1    13.6  ? 2   NR0 D C12   1 
HETATM 607 C  C14   . NR0 D 2 2  ? -13.880 -14.666 11.083  1    12.49 ? 2   NR0 D C14   1 
HETATM 608 C  C16   . NR0 D 2 2  ? -15.774 -13.468 10.957  1    11.8  ? 2   NR0 D C16   1 
HETATM 609 C  C17   . NR0 D 2 2  ? -14.842 -12.867 11.860  1    11.85 ? 2   NR0 D C17   1 
HETATM 610 C  C18   . NR0 D 2 2  ? -15.328 -11.672 12.458  1    10.47 ? 2   NR0 D C18   1 
HETATM 611 C  C21   . NR0 D 2 2  ? -17.320 -11.921 11.276  1    10.45 ? 2   NR0 D C21   1 
HETATM 612 C  C     . NR0 D 2 2  ? -16.852 -14.349 5.141   1    15.53 ? 2   NR0 D C     1 
HETATM 613 C  C03   . NR0 D 2 2  ? -15.800 -15.368 5.603   1    15.71 ? 2   NR0 D C03   1 
HETATM 614 C  C05   . NR0 D 2 2  ? -16.461 -17.187 7.254   1    18.47 ? 2   NR0 D C05   1 
HETATM 615 C  CA    . NR0 D 2 2  ? -15.438 -18.257 6.713   1    20.1  ? 2   NR0 D CA    1 
HETATM 616 C  C08   . NR0 D 2 2  ? -16.250 -19.179 5.822   1    20.35 ? 2   NR0 D C08   1 
HETATM 617 N  N04   . NR0 D 2 2  ? -15.962 -15.831 7.016   1    15.93 ? 2   NR0 D N04   1 
HETATM 618 N  N     . NR0 D 2 2  ? -14.721 -19.022 7.733   1    21.05 ? 2   NR0 D N     1 
HETATM 619 N  N13   . NR0 D 2 2  ? -15.138 -14.678 10.538  1    12.81 ? 2   NR0 D N13   1 
HETATM 620 N  N15   . NR0 D 2 2  ? -13.620 -13.660 11.921  1    12.31 ? 2   NR0 D N15   1 
HETATM 621 N  N19   . NR0 D 2 2  ? -14.508 -10.901 13.324  1    10.64 ? 2   NR0 D N19   1 
HETATM 622 N  N20   . NR0 D 2 2  ? -16.547 -11.210 12.149  1    9.98  ? 2   NR0 D N20   1 
HETATM 623 N  N22   . NR0 D 2 2  ? -17.040 -13.102 10.643  1    10.85 ? 2   NR0 D N22   1 
HETATM 624 O  O     . NR0 D 2 2  ? -16.725 -13.906 4.035   1    15.83 ? 2   NR0 D O     1 
HETATM 625 O  O09   . NR0 D 2 2  ? -17.525 -18.451 5.523   1    20.46 ? 2   NR0 D O09   1 
HETATM 626 O  O23   . NR0 D 2 2  ? -15.060 -13.943 7.988   1    13.05 ? 2   NR0 D O23   1 
HETATM 627 C  C10   . NSU D 2 3  ? -20.591 -11.691 6.077   1    13.71 ? 3   NSU D C10   1 
HETATM 628 C  C     . NSU D 2 3  ? -18.443 -9.200  4.128   1    14.13 ? 3   NSU D C     1 
HETATM 629 C  C03   . NSU D 2 3  ? -18.185 -10.687 4.278   1    14.42 ? 3   NSU D C03   1 
HETATM 630 C  C05   . NSU D 2 3  ? -19.131 -12.081 6.186   1    14.02 ? 3   NSU D C05   1 
HETATM 631 C  CA    . NSU D 2 3  ? -19.117 -13.448 5.456   1    14.31 ? 3   NSU D CA    1 
HETATM 632 C  C08   . NSU D 2 3  ? -20.506 -13.976 5.825   1    13.65 ? 3   NSU D C08   1 
HETATM 633 O  O09   . NSU D 2 3  ? -21.349 -12.857 6.043   1    13.64 ? 3   NSU D O09   1 
HETATM 634 C  C11   . NSU D 2 3  ? -17.062 -10.580 6.549   1    14.63 ? 3   NSU D C11   1 
HETATM 635 C  C12   . NSU D 2 3  ? -16.974 -11.047 7.970   1    14.06 ? 3   NSU D C12   1 
HETATM 636 C  C14   . NSU D 2 3  ? -16.240 -9.298  9.559   1    12.48 ? 3   NSU D C14   1 
HETATM 637 C  C16   . NSU D 2 3  ? -13.921 -9.341  10.407  1    12.09 ? 3   NSU D C16   1 
HETATM 638 C  C17   . NSU D 2 3  ? -13.669 -10.487 9.534   1    12.09 ? 3   NSU D C17   1 
HETATM 639 C  C18   . NSU D 2 3  ? -14.645 -10.974 8.745   1    11.82 ? 3   NSU D C18   1 
HETATM 640 C  C19   . NSU D 2 3  ? -12.272 -11.019 9.548   1    11.97 ? 3   NSU D C19   1 
HETATM 641 N  N04   . NSU D 2 3  ? -18.062 -11.067 5.701   1    14.38 ? 3   NSU D N04   1 
HETATM 642 N  N     . NSU D 2 3  ? -17.971 -14.262 5.923   1    14.84 ? 3   NSU D N     1 
HETATM 643 N  N13   . NSU D 2 3  ? -15.917 -10.429 8.734   1    12.71 ? 3   NSU D N13   1 
HETATM 644 N  N15   . NSU D 2 3  ? -15.207 -8.792  10.359  1    12.31 ? 3   NSU D N15   1 
HETATM 645 O  O     . NSU D 2 3  ? -18.517 -8.790  3.002   1    14.48 ? 3   NSU D O     1 
HETATM 646 O  O20   . NSU D 2 3  ? -13.129 -8.800  11.159  1    12.4  ? 3   NSU D O20   1 
HETATM 647 O  O21   . NSU D 2 3  ? -17.346 -8.753  9.536   1    12.54 ? 3   NSU D O21   1 
HETATM 648 O  O22   . NSU D 2 3  ? -16.214 -9.799  6.165   1    15.54 ? 3   NSU D O22   1 
HETATM 649 C  C10   . NRL D 2 4  ? -20.645 -5.455  6.149   1    14.45 ? 4   NRL D C10   1 
HETATM 650 C  C14   . NRL D 2 4  ? -15.067 -5.465  8.839   1    12.57 ? 4   NRL D C14   1 
HETATM 651 C  C17   . NRL D 2 4  ? -13.073 -7.156  7.884   1    11.54 ? 4   NRL D C17   1 
HETATM 652 C  C18   . NRL D 2 4  ? -14.292 -7.216  7.310   1    11.69 ? 4   NRL D C18   1 
HETATM 653 O  O21   . NRL D 2 4  ? -16.003 -4.741  9.203   1    13.45 ? 4   NRL D O21   1 
HETATM 654 C  C     . NRL D 2 4  ? -18.378 -2.887  4.545   1    16.94 ? 4   NRL D C     1 
HETATM 655 C  C03   . NRL D 2 4  ? -18.331 -4.396  4.338   1    14.81 ? 4   NRL D C03   1 
HETATM 656 C  C05   . NRL D 2 4  ? -19.312 -6.180  5.860   1    14.14 ? 4   NRL D C05   1 
HETATM 657 C  CA    . NRL D 2 4  ? -19.746 -7.239  4.791   1    14.4  ? 4   NRL D CA    1 
HETATM 658 C  C08   . NRL D 2 4  ? -21.264 -7.212  4.834   1    14.79 ? 4   NRL D C08   1 
HETATM 659 C  C11   . NRL D 2 4  ? -16.918 -5.448  6.109   1    12.31 ? 4   NRL D C11   1 
HETATM 660 C  C12   . NRL D 2 4  ? -16.668 -6.484  7.196   1    11.57 ? 4   NRL D C12   1 
HETATM 661 C  C16   . NRL D 2 4  ? -12.851 -6.234  8.957   1    11.84 ? 4   NRL D C16   1 
HETATM 662 N  N04   . NRL D 2 4  ? -18.151 -5.283  5.482   1    13.28 ? 4   NRL D N04   1 
HETATM 663 N  N     . NRL D 2 4  ? -19.230 -8.598  5.021   1    13.92 ? 4   NRL D N     1 
HETATM 664 N  N13   . NRL D 2 4  ? -15.332 -6.406  7.760   1    12.06 ? 4   NRL D N13   1 
HETATM 665 N  N15   . NRL D 2 4  ? -13.816 -5.477  9.479   1    12.34 ? 4   NRL D N15   1 
HETATM 666 N  N19   . NRL D 2 4  ? -11.626 -6.260  9.536   1    11.83 ? 4   NRL D N19   1 
HETATM 667 O  O     . NRL D 2 4  ? -17.955 -2.235  3.614   1    17.6  ? 4   NRL D O     1 
HETATM 668 O  O09   . NRL D 2 4  ? -21.639 -6.352  5.857   1    15.5  ? 4   NRL D O09   1 
HETATM 669 O  O22   . NRL D 2 4  ? -15.970 -4.770  5.781   1    11.81 ? 4   NRL D O22   1 
HETATM 670 C  C10   . NR0 D 2 5  ? -18.908 0.490   7.900   1    19.22 ? 5   NR0 D C10   1 
HETATM 671 C  C11   . NR0 D 2 5  ? -15.614 -0.752  6.628   1    18.07 ? 5   NR0 D C11   1 
HETATM 672 C  C12   . NR0 D 2 5  ? -15.479 -1.907  7.582   1    16.37 ? 5   NR0 D C12   1 
HETATM 673 C  C14   . NR0 D 2 5  ? -13.580 -3.350  6.807   1    14.37 ? 5   NR0 D C14   1 
HETATM 674 C  C16   . NR0 D 2 5  ? -13.125 -2.085  8.601   1    13.92 ? 5   NR0 D C16   1 
HETATM 675 C  C17   . NR0 D 2 5  ? -12.027 -2.917  8.290   1    13.45 ? 5   NR0 D C17   1 
HETATM 676 C  C18   . NR0 D 2 5  ? -10.916 -2.750  9.177   1    12.91 ? 5   NR0 D C18   1 
HETATM 677 C  C21   . NR0 D 2 5  ? -12.136 -1.154  10.379  1    13.5  ? 5   NR0 D C21   1 
HETATM 678 C  C     . NR0 D 2 5  ? -16.302 2.273   5.972   1    25.91 ? 5   NR0 D C     1 
HETATM 679 C  C03   . NR0 D 2 5  ? -17.030 0.996   5.499   1    23    ? 5   NR0 D C03   1 
HETATM 680 C  C05   . NR0 D 2 5  ? -18.084 -0.566  7.171   1    18.9  ? 5   NR0 D C05   1 
HETATM 681 C  CA    . NR0 D 2 5  ? -19.118 -1.210  6.190   1    18.82 ? 5   NR0 D CA    1 
HETATM 682 C  C08   . NR0 D 2 5  ? -20.455 -1.175  6.975   1    18.78 ? 5   NR0 D C08   1 
HETATM 683 N  N04   . NR0 D 2 5  ? -16.875 -0.093  6.465   1    19.97 ? 5   NR0 D N04   1 
HETATM 684 N  N     . NR0 D 2 5  ? -18.723 -2.610  5.832   1    17.49 ? 5   NR0 D N     1 
HETATM 685 N  N13   . NR0 D 2 5  ? -14.129 -2.396  7.632   1    14.68 ? 5   NR0 D N13   1 
HETATM 686 N  N15   . NR0 D 2 5  ? -12.331 -3.736  7.101   1    14.26 ? 5   NR0 D N15   1 
HETATM 687 N  N19   . NR0 D 2 5  ? -9.738  -3.504  9.027   1    12.08 ? 5   NR0 D N19   1 
HETATM 688 N  N20   . NR0 D 2 5  ? -10.971 -1.873  10.210  1    13.23 ? 5   NR0 D N20   1 
HETATM 689 N  N22   . NR0 D 2 5  ? -13.276 -1.180  9.621   1    13.98 ? 5   NR0 D N22   1 
HETATM 690 O  O     . NR0 D 2 5  ? -16.101 3.101   5.140   1    27.01 ? 5   NR0 D O     1 
HETATM 691 O  O09   . NR0 D 2 5  ? -20.281 -0.137  8.050   1    19.26 ? 5   NR0 D O09   1 
HETATM 692 O  O23   . NR0 D 2 5  ? -14.633 -0.418  6.016   1    17.97 ? 5   NR0 D O23   1 
HETATM 693 C  C10   . NRL D 2 6  ? -14.315 4.992   9.569   1    30.29 ? 6   NRL D C10   1 
HETATM 694 C  C14   . NRL D 2 6  ? -10.194 0.471   8.030   1    19.97 ? 6   NRL D C14   1 
HETATM 695 C  C17   . NRL D 2 6  ? -10.367 -1.036  5.736   1    19.67 ? 6   NRL D C17   1 
HETATM 696 C  C18   . NRL D 2 6  ? -11.365 -0.158  6.035   1    20.45 ? 6   NRL D C18   1 
HETATM 697 O  O21   . NRL D 2 6  ? -10.188 1.156   9.029   1    19    ? 6   NRL D O21   1 
HETATM 698 C  C     . NRL D 2 6  ? -11.497 6.238   7.430   1    31.61 ? 6   NRL D C     1 
HETATM 699 C  C03   . NRL D 2 6  ? -12.738 5.481   6.952   1    30.21 ? 6   NRL D C03   1 
HETATM 700 C  C05   . NRL D 2 6  ? -14.149 3.940   8.448   1    29.6  ? 6   NRL D C05   1 
HETATM 701 C  CA    . NRL D 2 6  ? -15.574 3.959   7.803   1    29.25 ? 6   NRL D CA    1 
HETATM 702 C  C08   . NRL D 2 6  ? -16.470 4.364   9.017   1    30.27 ? 6   NRL D C08   1 
HETATM 703 C  C11   . NRL D 2 6  ? -12.169 3.032   7.096   1    26.49 ? 6   NRL D C11   1 
HETATM 704 C  C12   . NRL D 2 6  ? -12.403 1.553   7.555   1    24.09 ? 6   NRL D C12   1 
HETATM 705 C  C16   . NRL D 2 6  ? -9.269  -1.172  6.643   1    19.19 ? 6   NRL D C16   1 
HETATM 706 N  N04   . NRL D 2 6  ? -12.973 4.138   7.507   1    29.13 ? 6   NRL D N04   1 
HETATM 707 N  N     . NRL D 2 6  ? -15.945 2.624   7.234   1    27.55 ? 6   NRL D N     1 
HETATM 708 N  N13   . NRL D 2 6  ? -11.334 0.598   7.186   1    21.58 ? 6   NRL D N13   1 
HETATM 709 N  N15   . NRL D 2 6  ? -9.185  -0.467  7.750   1    19.5  ? 6   NRL D N15   1 
HETATM 710 N  N19   . NRL D 2 6  ? -8.277  -2.101  6.337   1    19    ? 6   NRL D N19   1 
HETATM 711 O  O     . NRL D 2 6  ? -11.286 7.334   6.961   1    31.99 ? 6   NRL D O     1 
HETATM 712 O  O09   . NRL D 2 6  ? -15.622 4.874   10.056  1    30.89 ? 6   NRL D O09   1 
HETATM 713 O  O22   . NRL D 2 6  ? -11.265 3.245   6.324   1    26.62 ? 6   NRL D O22   1 
HETATM 714 C  C10   . NR0 D 2 7  ? -8.437  6.429   11.108  1    33.06 ? 7   NR0 D C10   1 
HETATM 715 C  C11   . NR0 D 2 7  ? -7.777  5.068   7.698   1    29.32 ? 7   NR0 D C11   1 
HETATM 716 C  C12   . NR0 D 2 7  ? -8.298  3.617   8.027   1    27.29 ? 7   NR0 D C12   1 
HETATM 717 C  C14   . NR0 D 2 7  ? -8.277  2.126   5.980   1    24.25 ? 7   NR0 D C14   1 
HETATM 718 C  C16   . NR0 D 2 7  ? -6.533  1.848   7.324   1    23.18 ? 7   NR0 D C16   1 
HETATM 719 C  C17   . NR0 D 2 7  ? -6.463  0.962   6.204   1    23.06 ? 7   NR0 D C17   1 
HETATM 720 C  C18   . NR0 D 2 7  ? -5.295  0.156   6.173   1    22.54 ? 7   NR0 D C18   1 
HETATM 721 C  C21   . NR0 D 2 7  ? -4.621  1.158   8.192   1    22.09 ? 7   NR0 D C21   1 
HETATM 722 C  C     . NR0 D 2 7  ? -6.192  7.807   8.657   1    33.84 ? 7   NR0 D C     1 
HETATM 723 C  C03   . NR0 D 2 7  ? -7.668  7.604   8.214   1    32.68 ? 7   NR0 D C03   1 
HETATM 724 C  C05   . NR0 D 2 7  ? -9.039  6.067   9.752   1    32.32 ? 7   NR0 D C05   1 
HETATM 725 C  CA    . NR0 D 2 7  ? -10.334 6.921   9.764   1    32.68 ? 7   NR0 D CA    1 
HETATM 726 C  C08   . NR0 D 2 7  ? -10.856 6.763   11.208  1    33.26 ? 7   NR0 D C08   1 
HETATM 727 N  N04   . NR0 D 2 7  ? -8.131  6.231   8.536   1    31.32 ? 7   NR0 D N04   1 
HETATM 728 N  N     . NR0 D 2 7  ? -11.258 6.443   8.753   1    32.14 ? 7   NR0 D N     1 
HETATM 729 N  N13   . NR0 D 2 7  ? -7.738  2.603   7.145   1    25.08 ? 7   NR0 D N13   1 
HETATM 730 N  N15   . NR0 D 2 7  ? -7.609  1.145   5.345   1    23.45 ? 7   NR0 D N15   1 
HETATM 731 N  N19   . NR0 D 2 7  ? -5.087  -0.776  5.115   1    22.68 ? 7   NR0 D N19   1 
HETATM 732 N  N20   . NR0 D 2 7  ? -4.378  0.237   7.176   1    22.22 ? 7   NR0 D N20   1 
HETATM 733 N  N22   . NR0 D 2 7  ? -5.671  2.026   8.338   1    22.12 ? 7   NR0 D N22   1 
HETATM 734 O  O     . NR0 D 2 7  ? -5.602  8.346   7.790   1    34.54 ? 7   NR0 D O     1 
HETATM 735 O  O09   . NR0 D 2 7  ? -9.603  6.562   12.054  1    33.65 ? 7   NR0 D O09   1 
HETATM 736 O  O23   . NR0 D 2 7  ? -7.069  5.166   6.722   1    29.56 ? 7   NR0 D O23   1 
HETATM 737 C  C10   . NSU D 2 8  ? -2.271  6.021   11.090  1    34.12 ? 8   NSU D C10   1 
HETATM 738 C  C     . NSU D 2 8  ? -0.144  7.473   8.033   1    30.94 ? 8   NSU D C     1 
HETATM 739 C  C03   . NSU D 2 8  ? -1.575  7.705   8.518   1    31.58 ? 8   NSU D C03   1 
HETATM 740 C  C05   . NSU D 2 8  ? -3.133  6.265   9.848   1    33.19 ? 8   NSU D C05   1 
HETATM 741 C  CA    . NSU D 2 8  ? -4.055  7.438   10.390  1    33.7  ? 8   NSU D CA    1 
HETATM 742 C  C08   . NSU D 2 8  ? -4.230  6.999   11.865  1    34.13 ? 8   NSU D C08   1 
HETATM 743 O  O09   . NSU D 2 8  ? -3.114  6.197   12.214  1    34.7  ? 8   NSU D O09   1 
HETATM 744 C  C11   . NSU D 2 8  ? -2.528  5.539   7.429   1    30.67 ? 8   NSU D C11   1 
HETATM 745 C  C12   . NSU D 2 8  ? -3.453  4.294   7.493   1    29.8  ? 8   NSU D C12   1 
HETATM 746 C  C14   . NSU D 2 8  ? -2.232  2.573   6.171   1    28.7  ? 8   NSU D C14   1 
HETATM 747 C  C16   . NSU D 2 8  ? -3.085  1.803   3.986   1    29.18 ? 8   NSU D C16   1 
HETATM 748 C  C17   . NSU D 2 8  ? -4.187  2.737   4.162   1    28.94 ? 8   NSU D C17   1 
HETATM 749 C  C18   . NSU D 2 8  ? -4.269  3.515   5.258   1    28.78 ? 8   NSU D C18   1 
HETATM 750 C  C19   . NSU D 2 8  ? -5.179  2.760   3.054   1    28.91 ? 8   NSU D C19   1 
HETATM 751 N  N04   . NSU D 2 8  ? -2.404  6.460   8.519   1    31.79 ? 8   NSU D N04   1 
HETATM 752 N  N     . NSU D 2 8  ? -5.320  7.519   9.648   1    33.83 ? 8   NSU D N     1 
HETATM 753 N  N13   . NSU D 2 8  ? -3.352  3.428   6.288   1    29.02 ? 8   NSU D N13   1 
HETATM 754 N  N15   . NSU D 2 8  ? -2.144  1.768   5.037   1    28.95 ? 8   NSU D N15   1 
HETATM 755 O  O     . NSU D 2 8  ? 0.459   8.418   7.579   1    31.41 ? 8   NSU D O     1 
HETATM 756 O  O20   . NSU D 2 8  ? -2.883  1.062   3.035   1    29.85 ? 8   NSU D O20   1 
HETATM 757 O  O21   . NSU D 2 8  ? -1.402  2.493   7.064   1    28.52 ? 8   NSU D O21   1 
HETATM 758 O  O22   . NSU D 2 8  ? -1.939  5.728   6.379   1    30.34 ? 8   NSU D O22   1 
HETATM 759 C  C10   . NRL D 2 9  ? 3.534   4.687   9.155   1    28.78 ? 9   NRL D C10   1 
HETATM 760 C  C14   . NRL D 2 9  ? 1.741   2.439   3.672   1    25.02 ? 9   NRL D C14   1 
HETATM 761 C  C17   . NRL D 2 9  ? -0.445  3.243   2.173   1    24.75 ? 9   NRL D C17   1 
HETATM 762 C  C18   . NRL D 2 9  ? -0.221  3.813   3.405   1    24.82 ? 9   NRL D C18   1 
HETATM 763 O  O21   . NRL D 2 9  ? 2.713   2.123   4.327   1    25.04 ? 9   NRL D O21   1 
HETATM 764 C  C     . NRL D 2 9  ? 5.389   5.950   6.471   1    27.04 ? 9   NRL D C     1 
HETATM 765 C  C03   . NRL D 2 9  ? 4.054   6.567   6.831   1    26.88 ? 9   NRL D C03   1 
HETATM 766 C  C05   . NRL D 2 9  ? 2.424   5.213   8.197   1    28.19 ? 9   NRL D C05   1 
HETATM 767 C  CA    . NRL D 2 9  ? 1.769   6.343   9.076   1    29.14 ? 9   NRL D CA    1 
HETATM 768 C  C08   . NRL D 2 9  ? 2.027   5.822   10.506  1    29.42 ? 9   NRL D C08   1 
HETATM 769 C  C11   . NRL D 2 9  ? 2.350   5.128   5.614   1    25.29 ? 9   NRL D C11   1 
HETATM 770 C  C12   . NRL D 2 9  ? 1.128   4.106   5.532   1    25.14 ? 9   NRL D C12   1 
HETATM 771 C  C16   . NRL D 2 9  ? 0.418   2.174   1.725   1    25.24 ? 9   NRL D C16   1 
HETATM 772 N  N04   . NRL D 2 9  ? 2.924   5.624   6.844   1    26.93 ? 9   NRL D N04   1 
HETATM 773 N  N     . NRL D 2 9  ? 0.361   6.501   8.812   1    29.7  ? 9   NRL D N     1 
HETATM 774 N  N13   . NRL D 2 9  ? 0.855   3.449   4.207   1    24.77 ? 9   NRL D N13   1 
HETATM 775 N  N15   . NRL D 2 9  ? 1.467   1.802   2.436   1    25.23 ? 9   NRL D N15   1 
HETATM 776 N  N19   . NRL D 2 9  ? 0.123   1.503   0.494   1    25.64 ? 9   NRL D N19   1 
HETATM 777 O  O     . NRL D 2 9  ? 6.346   6.676   6.402   1    26.09 ? 9   NRL D O     1 
HETATM 778 O  O09   . NRL D 2 9  ? 3.250   5.122   10.460  1    29.53 ? 9   NRL D O09   1 
HETATM 779 O  O22   . NRL D 2 9  ? 2.830   5.516   4.570   1    23.94 ? 9   NRL D O22   1 
HETATM 780 N  N10   . XDV D 2 10 ? 12.777  3.485   4.135   1    41.95 ? 10  XDV D N10   1 
HETATM 781 C  C02   . XDV D 2 10 ? 6.728   3.873   5.788   1    30.68 ? 10  XDV D C02   1 
HETATM 782 C  C03   . XDV D 2 10 ? 7.344   3.227   7.018   1    33.13 ? 10  XDV D C03   1 
HETATM 783 C  C05   . XDV D 2 10 ? 9.434   2.080   7.144   1    36.95 ? 10  XDV D C05   1 
HETATM 784 C  C06   . XDV D 2 10 ? 10.711  2.467   7.891   1    38.48 ? 10  XDV D C06   1 
HETATM 785 C  C08   . XDV D 2 10 ? 11.583  4.082   6.354   1    40.74 ? 10  XDV D C08   1 
HETATM 786 C  C09   . XDV D 2 10 ? 11.559  3.845   4.844   1    41.87 ? 10  XDV D C09   1 
HETATM 787 N  N01   . XDV D 2 10 ? 5.540   4.609   6.170   1    28.53 ? 10  XDV D N01   1 
HETATM 788 O  O04   . XDV D 2 10 ? 8.732   3.258   6.849   1    35.08 ? 10  XDV D O04   1 
HETATM 789 O  O07   . XDV D 2 10 ? 11.702  2.822   6.963   1    39.86 ? 10  XDV D O07   1 
HETATM 790 O  O11   . XDV D 2 10 ? 10.533  3.938   4.253   1    42.51 ? 10  XDV D O11   1 
HETATM 791 ZN ZN    . ZN  E 3 .  ? 11.005  -4.193  -8.046  1    18.21 2 101 ZN  A ZN    1 
HETATM 792 ZN ZN    . ZN  F 3 .  ? 7.608   10.250  -23.945 0.98 21.35 2 102 ZN  A ZN    1 
HETATM 793 ZN ZN    . ZN  G 3 .  ? 8.406   -0.689  -16.382 0.64 47.48 2 103 ZN  A ZN    1 
HETATM 794 ZN ZN    . ZN  H 3 .  ? -4.057  -4.677  9.998   0.71 29.65 2 101 ZN  C ZN    1 
HETATM 795 ZN ZN    . ZN  I 3 .  ? -10.630 -4.798  15.534  0.82 27.43 2 102 ZN  C ZN    1 
HETATM 796 ZN ZN    . ZN  J 3 .  ? 1.911   -3.468  -2.687  0.69 66.32 2 103 ZN  C ZN    1 
HETATM 797 CL CL    . CL  K 4 .  ? -6.863  14.130  -5.717  1    46.3  ? 101 CL  B CL    1 
HETATM 798 CL CL    . CL  L 4 .  ? -10.174 -14.020 16.805  1    37.12 ? 101 CL  D CL    1 
HETATM 799 O  O     . HOH M 5 .  ? 11.762  -10.417 -16.091 1    31.08 ? 201 HOH A O     1 
HETATM 800 O  O     . HOH M 5 .  ? 11.567  -6.233  6.543   1    33.33 ? 202 HOH A O     1 
HETATM 801 O  O     . HOH M 5 .  ? 9.034   1.710   -15.613 1    29.93 ? 203 HOH A O     1 
HETATM 802 O  O     . HOH M 5 .  ? 16.107  -4.930  6.983   1    33.44 ? 204 HOH A O     1 
HETATM 803 O  O     . HOH M 5 .  ? 10.341  -3.565  -5.845  1    18.67 ? 205 HOH A O     1 
HETATM 804 O  O     . HOH M 5 .  ? 13.029  -6.068  -4.684  1    18.59 ? 206 HOH A O     1 
HETATM 805 O  O     . HOH M 5 .  ? 11.634  -5.134  -9.897  1    11.73 ? 207 HOH A O     1 
HETATM 806 O  O     . HOH M 5 .  ? 14.231  -2.084  -19.914 1    22.64 ? 208 HOH A O     1 
HETATM 807 O  O     . HOH M 5 .  ? 11.210  -10.178 -11.786 1    22.05 ? 209 HOH A O     1 
HETATM 808 O  O     . HOH M 5 .  ? 14.711  -9.675  -6.248  1    29.6  ? 210 HOH A O     1 
HETATM 809 O  O     . HOH M 5 .  ? 8.424   -0.220  -12.733 1    30.56 ? 211 HOH A O     1 
HETATM 810 O  O     . HOH M 5 .  ? 10.220  -2.371  -8.861  1    12.5  ? 212 HOH A O     1 
HETATM 811 O  O     . HOH M 5 .  ? 10.236  -0.946  -25.063 1    42.96 ? 213 HOH A O     1 
HETATM 812 O  O     . HOH M 5 .  ? 11.586  -6.104  -7.102  1    16.61 ? 214 HOH A O     1 
HETATM 813 O  O     . HOH M 5 .  ? 14.314  0.891   0.366   1    33.52 ? 215 HOH A O     1 
HETATM 814 O  O     . HOH M 5 .  ? 8.014   4.965   -18.813 1    33.02 ? 216 HOH A O     1 
HETATM 815 O  O     . HOH M 5 .  ? 9.576   10.522  -24.300 1    19.43 ? 217 HOH A O     1 
HETATM 816 O  O     . HOH M 5 .  ? 9.645   -5.862  -11.528 1    15.17 ? 218 HOH A O     1 
HETATM 817 O  O     . HOH M 5 .  ? 10.414  -4.262  3.103   1    36.78 ? 219 HOH A O     1 
HETATM 818 O  O     . HOH M 5 .  ? 17.191  0.929   -2.915  1    35.13 ? 220 HOH A O     1 
HETATM 819 O  O     . HOH M 5 .  ? 18.618  -10.711 -3.710  1    40.53 ? 221 HOH A O     1 
HETATM 820 O  O     . HOH M 5 .  ? 18.099  -1.027  -5.302  1    29.17 ? 222 HOH A O     1 
HETATM 821 O  O     . HOH M 5 .  ? 7.402   6.705   -21.873 1    24.78 ? 223 HOH A O     1 
HETATM 822 O  O     . HOH M 5 .  ? 6.409   -2.439  10.610  1    49.28 ? 224 HOH A O     1 
HETATM 823 O  O     . HOH M 5 .  ? 16.228  -3.822  -16.550 1    19.01 ? 225 HOH A O     1 
HETATM 824 O  O     . HOH M 5 .  ? 13.284  -9.255  -2.457  1    43.33 ? 226 HOH A O     1 
HETATM 825 O  O     . HOH M 5 .  ? 7.103   -3.237  -3.147  1    41.88 ? 227 HOH A O     1 
HETATM 826 O  O     . HOH M 5 .  ? 0.093   0.167   -23.538 1    35.92 ? 228 HOH A O     1 
HETATM 827 O  O     . HOH M 5 .  ? 7.982   9.199   -22.083 1    29.6  ? 229 HOH A O     1 
HETATM 828 O  O     . HOH M 5 .  ? 7.671   -1.457  -18.105 1    38.5  ? 230 HOH A O     1 
HETATM 829 O  O     . HOH M 5 .  ? 6.246   -7.800  -16.396 1    35.83 ? 231 HOH A O     1 
HETATM 830 O  O     . HOH M 5 .  ? 5.636   10.290  -23.198 1    15.62 ? 232 HOH A O     1 
HETATM 831 O  O     . HOH M 5 .  ? 2.075   7.151   -22.095 1    43.93 ? 233 HOH A O     1 
HETATM 832 O  O     . HOH M 5 .  ? 13.339  -4.538  10.756  1    46.52 ? 234 HOH A O     1 
HETATM 833 O  O     . HOH M 5 .  ? 18.781  -2.381  -2.885  1    38.13 ? 235 HOH A O     1 
HETATM 834 O  O     . HOH M 5 .  ? 14.539  1.060   6.101   1    34.61 ? 236 HOH A O     1 
HETATM 835 O  O     . HOH M 5 .  ? 7.147   -3.238  -15.381 1    34.66 ? 237 HOH A O     1 
HETATM 836 O  O     . HOH M 5 .  ? 11.147  9.737   -21.468 1    28.92 ? 238 HOH A O     1 
HETATM 837 O  O     . HOH M 5 .  ? 7.488   -9.134  -13.308 1    39.61 ? 239 HOH A O     1 
HETATM 838 O  O     . HOH M 5 .  ? 9.357   -8.504  -10.525 1    31.19 ? 240 HOH A O     1 
HETATM 839 O  O     . HOH M 5 .  ? 7.981   11.869  -23.048 1    19.38 ? 241 HOH A O     1 
HETATM 840 O  O     . HOH M 5 .  ? 9.112   -5.038  -8.282  1    21.27 ? 242 HOH A O     1 
HETATM 841 O  O     . HOH M 5 .  ? 0.640   -1.933  -26.116 1    31.82 ? 243 HOH A O     1 
HETATM 842 O  O     . HOH M 5 .  ? 7.366   -4.558  -11.116 1    26.33 ? 244 HOH A O     1 
HETATM 843 O  O     . HOH N 5 .  ? -0.715  -1.930  -3.132  1    38.48 ? 201 HOH C O     1 
HETATM 844 O  O     . HOH N 5 .  ? -27.534 -10.414 16.924  1    22.84 ? 202 HOH C O     1 
HETATM 845 O  O     . HOH N 5 .  ? -2.967  -3.920  3.765   1    25.52 ? 203 HOH C O     1 
HETATM 846 O  O     . HOH N 5 .  ? 3.348   -8.386  6.859   1    40.63 ? 204 HOH C O     1 
HETATM 847 O  O     . HOH N 5 .  ? -24.325 -6.030  19.322  1    24.36 ? 205 HOH C O     1 
HETATM 848 O  O     . HOH N 5 .  ? -20.102 -10.689 9.665   1    15.56 ? 206 HOH C O     1 
HETATM 849 O  O     . HOH N 5 .  ? -21.158 -8.410  17.844  1    19.43 ? 207 HOH C O     1 
HETATM 850 O  O     . HOH N 5 .  ? -15.188 -9.725  17.087  1    25.75 ? 208 HOH C O     1 
HETATM 851 O  O     . HOH N 5 .  ? -12.340 -6.416  15.308  1    21.56 ? 209 HOH C O     1 
HETATM 852 O  O     . HOH N 5 .  ? -19.492 -10.197 17.238  1    14.92 ? 210 HOH C O     1 
HETATM 853 O  O     . HOH N 5 .  ? -3.450  -5.000  15.233  1    44.72 ? 211 HOH C O     1 
HETATM 854 O  O     . HOH N 5 .  ? -21.272 -15.030 10.276  1    18.92 ? 212 HOH C O     1 
HETATM 855 O  O     . HOH N 5 .  ? -9.537  -5.337  13.722  1    26.48 ? 213 HOH C O     1 
HETATM 856 O  O     . HOH N 5 .  ? -4.343  -4.079  7.906   1    25.76 ? 214 HOH C O     1 
HETATM 857 O  O     . HOH N 5 .  ? -3.470  -5.584  12.217  1    35.11 ? 215 HOH C O     1 
HETATM 858 O  O     . HOH N 5 .  ? -15.841 0.471   13.236  1    34.65 ? 216 HOH C O     1 
HETATM 859 O  O     . HOH N 5 .  ? 3.406   0.092   8.529   1    39.31 ? 217 HOH C O     1 
HETATM 860 O  O     . HOH N 5 .  ? -6.309  -5.439  10.454  1    29.77 ? 218 HOH C O     1 
HETATM 861 O  O     . HOH N 5 .  ? -8.575  -3.688  16.705  1    34.58 ? 219 HOH C O     1 
HETATM 862 O  O     . HOH N 5 .  ? -6.771  -5.013  16.793  1    27.06 ? 220 HOH C O     1 
HETATM 863 O  O     . HOH N 5 .  ? -22.319 -0.830  16.432  1    39.56 ? 221 HOH C O     1 
HETATM 864 O  O     . HOH N 5 .  ? -27.549 -12.860 16.030  1    31.56 ? 222 HOH C O     1 
HETATM 865 O  O     . HOH N 5 .  ? -17.927 -0.836  11.523  1    39.83 ? 223 HOH C O     1 
HETATM 866 O  O     . HOH N 5 .  ? 0.723   1.060   13.178  1    41.38 ? 224 HOH C O     1 
HETATM 867 O  O     . HOH N 5 .  ? -0.593  -4.600  -3.007  1    35.43 ? 225 HOH C O     1 
HETATM 868 O  O     . HOH N 5 .  ? -19.164 0.965   14.177  1    43.25 ? 226 HOH C O     1 
HETATM 869 O  O     . HOH N 5 .  ? -0.753  0.498   -3.137  1    44.26 ? 227 HOH C O     1 
HETATM 870 O  O     . HOH N 5 .  ? -11.956 -4.776  17.631  1    25.04 ? 228 HOH C O     1 
HETATM 871 O  O     . HOH N 5 .  ? -22.496 -5.390  21.465  1    44.98 ? 229 HOH C O     1 
HETATM 872 O  O     . HOH N 5 .  ? -11.922 -8.957  15.348  1    39.23 ? 230 HOH C O     1 
HETATM 873 O  O     . HOH N 5 .  ? -1.644  -7.555  15.515  1    35.58 ? 231 HOH C O     1 
HETATM 874 O  O     . HOH N 5 .  ? -6.631  -2.817  21.652  1    51.18 ? 232 HOH C O     1 
HETATM 875 O  O     . HOH N 5 .  ? -23.303 -1.559  20.971  1    44.87 ? 233 HOH C O     1 
HETATM 876 O  O     . HOH N 5 .  ? -10.264 -6.886  15.933  1    32.88 ? 234 HOH C O     1 
HETATM 877 O  O     . HOH N 5 .  ? -27.655 -10.766 19.879  1    41.61 ? 235 HOH C O     1 
HETATM 878 O  O     . HOH O 5 .  ? 20.117  2.377   -25.549 1    36.5  ? 201 HOH B O     1 
HETATM 879 O  O     . HOH O 5 .  ? 6.024   0.163   -5.946  1    36.37 ? 202 HOH B O     1 
HETATM 880 O  O     . HOH O 5 .  ? 19.768  4.714   -15.855 1    31.08 ? 203 HOH B O     1 
HETATM 881 O  O     . HOH O 5 .  ? 11.910  7.625   -19.655 1    25.83 ? 204 HOH B O     1 
HETATM 882 O  O     . HOH O 5 .  ? 14.838  6.863   -9.336  1    32.74 ? 205 HOH B O     1 
HETATM 883 O  O     . HOH O 5 .  ? 20.374  -5.314  -21.573 1    52.29 ? 206 HOH B O     1 
HETATM 884 O  O     . HOH O 5 .  ? 7.580   2.383   -7.886  1    28.3  ? 207 HOH B O     1 
HETATM 885 O  O     . HOH O 5 .  ? 10.866  12.189  -0.397  1    18.98 ? 208 HOH B O     1 
HETATM 886 O  O     . HOH O 5 .  ? 17.187  7.052   2.566   1    40.6  ? 209 HOH B O     1 
HETATM 887 O  O     . HOH O 5 .  ? 13.268  11.249  -2.152  1    18.73 ? 210 HOH B O     1 
HETATM 888 O  O     . HOH O 5 .  ? 11.199  4.800   0.918   1    15.58 ? 211 HOH B O     1 
HETATM 889 O  O     . HOH O 5 .  ? 24.137  0.897   -8.516  1    30.61 ? 212 HOH B O     1 
HETATM 890 O  O     . HOH O 5 .  ? 19.291  11.576  -29.316 1    36.61 ? 213 HOH B O     1 
HETATM 891 O  O     . HOH O 5 .  ? 9.710   5.067   -8.908  1    19.92 ? 214 HOH B O     1 
HETATM 892 O  O     . HOH O 5 .  ? 14.845  -1.286  -22.725 1    21.94 ? 215 HOH B O     1 
HETATM 893 O  O     . HOH O 5 .  ? 15.436  3.912   -2.391  1    11.57 ? 216 HOH B O     1 
HETATM 894 O  O     . HOH O 5 .  ? 18.457  -0.280  -12.219 1    13.12 ? 217 HOH B O     1 
HETATM 895 O  O     . HOH O 5 .  ? 17.497  1.686   -6.840  1    11.01 ? 218 HOH B O     1 
HETATM 896 O  O     . HOH O 5 .  ? -2.624  7.624   -5.889  1    31.98 ? 219 HOH B O     1 
HETATM 897 O  O     . HOH O 5 .  ? 10.231  5.911   -16.258 1    37.55 ? 220 HOH B O     1 
HETATM 898 O  O     . HOH O 5 .  ? 10.481  5.537   -12.582 1    27.05 ? 221 HOH B O     1 
HETATM 899 O  O     . HOH O 5 .  ? -2.181  7.155   2.296   1    29.48 ? 222 HOH B O     1 
HETATM 900 O  O     . HOH O 5 .  ? 8.763   3.075   -10.491 1    27.25 ? 223 HOH B O     1 
HETATM 901 O  O     . HOH O 5 .  ? 17.122  -1.041  -17.370 1    9.83  ? 224 HOH B O     1 
HETATM 902 O  O     . HOH O 5 .  ? 12.134  0.582   -27.099 1    35.43 ? 225 HOH B O     1 
HETATM 903 O  O     . HOH O 5 .  ? 1.631   1.262   -3.627  1    33.27 ? 226 HOH B O     1 
HETATM 904 O  O     . HOH O 5 .  ? 3.744   -0.555  -3.826  1    36.27 ? 227 HOH B O     1 
HETATM 905 O  O     . HOH O 5 .  ? 15.091  8.599   -21.701 1    27.07 ? 228 HOH B O     1 
HETATM 906 O  O     . HOH O 5 .  ? 18.005  -6.258  -20.077 1    29.66 ? 229 HOH B O     1 
HETATM 907 O  O     . HOH O 5 .  ? -3.928  3.187   -3.198  1    44.52 ? 230 HOH B O     1 
HETATM 908 O  O     . HOH O 5 .  ? 21.738  6.509   -12.767 1    36.56 ? 231 HOH B O     1 
HETATM 909 O  O     . HOH O 5 .  ? 18.159  4.890   -21.365 1    35.34 ? 232 HOH B O     1 
HETATM 910 O  O     . HOH O 5 .  ? 12.285  6.584   -14.927 1    39.25 ? 233 HOH B O     1 
HETATM 911 O  O     . HOH O 5 .  ? 23.343  5.714   -9.167  1    37.84 ? 234 HOH B O     1 
HETATM 912 O  O     . HOH O 5 .  ? 16.170  -4.450  -19.123 1    25.44 ? 235 HOH B O     1 
HETATM 913 O  O     . HOH O 5 .  ? 0.323   13.319  -0.258  1    24.17 ? 236 HOH B O     1 
HETATM 914 O  O     . HOH O 5 .  ? 17.371  3.263   -0.730  1    40.92 ? 237 HOH B O     1 
HETATM 915 O  O     . HOH O 5 .  ? 22.314  5.854   -6.061  1    29.99 ? 238 HOH B O     1 
HETATM 916 O  O     . HOH O 5 .  ? -2.522  10.710  1.103   1    35.29 ? 239 HOH B O     1 
HETATM 917 O  O     . HOH O 5 .  ? -0.062  11.994  1.888   1    28.05 ? 240 HOH B O     1 
HETATM 918 O  O     . HOH O 5 .  ? 18.986  -4.458  -24.326 1    42.83 ? 241 HOH B O     1 
HETATM 919 O  O     . HOH O 5 .  ? 8.241   4.040   -14.566 1    41.07 ? 242 HOH B O     1 
HETATM 920 O  O     . HOH O 5 .  ? 18.327  -2.273  -28.848 1    43.83 ? 243 HOH B O     1 
HETATM 921 O  O     . HOH P 5 .  ? 1.557   10.049  6.392   1    30.71 ? 201 HOH D O     1 
HETATM 922 O  O     . HOH P 5 .  ? -16.548 -13.075 1.745   1    15.57 ? 202 HOH D O     1 
HETATM 923 O  O     . HOH P 5 .  ? -17.870 -18.793 11.001  1    26.74 ? 203 HOH D O     1 
HETATM 924 O  O     . HOH P 5 .  ? -4.003  0.145   0.942   1    26.53 ? 204 HOH D O     1 
HETATM 925 O  O     . HOH P 5 .  ? -21.737 0.501   10.084  1    20.66 ? 205 HOH D O     1 
HETATM 926 O  O     . HOH P 5 .  ? -10.532 -9.050  11.864  1    23.66 ? 206 HOH D O     1 
HETATM 927 O  O     . HOH P 5 .  ? -13.609 -12.021 16.912  1    22.68 ? 207 HOH D O     1 
HETATM 928 O  O     . HOH P 5 .  ? 3.619   2.234   6.907   1    25.86 ? 208 HOH D O     1 
HETATM 929 O  O     . HOH P 5 .  ? -18.502 -3.865  8.489   1    16.1  ? 209 HOH D O     1 
HETATM 930 O  O     . HOH P 5 .  ? -7.421  -2.964  3.866   1    43.36 ? 210 HOH D O     1 
HETATM 931 O  O     . HOH P 5 .  ? -16.625 7.259   11.025  1    49.99 ? 211 HOH D O     1 
HETATM 932 O  O     . HOH P 5 .  ? -9.715  -8.046  8.606   1    25    ? 212 HOH D O     1 
HETATM 933 O  O     . HOH P 5 .  ? -11.214 3.358   10.385  1    25.75 ? 213 HOH D O     1 
HETATM 934 O  O     . HOH P 5 .  ? -10.308 -5.260  5.941   1    16.89 ? 214 HOH D O     1 
HETATM 935 O  O     . HOH P 5 .  ? -11.856 -11.614 13.888  1    32.18 ? 215 HOH D O     1 
HETATM 936 O  O     . HOH P 5 .  ? 5.333   5.643   3.277   1    13.4  ? 216 HOH D O     1 
HETATM 937 O  O     . HOH P 5 .  ? -0.513  3.647   9.495   1    27.89 ? 217 HOH D O     1 
HETATM 938 O  O     . HOH P 5 .  ? -19.936 -1.648  10.425  1    53.26 ? 218 HOH D O     1 
HETATM 939 O  O     . HOH P 5 .  ? -2.513  2.169   -0.490  1    38.21 ? 219 HOH D O     1 
HETATM 940 O  O     . HOH P 5 .  ? -18.774 -14.477 8.769   1    9.78  ? 220 HOH D O     1 
HETATM 941 O  O     . HOH P 5 .  ? -15.327 0.894   9.701   1    22.37 ? 221 HOH D O     1 
HETATM 942 O  O     . HOH P 5 .  ? -20.100 -8.826  7.843   1    14.31 ? 222 HOH D O     1 
HETATM 943 O  O     . HOH P 5 .  ? -19.745 -20.480 5.361   1    32.51 ? 223 HOH D O     1 
HETATM 944 O  O     . HOH P 5 .  ? -7.618  -5.460  8.148   1    31.4  ? 224 HOH D O     1 
HETATM 945 O  O     . HOH P 5 .  ? 13.533  3.396   1.154   1    35.56 ? 225 HOH D O     1 
HETATM 946 O  O     . HOH P 5 .  ? -5.941  4.316   10.375  1    17.87 ? 226 HOH D O     1 
HETATM 947 O  O     . HOH P 5 .  ? -16.130 -23.069 7.257   1    34.43 ? 227 HOH D O     1 
HETATM 948 O  O     . HOH P 5 .  ? -0.806  11.068  6.172   1    30.85 ? 228 HOH D O     1 
HETATM 949 O  O     . HOH P 5 .  ? -13.985 8.287   8.622   1    38.34 ? 229 HOH D O     1 
HETATM 950 O  O     . HOH P 5 .  ? -8.248  -0.113  2.294   1    40.09 ? 230 HOH D O     1 
HETATM 951 O  O     . HOH P 5 .  ? -11.365 2.168   2.986   1    39.34 ? 231 HOH D O     1 
HETATM 952 O  O     . HOH P 5 .  ? -12.202 -16.087 8.357   1    35.24 ? 232 HOH D O     1 
HETATM 953 O  O     . HOH P 5 .  ? -19.695 -21.285 9.078   1    38.88 ? 233 HOH D O     1 
HETATM 954 O  O     . HOH P 5 .  ? -23.624 1.614   8.414   1    29.85 ? 234 HOH D O     1 
# 
